data_8TDF
#
_entry.id   8TDF
#
_cell.length_a   180.635
_cell.length_b   56.751
_cell.length_c   220.447
_cell.angle_alpha   90.00
_cell.angle_beta   108.87
_cell.angle_gamma   90.00
#
_symmetry.space_group_name_H-M   'I 1 2 1'
#
loop_
_entity.id
_entity.type
_entity.pdbx_description
1 polymer Dehydrogenase
2 non-polymer NICOTINAMIDE-ADENINE-DINUCLEOTIDE
3 water water
#
_entity_poly.entity_id   1
_entity_poly.type   'polypeptide(L)'
_entity_poly.pdbx_seq_one_letter_code
;MKKFGHTAPSDKLNILGVGIGGRGSSVLRGLESQNIIGLCDVDWKYADHVFKRYPAAKKYNDYRKMFDEMLKSADAVMVA
TADHTHAIIAADAMTAGKHVYVEKPLTHTVYESRLLTKLADKYKVATQMGNQGASDEGVRKVCEWIWNGEIGEVRKVETF
TDRPIWPQGLSRPEDDQRIPKTLNWDAFIGPAPYRPYNAIYTPWNFRGWWDFGTGALGDMACHILHPVFKGLKLGYPTKV
QGSSTLLLNESAPMAQTVKFVFPARDNMPKVAMPEVEVYWYDGGLKPARPEGLPAGKDLNMAGGGVIFYGTKDTLICGCY
GVNPYLVSGRVPNAPKVLREIKESHQMDWVRACKEDADDRVPSASDFSEAGPFNEMVVMGVLAVRLQNLNRELLWDGPNM
RFTNIPDDATISAVIKDGFHIKDGHPTFDKTWTDPVNAQQFAQELIKHTYRDGWKLPDMPRHHHHHH
;
_entity_poly.pdbx_strand_id   A,B,C,D
#
# COMPACT_ATOMS: atom_id res chain seq x y z
N SER A 10 29.97 -45.15 -39.92
CA SER A 10 28.48 -45.22 -39.82
C SER A 10 28.01 -46.69 -40.00
N ASP A 11 28.45 -47.58 -39.08
CA ASP A 11 27.74 -48.77 -38.58
C ASP A 11 26.59 -48.48 -37.59
N LYS A 12 25.94 -49.55 -37.10
CA LYS A 12 24.66 -49.42 -36.44
C LYS A 12 24.74 -49.27 -34.93
N LEU A 13 23.96 -48.32 -34.42
CA LEU A 13 23.84 -48.11 -33.00
C LEU A 13 23.16 -49.32 -32.35
N ASN A 14 23.66 -49.68 -31.16
CA ASN A 14 22.99 -50.62 -30.29
C ASN A 14 22.10 -49.84 -29.33
N ILE A 15 20.79 -50.10 -29.45
CA ILE A 15 19.78 -49.29 -28.79
C ILE A 15 19.07 -50.15 -27.76
N LEU A 16 18.85 -49.63 -26.55
CA LEU A 16 17.91 -50.25 -25.67
C LEU A 16 16.64 -49.41 -25.66
N GLY A 17 15.51 -50.06 -25.56
CA GLY A 17 14.30 -49.31 -25.38
C GLY A 17 13.64 -49.52 -24.01
N VAL A 18 13.14 -48.43 -23.43
CA VAL A 18 12.45 -48.48 -22.15
C VAL A 18 11.14 -47.71 -22.32
N GLY A 19 10.03 -48.42 -22.17
CA GLY A 19 8.69 -47.88 -22.36
C GLY A 19 8.31 -47.98 -23.82
N ILE A 20 7.71 -49.08 -24.26
CA ILE A 20 7.70 -49.44 -25.69
C ILE A 20 6.29 -49.69 -26.23
N GLY A 21 5.29 -49.76 -25.34
CA GLY A 21 3.99 -50.30 -25.68
C GLY A 21 3.11 -49.26 -26.35
N GLY A 22 3.36 -47.98 -26.15
CA GLY A 22 2.52 -46.95 -26.80
C GLY A 22 3.33 -46.19 -27.86
N ARG A 23 3.67 -44.93 -27.55
CA ARG A 23 4.48 -44.13 -28.41
C ARG A 23 5.83 -44.79 -28.72
N GLY A 24 6.39 -45.51 -27.74
CA GLY A 24 7.68 -46.13 -27.91
C GLY A 24 7.69 -46.99 -29.16
N SER A 25 6.52 -47.59 -29.46
CA SER A 25 6.33 -48.50 -30.54
C SER A 25 6.72 -47.83 -31.88
N SER A 26 6.19 -46.61 -32.12
CA SER A 26 6.45 -45.84 -33.32
C SER A 26 7.89 -45.33 -33.36
N VAL A 27 8.36 -44.87 -32.21
CA VAL A 27 9.74 -44.40 -32.09
C VAL A 27 10.70 -45.56 -32.44
N LEU A 28 10.49 -46.78 -31.93
CA LEU A 28 11.31 -47.94 -32.27
C LEU A 28 11.22 -48.24 -33.79
N ARG A 29 10.05 -48.10 -34.39
CA ARG A 29 9.92 -48.27 -35.81
C ARG A 29 10.79 -47.28 -36.58
N GLY A 30 10.82 -46.03 -36.11
CA GLY A 30 11.69 -45.02 -36.68
C GLY A 30 13.18 -45.33 -36.50
N LEU A 31 13.59 -46.16 -35.51
CA LEU A 31 15.00 -46.50 -35.25
C LEU A 31 15.43 -47.89 -35.72
N GLU A 32 14.51 -48.62 -36.31
CA GLU A 32 14.60 -50.04 -36.62
C GLU A 32 15.79 -50.46 -37.54
N SER A 33 16.31 -49.55 -38.35
CA SER A 33 17.47 -49.83 -39.21
C SER A 33 18.72 -49.98 -38.30
N GLN A 34 18.61 -49.58 -36.99
CA GLN A 34 19.68 -49.81 -36.04
C GLN A 34 19.45 -51.14 -35.32
N ASN A 35 20.24 -51.39 -34.26
CA ASN A 35 20.20 -52.69 -33.61
C ASN A 35 19.38 -52.55 -32.33
N ILE A 36 18.16 -53.13 -32.28
CA ILE A 36 17.40 -53.03 -31.03
C ILE A 36 17.78 -54.22 -30.17
N ILE A 37 18.66 -54.09 -29.19
CA ILE A 37 19.21 -55.27 -28.53
C ILE A 37 18.51 -55.58 -27.21
N GLY A 38 17.81 -54.61 -26.61
CA GLY A 38 17.12 -54.92 -25.39
C GLY A 38 15.92 -54.03 -25.24
N LEU A 39 14.84 -54.57 -24.70
CA LEU A 39 13.60 -53.83 -24.53
C LEU A 39 13.09 -54.07 -23.11
N CYS A 40 12.62 -53.00 -22.47
CA CYS A 40 12.06 -53.03 -21.15
C CYS A 40 10.70 -52.42 -21.13
N ASP A 41 9.74 -53.16 -20.57
CA ASP A 41 8.42 -52.62 -20.37
C ASP A 41 7.84 -53.25 -19.11
N VAL A 42 7.18 -52.44 -18.28
CA VAL A 42 6.61 -52.97 -17.03
C VAL A 42 5.37 -53.78 -17.36
N ASP A 43 4.80 -53.62 -18.59
CA ASP A 43 3.52 -54.21 -18.87
C ASP A 43 3.64 -55.21 -20.02
N TRP A 44 3.70 -56.49 -19.71
CA TRP A 44 4.02 -57.50 -20.74
C TRP A 44 2.79 -57.93 -21.49
N LYS A 45 1.60 -57.42 -21.13
CA LYS A 45 0.42 -57.67 -21.97
C LYS A 45 0.30 -56.56 -23.00
N TYR A 46 0.29 -55.32 -22.55
CA TYR A 46 0.10 -54.20 -23.46
C TYR A 46 1.24 -54.14 -24.47
N ALA A 47 2.45 -54.51 -24.05
CA ALA A 47 3.62 -54.26 -24.84
C ALA A 47 4.03 -55.48 -25.65
N ASP A 48 3.24 -56.54 -25.58
CA ASP A 48 3.64 -57.84 -26.10
C ASP A 48 3.90 -57.75 -27.62
N HIS A 49 2.98 -57.13 -28.37
CA HIS A 49 3.10 -56.98 -29.80
C HIS A 49 4.44 -56.32 -30.15
N VAL A 50 5.00 -55.48 -29.27
CA VAL A 50 6.21 -54.77 -29.62
C VAL A 50 7.39 -55.68 -29.40
N PHE A 51 7.42 -56.45 -28.31
CA PHE A 51 8.49 -57.41 -28.07
C PHE A 51 8.56 -58.40 -29.21
N LYS A 52 7.40 -58.72 -29.81
CA LYS A 52 7.46 -59.72 -30.86
C LYS A 52 7.77 -59.17 -32.24
N ARG A 53 7.83 -57.86 -32.38
CA ARG A 53 8.37 -57.27 -33.61
C ARG A 53 9.90 -57.30 -33.58
N TYR A 54 10.50 -57.42 -32.36
CA TYR A 54 11.94 -57.51 -32.21
C TYR A 54 12.33 -58.74 -31.41
N PRO A 55 12.09 -59.96 -31.94
CA PRO A 55 12.25 -61.19 -31.16
C PRO A 55 13.65 -61.48 -30.64
N ALA A 56 14.67 -60.83 -31.19
CA ALA A 56 16.06 -61.06 -30.76
C ALA A 56 16.45 -60.13 -29.61
N ALA A 57 15.67 -59.07 -29.29
CA ALA A 57 16.03 -58.25 -28.14
C ALA A 57 15.71 -58.97 -26.85
N LYS A 58 16.58 -58.87 -25.81
CA LYS A 58 16.20 -59.41 -24.51
C LYS A 58 15.07 -58.57 -23.89
N LYS A 59 14.16 -59.26 -23.22
CA LYS A 59 12.97 -58.69 -22.57
C LYS A 59 13.22 -58.47 -21.12
N TYR A 60 12.88 -57.28 -20.63
CA TYR A 60 12.94 -57.00 -19.22
C TYR A 60 11.68 -56.26 -18.80
N ASN A 61 11.41 -56.27 -17.48
CA ASN A 61 10.27 -55.54 -16.96
C ASN A 61 10.73 -54.58 -15.88
N ASP A 62 12.03 -54.33 -15.75
CA ASP A 62 12.58 -53.34 -14.83
C ASP A 62 13.82 -52.76 -15.49
N TYR A 63 13.83 -51.45 -15.71
CA TYR A 63 14.92 -50.84 -16.44
C TYR A 63 16.26 -51.05 -15.73
N ARG A 64 16.27 -51.03 -14.39
CA ARG A 64 17.52 -51.11 -13.65
C ARG A 64 18.17 -52.47 -13.89
N LYS A 65 17.37 -53.53 -13.92
CA LYS A 65 17.82 -54.88 -14.23
C LYS A 65 18.42 -54.85 -15.64
N MET A 66 17.69 -54.24 -16.60
CA MET A 66 18.15 -54.26 -17.98
C MET A 66 19.44 -53.46 -18.06
N PHE A 67 19.53 -52.31 -17.38
CA PHE A 67 20.76 -51.53 -17.46
C PHE A 67 21.97 -52.28 -16.84
N ASP A 68 21.79 -53.01 -15.73
CA ASP A 68 22.92 -53.70 -15.12
C ASP A 68 23.43 -54.81 -16.04
N GLU A 69 22.53 -55.40 -16.84
CA GLU A 69 22.95 -56.46 -17.73
C GLU A 69 23.44 -55.88 -19.05
N MET A 70 22.86 -54.76 -19.54
CA MET A 70 23.05 -54.47 -20.94
C MET A 70 23.60 -53.09 -21.29
N LEU A 71 23.80 -52.21 -20.30
CA LEU A 71 24.33 -50.89 -20.62
C LEU A 71 25.76 -50.98 -21.14
N LYS A 72 26.48 -52.04 -20.81
CA LYS A 72 27.79 -52.25 -21.46
C LYS A 72 27.66 -52.36 -22.98
N SER A 73 26.76 -53.25 -23.43
CA SER A 73 26.54 -53.58 -24.82
C SER A 73 25.95 -52.44 -25.63
N ALA A 74 25.39 -51.40 -25.01
CA ALA A 74 24.54 -50.43 -25.68
C ALA A 74 25.32 -49.15 -25.96
N ASP A 75 24.86 -48.36 -26.95
CA ASP A 75 25.35 -47.00 -27.19
C ASP A 75 24.33 -45.92 -26.82
N ALA A 76 23.04 -46.30 -26.89
CA ALA A 76 21.94 -45.36 -26.84
C ALA A 76 20.72 -45.97 -26.18
N VAL A 77 19.82 -45.12 -25.63
CA VAL A 77 18.62 -45.59 -24.99
C VAL A 77 17.46 -44.70 -25.44
N MET A 78 16.37 -45.35 -25.79
CA MET A 78 15.12 -44.69 -26.10
C MET A 78 14.19 -44.78 -24.89
N VAL A 79 13.73 -43.63 -24.38
CA VAL A 79 12.86 -43.60 -23.22
C VAL A 79 11.48 -43.05 -23.62
N ALA A 80 10.42 -43.87 -23.56
CA ALA A 80 9.05 -43.44 -23.76
C ALA A 80 8.10 -44.01 -22.66
N THR A 81 8.51 -43.87 -21.41
CA THR A 81 7.72 -44.25 -20.23
C THR A 81 6.76 -43.13 -19.86
N ALA A 82 5.96 -43.37 -18.82
CA ALA A 82 5.26 -42.29 -18.18
C ALA A 82 6.22 -41.16 -17.74
N ASP A 83 5.72 -39.93 -17.65
CA ASP A 83 6.55 -38.75 -17.52
C ASP A 83 7.47 -38.77 -16.29
N HIS A 84 6.95 -39.25 -15.16
CA HIS A 84 7.66 -39.18 -13.88
C HIS A 84 8.91 -40.03 -13.88
N THR A 85 8.99 -41.07 -14.71
CA THR A 85 10.22 -41.87 -14.79
C THR A 85 11.22 -41.49 -15.88
N HIS A 86 10.89 -40.56 -16.76
CA HIS A 86 11.85 -40.24 -17.83
C HIS A 86 13.20 -39.83 -17.32
N ALA A 87 13.24 -38.99 -16.28
CA ALA A 87 14.51 -38.41 -15.86
C ALA A 87 15.42 -39.44 -15.23
N ILE A 88 14.90 -40.34 -14.40
CA ILE A 88 15.83 -41.22 -13.69
C ILE A 88 16.43 -42.17 -14.69
N ILE A 89 15.60 -42.60 -15.66
CA ILE A 89 16.09 -43.49 -16.69
C ILE A 89 17.13 -42.79 -17.60
N ALA A 90 16.72 -41.67 -18.19
CA ALA A 90 17.67 -40.92 -19.01
C ALA A 90 18.97 -40.64 -18.25
N ALA A 91 18.89 -40.22 -17.00
CA ALA A 91 20.08 -39.79 -16.30
C ALA A 91 21.04 -40.97 -16.09
N ASP A 92 20.50 -42.16 -15.82
CA ASP A 92 21.36 -43.33 -15.55
C ASP A 92 22.04 -43.74 -16.84
N ALA A 93 21.33 -43.56 -17.96
CA ALA A 93 21.89 -43.87 -19.25
C ALA A 93 23.01 -42.89 -19.57
N MET A 94 22.74 -41.59 -19.37
CA MET A 94 23.72 -40.58 -19.79
C MET A 94 24.98 -40.68 -18.93
N THR A 95 24.82 -40.87 -17.60
CA THR A 95 25.99 -40.92 -16.73
C THR A 95 26.88 -42.12 -17.12
N ALA A 96 26.33 -43.17 -17.74
CA ALA A 96 27.08 -44.27 -18.29
C ALA A 96 27.64 -43.99 -19.70
N GLY A 97 27.53 -42.75 -20.21
CA GLY A 97 28.09 -42.41 -21.52
C GLY A 97 27.17 -42.82 -22.69
N LYS A 98 25.85 -42.84 -22.50
CA LYS A 98 24.94 -43.26 -23.55
C LYS A 98 24.13 -42.09 -24.06
N HIS A 99 23.88 -42.13 -25.36
CA HIS A 99 22.97 -41.19 -26.00
C HIS A 99 21.55 -41.50 -25.61
N VAL A 100 20.66 -40.51 -25.59
CA VAL A 100 19.29 -40.71 -25.15
C VAL A 100 18.34 -39.95 -26.04
N TYR A 101 17.28 -40.66 -26.43
CA TYR A 101 16.10 -40.10 -26.98
C TYR A 101 15.03 -40.27 -25.90
N VAL A 102 14.42 -39.14 -25.48
CA VAL A 102 13.48 -39.13 -24.38
C VAL A 102 12.23 -38.43 -24.87
N GLU A 103 11.10 -39.09 -24.84
CA GLU A 103 9.85 -38.47 -25.21
C GLU A 103 9.52 -37.18 -24.43
N LYS A 104 8.78 -36.36 -25.12
CA LYS A 104 8.19 -35.12 -24.57
C LYS A 104 7.09 -35.54 -23.59
N PRO A 105 6.87 -34.81 -22.47
CA PRO A 105 7.72 -33.74 -22.01
C PRO A 105 8.95 -34.40 -21.42
N LEU A 106 10.08 -33.70 -21.50
CA LEU A 106 11.36 -34.32 -21.25
C LEU A 106 11.37 -34.94 -19.86
N THR A 107 10.96 -34.17 -18.87
CA THR A 107 10.91 -34.59 -17.49
C THR A 107 9.63 -34.04 -16.86
N HIS A 108 9.32 -34.63 -15.73
CA HIS A 108 8.23 -34.32 -14.88
C HIS A 108 8.44 -32.96 -14.15
N THR A 109 9.64 -32.66 -13.75
CA THR A 109 9.95 -31.50 -12.95
C THR A 109 10.99 -30.57 -13.54
N VAL A 110 10.95 -29.34 -13.08
CA VAL A 110 11.98 -28.35 -13.35
C VAL A 110 13.35 -28.91 -13.06
N TYR A 111 13.59 -29.31 -11.80
CA TYR A 111 14.88 -29.75 -11.38
C TYR A 111 15.38 -30.83 -12.32
N GLU A 112 14.58 -31.86 -12.61
CA GLU A 112 14.99 -32.92 -13.48
C GLU A 112 15.37 -32.39 -14.87
N SER A 113 14.68 -31.39 -15.42
CA SER A 113 15.08 -30.86 -16.71
C SER A 113 16.44 -30.20 -16.60
N ARG A 114 16.66 -29.42 -15.52
CA ARG A 114 17.92 -28.77 -15.41
C ARG A 114 19.01 -29.84 -15.31
N LEU A 115 18.75 -30.92 -14.61
CA LEU A 115 19.73 -31.97 -14.45
C LEU A 115 20.03 -32.66 -15.80
N LEU A 116 19.02 -33.02 -16.59
CA LEU A 116 19.26 -33.66 -17.90
C LEU A 116 20.05 -32.74 -18.84
N THR A 117 19.80 -31.44 -18.75
CA THR A 117 20.54 -30.46 -19.51
C THR A 117 22.02 -30.49 -19.19
N LYS A 118 22.36 -30.46 -17.89
CA LYS A 118 23.75 -30.39 -17.50
C LYS A 118 24.48 -31.71 -17.68
N LEU A 119 23.78 -32.85 -17.53
CA LEU A 119 24.33 -34.17 -17.80
C LEU A 119 24.68 -34.33 -19.27
N ALA A 120 23.82 -33.84 -20.18
CA ALA A 120 24.06 -33.93 -21.63
C ALA A 120 25.34 -33.22 -22.04
N ASP A 121 25.52 -32.01 -21.47
CA ASP A 121 26.75 -31.26 -21.66
C ASP A 121 27.94 -32.00 -21.05
N LYS A 122 27.80 -32.43 -19.80
CA LYS A 122 28.93 -32.96 -19.10
C LYS A 122 29.44 -34.25 -19.79
N TYR A 123 28.56 -35.19 -20.09
CA TYR A 123 28.94 -36.45 -20.69
C TYR A 123 29.10 -36.35 -22.21
N LYS A 124 28.75 -35.22 -22.81
CA LYS A 124 28.98 -34.98 -24.21
C LYS A 124 28.32 -36.04 -25.10
N VAL A 125 27.14 -36.45 -24.71
CA VAL A 125 26.35 -37.39 -25.48
C VAL A 125 25.33 -36.60 -26.32
N ALA A 126 24.81 -37.27 -27.35
CA ALA A 126 23.78 -36.76 -28.21
C ALA A 126 22.44 -37.02 -27.55
N THR A 127 21.56 -36.05 -27.64
CA THR A 127 20.27 -36.11 -26.98
C THR A 127 19.21 -35.63 -27.94
N GLN A 128 17.99 -36.09 -27.74
CA GLN A 128 16.88 -35.68 -28.51
C GLN A 128 15.61 -35.81 -27.68
N MET A 129 14.91 -34.73 -27.43
CA MET A 129 13.59 -34.83 -26.87
C MET A 129 12.67 -35.16 -28.04
N GLY A 130 11.59 -35.89 -27.80
CA GLY A 130 10.75 -36.49 -28.82
C GLY A 130 9.68 -35.53 -29.34
N ASN A 131 9.88 -34.20 -29.35
CA ASN A 131 8.94 -33.30 -30.00
C ASN A 131 9.28 -33.19 -31.49
N GLN A 132 8.76 -34.10 -32.28
CA GLN A 132 9.18 -34.38 -33.66
C GLN A 132 8.95 -33.14 -34.56
N GLY A 133 8.04 -32.24 -34.19
CA GLY A 133 7.80 -30.99 -34.90
C GLY A 133 9.05 -30.12 -35.03
N ALA A 134 10.00 -30.29 -34.07
CA ALA A 134 11.21 -29.51 -34.09
C ALA A 134 12.08 -29.83 -35.34
N SER A 135 11.82 -30.98 -36.00
CA SER A 135 12.56 -31.41 -37.17
C SER A 135 11.78 -31.09 -38.46
N ASP A 136 10.56 -30.48 -38.39
CA ASP A 136 9.84 -30.20 -39.64
C ASP A 136 10.08 -28.76 -40.13
N GLU A 137 9.47 -28.47 -41.27
CA GLU A 137 9.70 -27.22 -42.01
C GLU A 137 8.98 -26.03 -41.41
N GLY A 138 7.74 -26.25 -40.85
CA GLY A 138 7.01 -25.12 -40.31
C GLY A 138 7.85 -24.25 -39.35
N VAL A 139 8.51 -24.86 -38.39
CA VAL A 139 9.19 -24.06 -37.42
C VAL A 139 10.32 -23.34 -38.11
N ARG A 140 10.96 -23.95 -39.13
CA ARG A 140 12.03 -23.21 -39.78
C ARG A 140 11.49 -21.94 -40.39
N LYS A 141 10.34 -22.01 -40.99
CA LYS A 141 9.75 -20.79 -41.55
C LYS A 141 9.37 -19.79 -40.44
N VAL A 142 8.82 -20.30 -39.33
CA VAL A 142 8.43 -19.37 -38.27
C VAL A 142 9.66 -18.58 -37.86
N CYS A 143 10.76 -19.31 -37.64
CA CYS A 143 11.96 -18.72 -37.08
C CYS A 143 12.56 -17.76 -38.09
N GLU A 144 12.69 -18.23 -39.34
CA GLU A 144 13.24 -17.39 -40.37
C GLU A 144 12.44 -16.12 -40.62
N TRP A 145 11.11 -16.20 -40.54
CA TRP A 145 10.38 -14.96 -40.73
C TRP A 145 10.61 -13.99 -39.60
N ILE A 146 10.53 -14.50 -38.35
CA ILE A 146 10.72 -13.63 -37.21
C ILE A 146 12.09 -12.98 -37.23
N TRP A 147 13.14 -13.80 -37.44
CA TRP A 147 14.51 -13.35 -37.38
C TRP A 147 14.85 -12.34 -38.47
N ASN A 148 14.13 -12.41 -39.60
CA ASN A 148 14.34 -11.45 -40.64
C ASN A 148 13.45 -10.20 -40.50
N GLY A 149 12.74 -10.04 -39.40
CA GLY A 149 12.00 -8.82 -39.18
C GLY A 149 10.63 -8.76 -39.84
N GLU A 150 10.10 -9.92 -40.26
CA GLU A 150 8.93 -9.92 -41.11
C GLU A 150 7.72 -9.44 -40.34
N ILE A 151 7.68 -9.69 -39.03
CA ILE A 151 6.53 -9.27 -38.25
C ILE A 151 6.84 -8.20 -37.20
N GLY A 152 8.01 -7.62 -37.24
CA GLY A 152 8.48 -6.71 -36.23
C GLY A 152 8.80 -7.43 -34.91
N GLU A 153 8.81 -6.70 -33.82
CA GLU A 153 9.06 -7.21 -32.47
C GLU A 153 7.78 -7.76 -31.88
N VAL A 154 7.96 -8.81 -31.06
CA VAL A 154 6.86 -9.55 -30.46
C VAL A 154 6.86 -9.40 -28.94
N ARG A 155 5.84 -8.73 -28.42
CA ARG A 155 5.53 -8.52 -27.05
C ARG A 155 4.45 -9.41 -26.51
N LYS A 156 3.76 -10.15 -27.36
CA LYS A 156 2.66 -10.93 -26.87
C LYS A 156 2.55 -12.11 -27.82
N VAL A 157 2.30 -13.26 -27.22
CA VAL A 157 2.00 -14.51 -27.87
C VAL A 157 0.86 -15.14 -27.13
N GLU A 158 -0.05 -15.72 -27.88
CA GLU A 158 -1.08 -16.58 -27.36
C GLU A 158 -1.02 -17.93 -28.01
N THR A 159 -1.29 -18.93 -27.21
CA THR A 159 -1.19 -20.31 -27.60
C THR A 159 -2.24 -21.13 -26.95
N PHE A 160 -2.60 -22.23 -27.61
CA PHE A 160 -3.57 -23.09 -27.00
C PHE A 160 -3.61 -24.43 -27.66
N THR A 161 -4.26 -25.36 -27.00
CA THR A 161 -4.61 -26.67 -27.49
C THR A 161 -6.03 -26.92 -27.09
N ASP A 162 -6.65 -27.84 -27.81
CA ASP A 162 -7.96 -28.39 -27.49
C ASP A 162 -7.80 -29.54 -26.51
N ARG A 163 -6.60 -30.02 -26.23
CA ARG A 163 -6.48 -31.04 -25.23
C ARG A 163 -6.76 -30.39 -23.85
N PRO A 164 -7.16 -31.11 -22.77
CA PRO A 164 -7.39 -32.55 -22.79
C PRO A 164 -8.63 -32.99 -23.51
N ILE A 165 -8.52 -34.10 -24.22
CA ILE A 165 -9.70 -34.67 -24.89
C ILE A 165 -10.06 -35.97 -24.20
N TRP A 166 -9.37 -36.31 -23.12
CA TRP A 166 -9.74 -37.36 -22.19
C TRP A 166 -10.24 -36.73 -20.86
N PRO A 167 -11.03 -37.40 -20.03
CA PRO A 167 -11.42 -36.88 -18.71
C PRO A 167 -10.29 -36.71 -17.69
N GLN A 168 -10.23 -35.53 -17.09
CA GLN A 168 -9.35 -35.19 -16.01
C GLN A 168 -10.20 -34.79 -14.80
N GLY A 169 -9.60 -34.21 -13.75
CA GLY A 169 -10.42 -33.91 -12.57
C GLY A 169 -10.91 -35.17 -11.88
N LEU A 170 -10.08 -36.23 -11.84
CA LEU A 170 -10.52 -37.54 -11.33
C LEU A 170 -10.19 -37.64 -9.86
N SER A 171 -10.92 -38.50 -9.18
CA SER A 171 -10.60 -38.77 -7.80
C SER A 171 -9.96 -40.12 -7.73
N ARG A 172 -9.14 -40.28 -6.71
CA ARG A 172 -8.44 -41.55 -6.50
C ARG A 172 -9.49 -42.63 -6.37
N PRO A 173 -9.42 -43.74 -7.10
CA PRO A 173 -10.42 -44.78 -6.94
C PRO A 173 -10.23 -45.48 -5.59
N GLU A 174 -11.32 -46.00 -5.12
CA GLU A 174 -11.52 -46.45 -3.77
C GLU A 174 -11.62 -47.96 -3.76
N ASP A 175 -12.11 -48.58 -4.83
CA ASP A 175 -12.10 -50.05 -4.96
C ASP A 175 -10.66 -50.57 -4.94
N ASP A 176 -10.52 -51.82 -4.52
CA ASP A 176 -9.31 -52.60 -4.54
C ASP A 176 -9.26 -53.29 -5.89
N GLN A 177 -8.14 -53.18 -6.58
CA GLN A 177 -7.96 -53.90 -7.85
C GLN A 177 -6.69 -54.74 -7.71
N ARG A 178 -6.78 -56.01 -8.08
CA ARG A 178 -5.58 -56.85 -8.07
C ARG A 178 -4.62 -56.47 -9.18
N ILE A 179 -3.33 -56.58 -8.89
CA ILE A 179 -2.27 -56.28 -9.84
C ILE A 179 -2.17 -57.39 -10.87
N PRO A 180 -2.38 -57.18 -12.19
CA PRO A 180 -2.18 -58.24 -13.18
C PRO A 180 -0.76 -58.79 -13.05
N LYS A 181 -0.60 -60.08 -13.28
CA LYS A 181 0.70 -60.74 -13.11
C LYS A 181 1.62 -60.37 -14.27
N THR A 182 1.12 -59.73 -15.33
CA THR A 182 1.96 -59.19 -16.38
C THR A 182 2.47 -57.77 -16.08
N LEU A 183 2.10 -57.19 -14.94
CA LEU A 183 2.40 -55.80 -14.66
C LEU A 183 3.33 -55.67 -13.46
N ASN A 184 4.45 -54.97 -13.69
CA ASN A 184 5.35 -54.66 -12.62
C ASN A 184 4.99 -53.30 -12.01
N TRP A 185 4.01 -53.29 -11.13
CA TRP A 185 3.43 -52.05 -10.65
C TRP A 185 4.49 -51.27 -9.92
N ASP A 186 5.40 -51.92 -9.22
CA ASP A 186 6.35 -51.21 -8.41
C ASP A 186 7.30 -50.41 -9.29
N ALA A 187 7.71 -50.96 -10.43
CA ALA A 187 8.61 -50.26 -11.34
C ALA A 187 7.84 -49.17 -12.10
N PHE A 188 6.53 -49.32 -12.29
CA PHE A 188 5.73 -48.23 -12.84
C PHE A 188 5.79 -46.99 -11.90
N ILE A 189 5.58 -47.26 -10.59
CA ILE A 189 5.62 -46.20 -9.59
C ILE A 189 7.00 -45.54 -9.65
N GLY A 190 8.04 -46.36 -9.63
CA GLY A 190 9.38 -45.81 -9.75
C GLY A 190 9.66 -44.85 -8.62
N PRO A 191 10.17 -43.64 -8.87
CA PRO A 191 10.47 -42.74 -7.76
C PRO A 191 9.25 -42.03 -7.17
N ALA A 192 8.06 -42.21 -7.75
CA ALA A 192 6.90 -41.53 -7.20
C ALA A 192 6.48 -42.21 -5.91
N PRO A 193 5.64 -41.55 -5.10
CA PRO A 193 5.03 -42.18 -3.93
C PRO A 193 4.22 -43.38 -4.39
N TYR A 194 4.34 -44.43 -3.63
CA TYR A 194 3.54 -45.63 -3.77
C TYR A 194 2.06 -45.26 -3.60
N ARG A 195 1.23 -45.94 -4.42
CA ARG A 195 -0.19 -45.95 -4.23
C ARG A 195 -0.68 -47.27 -4.72
N PRO A 196 -1.86 -47.73 -4.26
CA PRO A 196 -2.47 -48.93 -4.80
C PRO A 196 -2.72 -48.88 -6.32
N TYR A 197 -2.55 -50.05 -6.93
CA TYR A 197 -2.75 -50.25 -8.33
C TYR A 197 -4.19 -49.99 -8.69
N ASN A 198 -4.34 -49.44 -9.91
CA ASN A 198 -5.62 -49.38 -10.57
C ASN A 198 -5.40 -49.11 -12.06
N ALA A 199 -6.25 -49.64 -12.91
CA ALA A 199 -6.07 -49.50 -14.36
C ALA A 199 -6.23 -48.03 -14.79
N ILE A 200 -6.82 -47.18 -13.94
CA ILE A 200 -7.03 -45.78 -14.25
C ILE A 200 -5.71 -45.09 -14.44
N TYR A 201 -4.62 -45.68 -13.94
CA TYR A 201 -3.34 -44.98 -13.97
C TYR A 201 -2.48 -45.36 -15.19
N THR A 202 -2.60 -46.56 -15.73
CA THR A 202 -1.71 -47.07 -16.74
C THR A 202 -2.35 -48.33 -17.31
N PRO A 203 -2.18 -48.61 -18.62
CA PRO A 203 -1.47 -47.70 -19.54
C PRO A 203 -2.20 -46.43 -19.96
N TRP A 204 -1.44 -45.47 -20.52
CA TRP A 204 -1.93 -44.30 -21.27
C TRP A 204 -2.48 -43.20 -20.37
N ASN A 205 -3.29 -43.62 -19.35
CA ASN A 205 -4.12 -42.67 -18.66
C ASN A 205 -3.39 -42.01 -17.49
N PHE A 206 -2.08 -42.18 -17.39
CA PHE A 206 -1.31 -41.51 -16.39
C PHE A 206 -1.33 -40.00 -16.56
N ARG A 207 -1.67 -39.52 -17.75
CA ARG A 207 -1.48 -38.14 -18.15
C ARG A 207 -2.19 -37.23 -17.13
N GLY A 208 -3.36 -37.60 -16.62
CA GLY A 208 -4.02 -36.60 -15.85
C GLY A 208 -3.71 -36.66 -14.34
N TRP A 209 -2.80 -37.49 -13.91
CA TRP A 209 -2.46 -37.65 -12.48
C TRP A 209 -1.16 -36.92 -12.18
N TRP A 210 -1.21 -35.99 -11.23
CA TRP A 210 -0.09 -35.11 -11.00
C TRP A 210 1.18 -35.92 -10.71
N ASP A 211 1.09 -37.09 -10.07
CA ASP A 211 2.30 -37.82 -9.66
C ASP A 211 2.98 -38.47 -10.87
N PHE A 212 2.27 -38.67 -11.96
CA PHE A 212 2.75 -39.44 -13.09
C PHE A 212 2.82 -38.63 -14.36
N GLY A 213 1.86 -37.75 -14.60
CA GLY A 213 1.86 -36.97 -15.82
C GLY A 213 1.85 -35.48 -15.53
N THR A 214 1.50 -34.72 -16.55
CA THR A 214 1.53 -33.28 -16.50
C THR A 214 0.28 -32.71 -17.22
N GLY A 215 -0.75 -33.55 -17.43
CA GLY A 215 -1.97 -33.04 -18.01
C GLY A 215 -1.81 -32.60 -19.47
N ALA A 216 -2.64 -31.65 -19.90
CA ALA A 216 -2.55 -31.15 -21.28
C ALA A 216 -1.22 -30.45 -21.56
N LEU A 217 -0.60 -29.85 -20.53
CA LEU A 217 0.67 -29.21 -20.70
C LEU A 217 1.72 -30.25 -21.15
N GLY A 218 1.81 -31.40 -20.53
CA GLY A 218 2.75 -32.38 -21.00
C GLY A 218 2.26 -33.08 -22.25
N ASP A 219 0.95 -33.24 -22.42
CA ASP A 219 0.56 -33.93 -23.62
C ASP A 219 0.82 -33.09 -24.85
N MET A 220 0.77 -31.76 -24.77
CA MET A 220 0.74 -31.02 -26.02
C MET A 220 1.68 -29.85 -25.98
N ALA A 221 2.03 -29.32 -24.81
CA ALA A 221 2.65 -28.02 -24.88
C ALA A 221 3.98 -28.03 -25.63
N CYS A 222 4.78 -29.11 -25.49
CA CYS A 222 6.10 -29.15 -26.14
C CYS A 222 5.90 -29.06 -27.67
N HIS A 223 4.79 -29.57 -28.18
CA HIS A 223 4.46 -29.49 -29.59
C HIS A 223 4.08 -28.07 -29.97
N ILE A 224 3.23 -27.47 -29.14
CA ILE A 224 2.65 -26.19 -29.51
C ILE A 224 3.62 -25.03 -29.30
N LEU A 225 4.32 -25.02 -28.19
CA LEU A 225 5.13 -23.85 -27.87
C LEU A 225 6.55 -23.87 -28.44
N HIS A 226 6.92 -24.95 -29.09
CA HIS A 226 8.32 -25.03 -29.58
C HIS A 226 8.75 -23.82 -30.44
N PRO A 227 7.92 -23.42 -31.42
CA PRO A 227 8.30 -22.29 -32.29
C PRO A 227 8.41 -20.98 -31.55
N VAL A 228 7.60 -20.83 -30.48
CA VAL A 228 7.72 -19.68 -29.61
C VAL A 228 9.04 -19.68 -28.87
N PHE A 229 9.36 -20.78 -28.24
CA PHE A 229 10.58 -20.87 -27.44
C PHE A 229 11.80 -20.71 -28.33
N LYS A 230 11.84 -21.36 -29.49
CA LYS A 230 13.04 -21.20 -30.34
C LYS A 230 13.02 -19.91 -31.17
N GLY A 231 11.84 -19.46 -31.66
CA GLY A 231 11.82 -18.26 -32.43
C GLY A 231 12.12 -16.99 -31.67
N LEU A 232 11.71 -16.95 -30.41
CA LEU A 232 11.92 -15.74 -29.62
C LEU A 232 13.12 -15.92 -28.72
N LYS A 233 13.83 -17.01 -28.92
CA LYS A 233 15.07 -17.35 -28.15
C LYS A 233 14.83 -17.19 -26.64
N LEU A 234 13.84 -17.84 -26.14
CA LEU A 234 13.46 -17.72 -24.74
C LEU A 234 14.43 -18.51 -23.87
N GLY A 235 14.56 -18.07 -22.64
CA GLY A 235 15.31 -18.82 -21.60
C GLY A 235 14.37 -19.09 -20.40
N TYR A 236 14.77 -18.61 -19.23
CA TYR A 236 13.94 -18.75 -18.00
C TYR A 236 12.90 -17.62 -17.99
N PRO A 237 11.64 -17.88 -17.71
CA PRO A 237 10.69 -16.77 -17.45
C PRO A 237 11.05 -16.01 -16.19
N THR A 238 10.53 -14.79 -16.06
CA THR A 238 10.64 -14.03 -14.86
C THR A 238 9.40 -14.12 -13.99
N LYS A 239 8.25 -14.34 -14.58
CA LYS A 239 6.99 -14.35 -13.84
C LYS A 239 6.05 -15.38 -14.42
N VAL A 240 5.13 -15.89 -13.61
CA VAL A 240 4.16 -16.84 -14.11
C VAL A 240 2.92 -16.78 -13.24
N GLN A 241 1.75 -17.01 -13.80
CA GLN A 241 0.54 -17.17 -13.02
C GLN A 241 -0.44 -18.01 -13.81
N GLY A 242 -1.33 -18.70 -13.10
CA GLY A 242 -2.31 -19.53 -13.74
C GLY A 242 -3.65 -19.54 -13.03
N SER A 243 -4.68 -19.99 -13.74
CA SER A 243 -5.96 -20.34 -13.16
C SER A 243 -6.50 -21.56 -13.90
N SER A 244 -7.50 -22.18 -13.34
CA SER A 244 -8.06 -23.40 -13.88
C SER A 244 -9.48 -23.59 -13.40
N THR A 245 -10.14 -24.58 -13.99
CA THR A 245 -11.31 -25.16 -13.37
C THR A 245 -10.88 -25.87 -12.06
N LEU A 246 -11.85 -26.48 -11.37
CA LEU A 246 -11.63 -27.15 -10.10
C LEU A 246 -10.26 -27.84 -10.06
N LEU A 247 -9.37 -27.34 -9.19
CA LEU A 247 -8.08 -27.90 -8.92
C LEU A 247 -8.12 -28.90 -7.80
N LEU A 248 -7.95 -30.13 -8.16
CA LEU A 248 -7.91 -31.22 -7.23
C LEU A 248 -6.49 -31.55 -6.80
N ASN A 249 -6.42 -32.31 -5.71
CA ASN A 249 -5.12 -32.65 -5.17
C ASN A 249 -4.42 -33.72 -5.97
N GLU A 250 -5.11 -34.64 -6.66
CA GLU A 250 -4.29 -35.68 -7.32
C GLU A 250 -4.36 -35.66 -8.85
N SER A 251 -5.30 -34.94 -9.42
CA SER A 251 -5.63 -34.98 -10.84
C SER A 251 -5.68 -33.60 -11.43
N ALA A 252 -5.27 -33.45 -12.71
CA ALA A 252 -5.19 -32.17 -13.36
C ALA A 252 -6.59 -31.69 -13.76
N PRO A 253 -6.82 -30.40 -13.93
CA PRO A 253 -8.15 -29.86 -14.19
C PRO A 253 -8.61 -29.98 -15.68
N MET A 254 -9.87 -29.71 -15.91
CA MET A 254 -10.50 -29.81 -17.20
C MET A 254 -9.90 -28.76 -18.13
N ALA A 255 -9.62 -27.56 -17.56
CA ALA A 255 -9.08 -26.51 -18.42
C ALA A 255 -8.28 -25.52 -17.60
N GLN A 256 -7.34 -24.85 -18.25
CA GLN A 256 -6.41 -23.99 -17.59
C GLN A 256 -5.94 -22.87 -18.47
N THR A 257 -5.50 -21.79 -17.84
CA THR A 257 -4.82 -20.67 -18.48
C THR A 257 -3.56 -20.31 -17.72
N VAL A 258 -2.54 -19.98 -18.45
CA VAL A 258 -1.28 -19.60 -17.81
C VAL A 258 -0.73 -18.43 -18.59
N LYS A 259 -0.27 -17.44 -17.86
CA LYS A 259 0.49 -16.35 -18.39
C LYS A 259 1.93 -16.39 -17.90
N PHE A 260 2.90 -16.48 -18.81
CA PHE A 260 4.30 -16.25 -18.55
C PHE A 260 4.76 -14.88 -19.01
N VAL A 261 5.74 -14.27 -18.30
CA VAL A 261 6.51 -13.15 -18.77
C VAL A 261 7.98 -13.57 -18.88
N PHE A 262 8.58 -13.34 -20.04
CA PHE A 262 9.98 -13.58 -20.25
C PHE A 262 10.74 -12.27 -20.38
N PRO A 263 11.96 -12.09 -19.81
CA PRO A 263 12.61 -10.79 -19.92
C PRO A 263 13.16 -10.55 -21.33
N ALA A 264 13.70 -9.35 -21.61
CA ALA A 264 14.28 -9.04 -22.87
C ALA A 264 15.51 -9.93 -23.09
N ARG A 265 15.78 -10.27 -24.35
CA ARG A 265 17.00 -10.94 -24.73
C ARG A 265 17.75 -9.90 -25.54
N ASP A 266 18.95 -10.25 -25.96
CA ASP A 266 19.71 -9.49 -26.92
C ASP A 266 18.93 -9.41 -28.23
N ASN A 267 19.02 -8.25 -28.85
CA ASN A 267 18.40 -8.08 -30.16
C ASN A 267 19.18 -8.80 -31.23
N MET A 268 18.51 -9.19 -32.29
CA MET A 268 19.10 -9.70 -33.50
C MET A 268 19.16 -8.56 -34.52
N PRO A 269 19.98 -8.64 -35.59
CA PRO A 269 20.05 -7.51 -36.52
C PRO A 269 18.70 -6.95 -37.01
N LYS A 270 17.75 -7.87 -37.33
CA LYS A 270 16.53 -7.38 -37.96
C LYS A 270 15.34 -7.41 -37.01
N VAL A 271 15.48 -7.93 -35.79
CA VAL A 271 14.32 -7.91 -34.90
C VAL A 271 14.82 -7.72 -33.48
N ALA A 272 14.20 -6.78 -32.76
CA ALA A 272 14.47 -6.68 -31.33
C ALA A 272 13.76 -7.77 -30.55
N MET A 273 14.31 -8.04 -29.32
CA MET A 273 13.79 -9.12 -28.55
C MET A 273 13.32 -8.56 -27.21
N PRO A 274 12.24 -7.77 -27.14
CA PRO A 274 11.86 -7.23 -25.88
C PRO A 274 11.19 -8.26 -24.98
N GLU A 275 10.85 -7.76 -23.79
CA GLU A 275 10.08 -8.49 -22.81
C GLU A 275 8.83 -9.01 -23.48
N VAL A 276 8.44 -10.24 -23.23
CA VAL A 276 7.32 -10.83 -23.94
C VAL A 276 6.43 -11.64 -22.99
N GLU A 277 5.14 -11.51 -23.15
CA GLU A 277 4.16 -12.25 -22.42
C GLU A 277 3.66 -13.39 -23.30
N VAL A 278 3.59 -14.58 -22.76
CA VAL A 278 3.09 -15.74 -23.45
C VAL A 278 1.92 -16.32 -22.68
N TYR A 279 0.80 -16.48 -23.35
CA TYR A 279 -0.36 -17.06 -22.74
C TYR A 279 -0.56 -18.46 -23.27
N TRP A 280 -1.16 -19.30 -22.45
CA TRP A 280 -1.50 -20.66 -22.78
C TRP A 280 -2.92 -20.89 -22.39
N TYR A 281 -3.71 -21.55 -23.21
CA TYR A 281 -5.06 -21.90 -22.87
C TYR A 281 -5.26 -23.34 -23.28
N ASP A 282 -6.05 -24.08 -22.52
CA ASP A 282 -6.41 -25.44 -22.89
C ASP A 282 -7.81 -25.84 -22.44
N GLY A 283 -8.23 -27.03 -22.86
CA GLY A 283 -9.47 -27.66 -22.47
C GLY A 283 -10.70 -27.02 -23.11
N GLY A 284 -10.54 -26.29 -24.24
CA GLY A 284 -11.64 -25.70 -25.03
C GLY A 284 -11.45 -24.20 -25.11
N LEU A 285 -10.73 -23.64 -24.14
CA LEU A 285 -10.57 -22.20 -24.11
C LEU A 285 -9.59 -21.81 -25.21
N LYS A 286 -9.97 -20.67 -25.78
CA LYS A 286 -9.20 -20.11 -26.86
C LYS A 286 -8.90 -18.66 -26.58
N PRO A 287 -7.82 -18.16 -27.17
CA PRO A 287 -7.61 -16.73 -27.25
C PRO A 287 -8.61 -16.07 -28.18
N ALA A 288 -8.94 -14.83 -27.85
CA ALA A 288 -9.78 -14.02 -28.72
C ALA A 288 -9.13 -13.93 -30.12
N ARG A 289 -9.97 -13.85 -31.12
CA ARG A 289 -9.56 -13.87 -32.48
C ARG A 289 -8.71 -12.65 -32.76
N PRO A 290 -7.52 -12.81 -33.40
CA PRO A 290 -6.71 -11.67 -33.73
C PRO A 290 -7.44 -10.79 -34.74
N GLU A 291 -7.20 -9.51 -34.54
CA GLU A 291 -7.62 -8.49 -35.47
C GLU A 291 -7.10 -8.81 -36.88
N GLY A 292 -7.93 -8.70 -37.89
CA GLY A 292 -7.53 -8.94 -39.29
C GLY A 292 -7.82 -10.38 -39.73
N LEU A 293 -7.97 -11.38 -38.83
CA LEU A 293 -8.10 -12.74 -39.28
C LEU A 293 -9.49 -12.90 -39.90
N PRO A 294 -9.61 -13.50 -41.11
CA PRO A 294 -10.89 -13.68 -41.74
C PRO A 294 -11.82 -14.49 -40.82
N ALA A 295 -13.07 -14.09 -40.79
CA ALA A 295 -14.13 -14.88 -40.21
C ALA A 295 -14.06 -16.30 -40.78
N GLY A 296 -14.17 -17.32 -39.92
CA GLY A 296 -14.31 -18.67 -40.42
C GLY A 296 -12.98 -19.40 -40.37
N LYS A 297 -11.86 -18.70 -40.39
CA LYS A 297 -10.59 -19.40 -40.39
C LYS A 297 -10.39 -20.01 -38.98
N ASP A 298 -10.25 -21.32 -38.93
CA ASP A 298 -10.07 -22.03 -37.69
C ASP A 298 -8.68 -21.75 -37.11
N LEU A 299 -8.62 -21.35 -35.81
CA LEU A 299 -7.33 -21.18 -35.15
C LEU A 299 -6.66 -22.47 -34.78
N ASN A 300 -7.40 -23.56 -34.69
CA ASN A 300 -6.85 -24.86 -34.39
C ASN A 300 -6.41 -25.51 -35.70
N MET A 301 -5.10 -25.83 -35.83
CA MET A 301 -4.59 -26.66 -36.88
C MET A 301 -3.72 -27.72 -36.21
N ALA A 302 -4.12 -28.96 -36.43
CA ALA A 302 -3.51 -30.16 -35.95
C ALA A 302 -3.38 -30.21 -34.43
N GLY A 303 -4.36 -29.60 -33.70
CA GLY A 303 -4.45 -29.78 -32.27
C GLY A 303 -4.25 -28.50 -31.44
N GLY A 304 -4.05 -27.39 -32.09
CA GLY A 304 -3.92 -26.13 -31.43
C GLY A 304 -3.36 -25.04 -32.30
N GLY A 305 -2.77 -24.03 -31.63
CA GLY A 305 -2.35 -22.89 -32.42
C GLY A 305 -1.54 -21.92 -31.61
N VAL A 306 -0.86 -21.03 -32.31
CA VAL A 306 0.07 -20.07 -31.77
C VAL A 306 -0.16 -18.79 -32.56
N ILE A 307 -0.14 -17.67 -31.88
CA ILE A 307 -0.31 -16.39 -32.49
C ILE A 307 0.76 -15.49 -31.96
N PHE A 308 1.57 -14.96 -32.87
CA PHE A 308 2.60 -14.02 -32.48
C PHE A 308 2.15 -12.66 -32.89
N TYR A 309 2.01 -11.75 -31.94
CA TYR A 309 1.57 -10.40 -32.22
C TYR A 309 2.79 -9.53 -32.39
N GLY A 310 3.22 -9.29 -33.59
CA GLY A 310 4.31 -8.38 -33.84
C GLY A 310 3.85 -6.97 -34.09
N THR A 311 4.78 -6.02 -34.03
CA THR A 311 4.47 -4.62 -34.34
C THR A 311 4.10 -4.42 -35.81
N LYS A 312 4.52 -5.26 -36.77
CA LYS A 312 4.25 -5.03 -38.16
C LYS A 312 3.25 -6.06 -38.70
N ASP A 313 2.98 -7.19 -38.05
CA ASP A 313 2.08 -8.18 -38.60
C ASP A 313 1.83 -9.20 -37.50
N THR A 314 1.01 -10.22 -37.81
CA THR A 314 0.70 -11.23 -36.85
C THR A 314 0.93 -12.56 -37.52
N LEU A 315 1.74 -13.39 -36.92
CA LEU A 315 2.08 -14.68 -37.44
C LEU A 315 1.32 -15.73 -36.72
N ILE A 316 0.71 -16.62 -37.47
CA ILE A 316 -0.08 -17.67 -36.85
C ILE A 316 0.38 -19.00 -37.34
N CYS A 317 0.59 -19.98 -36.42
CA CYS A 317 0.78 -21.33 -36.85
C CYS A 317 -0.09 -22.31 -36.09
N GLY A 318 -0.09 -23.54 -36.57
CA GLY A 318 -0.76 -24.64 -35.88
C GLY A 318 0.20 -25.33 -34.89
N CYS A 319 -0.27 -26.44 -34.35
CA CYS A 319 0.56 -27.36 -33.57
C CYS A 319 1.72 -27.84 -34.48
N TYR A 320 2.81 -28.25 -33.91
CA TYR A 320 3.95 -28.81 -34.65
C TYR A 320 4.55 -27.74 -35.54
N GLY A 321 4.20 -26.47 -35.27
CA GLY A 321 4.60 -25.35 -36.10
C GLY A 321 3.98 -25.36 -37.52
N VAL A 322 2.92 -26.10 -37.80
CA VAL A 322 2.44 -26.29 -39.15
C VAL A 322 1.84 -25.05 -39.76
N ASN A 323 2.03 -24.99 -41.10
CA ASN A 323 1.36 -24.07 -42.01
C ASN A 323 1.35 -22.63 -41.53
N PRO A 324 2.50 -22.07 -41.20
CA PRO A 324 2.53 -20.69 -40.74
C PRO A 324 2.04 -19.72 -41.82
N TYR A 325 1.31 -18.68 -41.45
CA TYR A 325 0.88 -17.62 -42.32
C TYR A 325 0.82 -16.32 -41.56
N LEU A 326 0.77 -15.26 -42.32
CA LEU A 326 0.68 -13.94 -41.79
C LEU A 326 -0.74 -13.45 -41.99
N VAL A 327 -1.30 -12.76 -40.99
CA VAL A 327 -2.66 -12.26 -41.11
C VAL A 327 -2.81 -11.26 -42.25
N SER A 328 -1.87 -10.37 -42.50
CA SER A 328 -1.94 -9.48 -43.67
C SER A 328 -2.01 -10.23 -45.01
N GLY A 329 -1.70 -11.54 -45.09
CA GLY A 329 -1.67 -12.25 -46.37
C GLY A 329 -0.29 -12.27 -47.03
N ARG A 330 0.65 -11.53 -46.50
CA ARG A 330 2.01 -11.56 -47.02
C ARG A 330 2.63 -12.93 -46.77
N VAL A 331 3.41 -13.41 -47.74
CA VAL A 331 4.25 -14.57 -47.59
C VAL A 331 5.66 -14.11 -47.84
N PRO A 332 6.50 -14.00 -46.80
CA PRO A 332 7.87 -13.52 -46.94
C PRO A 332 8.73 -14.46 -47.73
N ASN A 333 9.81 -13.92 -48.24
CA ASN A 333 10.91 -14.68 -48.82
C ASN A 333 12.20 -14.38 -48.03
N ALA A 334 12.30 -14.98 -46.86
CA ALA A 334 13.29 -14.61 -45.87
C ALA A 334 14.52 -15.49 -46.05
N PRO A 335 15.74 -15.02 -45.77
CA PRO A 335 16.93 -15.87 -45.88
C PRO A 335 16.80 -17.16 -45.06
N LYS A 336 17.34 -18.23 -45.60
CA LYS A 336 17.48 -19.51 -44.92
C LYS A 336 18.57 -19.45 -43.86
N VAL A 337 18.32 -19.92 -42.64
CA VAL A 337 19.38 -19.92 -41.64
C VAL A 337 19.41 -21.28 -40.95
N LEU A 338 18.28 -21.97 -40.82
CA LEU A 338 18.29 -23.23 -40.10
C LEU A 338 18.56 -24.42 -41.01
N ARG A 339 19.26 -25.43 -40.44
CA ARG A 339 19.59 -26.62 -41.18
C ARG A 339 18.28 -27.24 -41.59
N GLU A 340 18.22 -27.67 -42.80
CA GLU A 340 17.05 -28.32 -43.35
C GLU A 340 17.17 -29.82 -43.03
N ILE A 341 16.34 -30.38 -42.18
CA ILE A 341 16.60 -31.71 -41.68
C ILE A 341 15.97 -32.72 -42.61
N LYS A 342 16.74 -33.68 -43.11
CA LYS A 342 16.19 -34.61 -44.10
C LYS A 342 15.75 -35.94 -43.48
N GLU A 343 16.51 -36.44 -42.52
CA GLU A 343 16.16 -37.66 -41.80
C GLU A 343 14.98 -37.36 -40.86
N SER A 344 14.25 -38.41 -40.49
CA SER A 344 13.26 -38.41 -39.42
C SER A 344 13.86 -37.80 -38.17
N HIS A 345 12.98 -37.45 -37.24
CA HIS A 345 13.38 -36.97 -35.97
C HIS A 345 14.22 -38.01 -35.24
N GLN A 346 13.88 -39.30 -35.37
CA GLN A 346 14.63 -40.37 -34.78
C GLN A 346 16.02 -40.48 -35.44
N MET A 347 16.07 -40.51 -36.75
CA MET A 347 17.31 -40.81 -37.47
C MET A 347 18.23 -39.60 -37.48
N ASP A 348 17.69 -38.37 -37.35
CA ASP A 348 18.54 -37.23 -37.20
C ASP A 348 19.34 -37.30 -35.89
N TRP A 349 18.75 -37.87 -34.85
CA TRP A 349 19.41 -38.09 -33.57
C TRP A 349 20.48 -39.16 -33.72
N VAL A 350 20.17 -40.26 -34.39
CA VAL A 350 21.10 -41.32 -34.66
C VAL A 350 22.33 -40.80 -35.37
N ARG A 351 22.16 -39.97 -36.39
CA ARG A 351 23.27 -39.28 -37.05
C ARG A 351 24.16 -38.55 -36.03
N ALA A 352 23.54 -37.75 -35.14
CA ALA A 352 24.33 -37.03 -34.14
C ALA A 352 25.09 -38.00 -33.23
N CYS A 353 24.48 -39.14 -32.91
CA CYS A 353 25.04 -40.11 -31.98
C CYS A 353 26.39 -40.59 -32.52
N LYS A 354 26.52 -40.63 -33.86
CA LYS A 354 27.68 -41.20 -34.51
C LYS A 354 28.75 -40.18 -34.85
N GLU A 355 28.46 -38.90 -34.81
CA GLU A 355 29.53 -37.92 -34.97
C GLU A 355 30.30 -37.81 -33.63
N ASP A 356 31.62 -37.66 -33.68
CA ASP A 356 32.40 -37.36 -32.47
C ASP A 356 31.89 -36.06 -31.85
N ALA A 357 31.99 -35.96 -30.53
CA ALA A 357 31.38 -34.86 -29.77
C ALA A 357 31.98 -33.49 -30.12
N ASP A 358 33.27 -33.45 -30.44
CA ASP A 358 33.97 -32.26 -30.87
C ASP A 358 33.41 -31.71 -32.18
N ASP A 359 32.84 -32.58 -33.03
CA ASP A 359 32.46 -32.25 -34.40
C ASP A 359 30.93 -32.10 -34.53
N ARG A 360 30.17 -32.50 -33.52
CA ARG A 360 28.81 -32.96 -33.65
C ARG A 360 27.91 -31.82 -34.06
N VAL A 361 27.09 -32.01 -35.11
CA VAL A 361 25.96 -31.12 -35.37
C VAL A 361 24.78 -31.62 -34.51
N PRO A 362 24.36 -30.89 -33.47
CA PRO A 362 23.29 -31.34 -32.58
C PRO A 362 22.00 -31.59 -33.37
N SER A 363 21.24 -32.61 -32.96
CA SER A 363 19.91 -32.79 -33.51
C SER A 363 19.00 -31.68 -32.98
N ALA A 364 17.79 -31.54 -33.53
CA ALA A 364 17.04 -30.29 -33.34
C ALA A 364 16.45 -30.20 -31.93
N SER A 365 16.29 -31.30 -31.20
CA SER A 365 15.77 -31.27 -29.83
C SER A 365 16.84 -31.71 -28.84
N ASP A 366 18.07 -31.37 -29.11
CA ASP A 366 19.17 -31.53 -28.20
C ASP A 366 18.76 -30.87 -26.88
N PHE A 367 19.19 -31.49 -25.77
CA PHE A 367 18.70 -31.05 -24.47
C PHE A 367 19.25 -29.68 -24.14
N SER A 368 20.25 -29.15 -24.85
CA SER A 368 20.70 -27.78 -24.62
C SER A 368 19.58 -26.76 -24.96
N GLU A 369 18.69 -27.07 -25.91
CA GLU A 369 17.47 -26.33 -26.13
C GLU A 369 16.28 -26.99 -25.38
N ALA A 370 16.11 -28.30 -25.50
CA ALA A 370 14.95 -28.95 -25.01
C ALA A 370 14.83 -28.90 -23.49
N GLY A 371 15.95 -28.86 -22.81
CA GLY A 371 15.92 -28.82 -21.35
C GLY A 371 15.26 -27.55 -20.82
N PRO A 372 15.79 -26.34 -21.18
CA PRO A 372 15.20 -25.07 -20.83
C PRO A 372 13.79 -24.91 -21.34
N PHE A 373 13.52 -25.38 -22.56
CA PHE A 373 12.16 -25.37 -23.06
C PHE A 373 11.23 -26.18 -22.16
N ASN A 374 11.63 -27.41 -21.79
CA ASN A 374 10.71 -28.20 -20.99
C ASN A 374 10.47 -27.59 -19.60
N GLU A 375 11.46 -26.89 -19.10
CA GLU A 375 11.27 -26.09 -17.90
C GLU A 375 10.13 -25.09 -18.08
N MET A 376 9.99 -24.44 -19.23
CA MET A 376 8.79 -23.58 -19.35
C MET A 376 7.52 -24.42 -19.26
N VAL A 377 7.48 -25.51 -19.98
CA VAL A 377 6.28 -26.30 -20.01
C VAL A 377 5.79 -26.66 -18.62
N VAL A 378 6.67 -27.30 -17.87
CA VAL A 378 6.39 -27.86 -16.56
C VAL A 378 6.20 -26.77 -15.49
N MET A 379 6.70 -25.55 -15.73
CA MET A 379 6.39 -24.38 -14.93
C MET A 379 4.92 -24.00 -14.98
N GLY A 380 4.30 -24.35 -16.11
CA GLY A 380 2.85 -24.15 -16.16
C GLY A 380 2.10 -24.96 -15.09
N VAL A 381 2.57 -26.16 -14.83
CA VAL A 381 1.99 -27.02 -13.81
C VAL A 381 2.15 -26.38 -12.44
N LEU A 382 3.32 -25.84 -12.15
CA LEU A 382 3.52 -25.10 -10.93
C LEU A 382 2.47 -23.97 -10.81
N ALA A 383 2.37 -23.14 -11.83
CA ALA A 383 1.50 -21.98 -11.74
C ALA A 383 0.10 -22.40 -11.38
N VAL A 384 -0.40 -23.42 -12.06
CA VAL A 384 -1.78 -23.86 -11.82
C VAL A 384 -1.92 -24.41 -10.41
N ARG A 385 -0.96 -25.22 -9.93
CA ARG A 385 -1.07 -25.86 -8.63
C ARG A 385 -0.92 -24.88 -7.49
N LEU A 386 -0.36 -23.70 -7.77
CA LEU A 386 -0.13 -22.64 -6.80
C LEU A 386 -1.13 -21.49 -6.89
N GLN A 387 -2.17 -21.65 -7.67
CA GLN A 387 -3.00 -20.50 -7.97
C GLN A 387 -3.68 -19.98 -6.69
N ASN A 388 -3.86 -20.78 -5.62
CA ASN A 388 -4.59 -20.23 -4.46
C ASN A 388 -3.75 -19.17 -3.75
N LEU A 389 -2.44 -19.08 -4.05
CA LEU A 389 -1.63 -18.01 -3.45
C LEU A 389 -2.04 -16.60 -3.92
N ASN A 390 -2.83 -16.43 -5.01
CA ASN A 390 -3.36 -15.09 -5.28
C ASN A 390 -2.24 -14.09 -5.54
N ARG A 391 -1.27 -14.50 -6.39
CA ARG A 391 -0.16 -13.64 -6.69
C ARG A 391 0.44 -14.11 -8.00
N GLU A 392 1.09 -13.16 -8.69
CA GLU A 392 1.92 -13.47 -9.82
C GLU A 392 3.19 -14.00 -9.24
N LEU A 393 3.64 -15.21 -9.56
CA LEU A 393 4.86 -15.78 -8.94
C LEU A 393 6.12 -15.28 -9.68
N LEU A 394 7.16 -14.91 -8.94
CA LEU A 394 8.40 -14.44 -9.51
C LEU A 394 9.37 -15.60 -9.47
N TRP A 395 9.91 -15.93 -10.64
CA TRP A 395 10.81 -17.06 -10.81
C TRP A 395 12.25 -16.64 -10.94
N ASP A 396 13.09 -17.27 -10.14
CA ASP A 396 14.51 -17.16 -10.29
C ASP A 396 15.01 -18.47 -10.92
N GLY A 397 15.25 -18.37 -12.24
CA GLY A 397 15.62 -19.53 -13.04
C GLY A 397 16.95 -20.14 -12.62
N PRO A 398 17.99 -19.31 -12.48
CA PRO A 398 19.29 -19.85 -12.08
C PRO A 398 19.20 -20.73 -10.86
N ASN A 399 18.46 -20.29 -9.80
CA ASN A 399 18.42 -21.01 -8.54
C ASN A 399 17.16 -21.89 -8.41
N MET A 400 16.39 -22.04 -9.48
CA MET A 400 15.24 -22.94 -9.43
C MET A 400 14.33 -22.70 -8.20
N ARG A 401 13.95 -21.45 -7.98
CA ARG A 401 13.01 -21.15 -6.91
C ARG A 401 12.14 -19.94 -7.25
N PHE A 402 10.96 -19.97 -6.70
CA PHE A 402 10.15 -18.77 -6.60
C PHE A 402 10.65 -17.86 -5.49
N THR A 403 10.65 -16.56 -5.70
CA THR A 403 11.22 -15.63 -4.75
C THR A 403 10.15 -14.93 -3.90
N ASN A 404 8.84 -15.05 -4.21
CA ASN A 404 7.87 -14.23 -3.45
C ASN A 404 6.74 -15.14 -2.91
N ILE A 405 7.02 -16.37 -2.51
CA ILE A 405 6.07 -17.13 -1.72
C ILE A 405 6.34 -16.88 -0.25
N PRO A 406 5.40 -16.26 0.51
CA PRO A 406 5.57 -16.00 1.95
C PRO A 406 5.88 -17.28 2.72
N ASP A 407 6.75 -17.14 3.73
CA ASP A 407 7.26 -18.30 4.45
C ASP A 407 6.15 -19.04 5.27
N ASP A 408 5.02 -18.38 5.53
CA ASP A 408 3.98 -18.98 6.34
C ASP A 408 2.70 -19.19 5.53
N ALA A 409 2.70 -18.93 4.21
CA ALA A 409 1.53 -19.16 3.40
C ALA A 409 1.26 -20.64 3.28
N THR A 410 0.05 -21.03 2.88
CA THR A 410 -0.33 -22.44 2.81
C THR A 410 -1.00 -22.75 1.47
N ILE A 411 -1.12 -24.04 1.14
CA ILE A 411 -1.87 -24.51 0.01
C ILE A 411 -2.68 -25.71 0.48
N SER A 412 -3.95 -25.66 0.14
CA SER A 412 -4.89 -26.74 0.26
C SER A 412 -5.58 -26.94 -1.10
N ALA A 413 -6.02 -28.16 -1.42
CA ALA A 413 -6.66 -28.41 -2.68
C ALA A 413 -7.92 -29.22 -2.38
N VAL A 414 -8.85 -29.21 -3.34
CA VAL A 414 -10.03 -30.03 -3.22
C VAL A 414 -9.67 -31.49 -3.41
N ILE A 415 -10.19 -32.35 -2.55
CA ILE A 415 -10.05 -33.79 -2.71
C ILE A 415 -11.26 -34.32 -3.50
N LYS A 416 -12.45 -33.91 -3.16
CA LYS A 416 -13.61 -34.44 -3.84
C LYS A 416 -14.69 -33.41 -3.64
N ASP A 417 -15.34 -33.11 -4.77
CA ASP A 417 -16.53 -32.29 -4.77
C ASP A 417 -17.70 -33.12 -4.23
N GLY A 418 -18.52 -32.55 -3.36
CA GLY A 418 -19.62 -33.27 -2.72
C GLY A 418 -20.99 -32.66 -2.99
N PHE A 419 -21.20 -31.93 -4.12
CA PHE A 419 -22.47 -31.30 -4.40
C PHE A 419 -23.60 -32.31 -4.43
N HIS A 420 -24.74 -32.05 -3.80
CA HIS A 420 -25.92 -32.85 -4.04
C HIS A 420 -27.15 -32.03 -3.71
N ILE A 421 -28.27 -32.47 -4.28
CA ILE A 421 -29.57 -31.86 -4.08
C ILE A 421 -30.47 -32.89 -3.36
N LYS A 422 -31.07 -32.45 -2.26
CA LYS A 422 -32.05 -33.19 -1.49
C LYS A 422 -33.35 -32.39 -1.43
N ASP A 423 -34.39 -32.85 -2.16
CA ASP A 423 -35.72 -32.24 -2.10
C ASP A 423 -35.62 -30.76 -2.51
N GLY A 424 -34.83 -30.54 -3.58
CA GLY A 424 -34.64 -29.25 -4.26
C GLY A 424 -33.59 -28.35 -3.61
N HIS A 425 -33.08 -28.69 -2.39
CA HIS A 425 -32.11 -27.88 -1.69
C HIS A 425 -30.70 -28.29 -2.12
N PRO A 426 -29.90 -27.37 -2.66
CA PRO A 426 -28.50 -27.68 -2.98
C PRO A 426 -27.64 -27.62 -1.71
N THR A 427 -26.68 -28.54 -1.63
CA THR A 427 -25.68 -28.58 -0.59
C THR A 427 -24.34 -28.60 -1.29
N PHE A 428 -23.41 -27.75 -0.85
CA PHE A 428 -22.19 -27.53 -1.60
C PHE A 428 -20.94 -28.01 -0.90
N ASP A 429 -20.91 -29.23 -0.38
CA ASP A 429 -19.72 -29.59 0.39
C ASP A 429 -18.66 -30.16 -0.55
N LYS A 430 -17.45 -30.10 -0.03
CA LYS A 430 -16.21 -30.38 -0.69
C LYS A 430 -15.24 -30.77 0.40
N THR A 431 -14.49 -31.85 0.19
CA THR A 431 -13.43 -32.15 1.13
C THR A 431 -12.22 -31.41 0.61
N TRP A 432 -11.42 -30.86 1.53
CA TRP A 432 -10.16 -30.19 1.25
C TRP A 432 -8.99 -30.93 1.91
N THR A 433 -7.76 -30.88 1.34
CA THR A 433 -6.60 -31.41 2.04
C THR A 433 -6.29 -30.52 3.24
N ASP A 434 -5.61 -31.11 4.23
CA ASP A 434 -5.03 -30.35 5.33
C ASP A 434 -4.03 -29.36 4.78
N PRO A 435 -4.11 -28.07 5.12
CA PRO A 435 -3.17 -27.10 4.58
C PRO A 435 -1.70 -27.48 4.86
N VAL A 436 -0.84 -27.35 3.86
CA VAL A 436 0.59 -27.54 4.01
C VAL A 436 1.27 -26.23 3.68
N ASN A 437 2.50 -26.11 4.13
CA ASN A 437 3.28 -24.93 3.90
C ASN A 437 3.58 -24.75 2.38
N ALA A 438 3.37 -23.57 1.82
CA ALA A 438 3.39 -23.36 0.36
C ALA A 438 4.84 -23.44 -0.15
N GLN A 439 5.82 -22.92 0.58
CA GLN A 439 7.19 -23.04 0.17
C GLN A 439 7.60 -24.49 0.09
N GLN A 440 7.29 -25.29 1.09
CA GLN A 440 7.65 -26.68 1.03
C GLN A 440 6.90 -27.36 -0.12
N PHE A 441 5.62 -27.00 -0.32
CA PHE A 441 4.89 -27.66 -1.37
C PHE A 441 5.51 -27.32 -2.76
N ALA A 442 5.91 -26.08 -2.94
CA ALA A 442 6.40 -25.60 -4.21
C ALA A 442 7.76 -26.28 -4.46
N GLN A 443 8.63 -26.26 -3.45
CA GLN A 443 9.93 -26.85 -3.57
C GLN A 443 9.88 -28.31 -3.95
N GLU A 444 8.88 -29.01 -3.42
CA GLU A 444 8.71 -30.41 -3.70
C GLU A 444 8.18 -30.66 -5.12
N LEU A 445 7.33 -29.77 -5.65
CA LEU A 445 6.96 -29.90 -7.05
C LEU A 445 8.12 -29.57 -7.98
N ILE A 446 8.99 -28.61 -7.65
CA ILE A 446 10.13 -28.27 -8.43
C ILE A 446 11.13 -29.43 -8.40
N LYS A 447 11.38 -30.00 -7.24
CA LYS A 447 12.29 -31.12 -7.07
C LYS A 447 11.68 -32.20 -6.20
N HIS A 448 11.23 -33.31 -6.75
CA HIS A 448 10.52 -34.31 -5.97
C HIS A 448 11.51 -35.00 -5.01
N THR A 449 11.04 -35.35 -3.80
CA THR A 449 11.69 -36.29 -2.94
C THR A 449 11.38 -37.66 -3.45
N TYR A 450 12.43 -38.31 -3.97
CA TYR A 450 12.27 -39.62 -4.53
C TYR A 450 11.95 -40.62 -3.41
N ARG A 451 11.06 -41.57 -3.73
CA ARG A 451 10.81 -42.70 -2.86
C ARG A 451 12.12 -43.44 -2.60
N ASP A 452 12.27 -43.98 -1.37
CA ASP A 452 13.50 -44.63 -0.90
C ASP A 452 13.86 -45.77 -1.84
N GLY A 453 15.11 -45.86 -2.27
CA GLY A 453 15.55 -46.83 -3.27
C GLY A 453 15.67 -46.26 -4.69
N TRP A 454 15.29 -45.01 -4.90
CA TRP A 454 15.36 -44.40 -6.24
C TRP A 454 16.10 -43.07 -6.13
N LYS A 455 17.22 -43.01 -6.85
CA LYS A 455 18.04 -41.82 -6.72
C LYS A 455 18.50 -41.36 -8.11
N LEU A 456 18.49 -40.05 -8.27
CA LEU A 456 19.08 -39.33 -9.39
C LEU A 456 20.55 -39.19 -9.19
N PRO A 457 21.36 -39.08 -10.26
CA PRO A 457 22.73 -38.57 -10.09
C PRO A 457 22.70 -37.15 -9.53
N ASP A 458 23.78 -36.76 -8.84
CA ASP A 458 24.03 -35.42 -8.36
C ASP A 458 24.15 -34.46 -9.55
N MET A 459 23.72 -33.22 -9.34
CA MET A 459 23.92 -32.15 -10.30
C MET A 459 25.44 -31.98 -10.50
N PRO A 460 26.02 -32.03 -11.71
CA PRO A 460 27.41 -31.61 -11.91
C PRO A 460 27.72 -30.12 -11.58
N ARG A 461 28.98 -29.86 -11.18
CA ARG A 461 29.66 -28.57 -11.34
C ARG A 461 31.13 -28.86 -11.64
N SER B 10 -54.83 3.54 -0.69
CA SER B 10 -54.03 2.32 -0.47
C SER B 10 -52.61 2.70 0.00
N ASP B 11 -52.20 2.12 1.15
CA ASP B 11 -50.82 2.05 1.55
C ASP B 11 -50.31 0.66 1.20
N LYS B 12 -51.16 -0.37 1.12
CA LYS B 12 -50.70 -1.73 0.82
C LYS B 12 -50.91 -2.07 -0.66
N LEU B 13 -49.84 -2.55 -1.29
CA LEU B 13 -49.96 -3.21 -2.57
C LEU B 13 -50.58 -4.59 -2.35
N ASN B 14 -51.48 -4.96 -3.26
CA ASN B 14 -51.85 -6.36 -3.45
C ASN B 14 -50.92 -7.03 -4.46
N ILE B 15 -50.20 -8.04 -3.97
CA ILE B 15 -49.13 -8.69 -4.71
C ILE B 15 -49.50 -10.15 -4.93
N LEU B 16 -49.27 -10.61 -6.16
CA LEU B 16 -49.26 -12.04 -6.46
C LEU B 16 -47.82 -12.50 -6.59
N GLY B 17 -47.50 -13.64 -5.96
CA GLY B 17 -46.18 -14.24 -6.09
C GLY B 17 -46.19 -15.48 -6.99
N VAL B 18 -45.19 -15.59 -7.87
CA VAL B 18 -45.14 -16.67 -8.84
C VAL B 18 -43.74 -17.23 -8.83
N GLY B 19 -43.58 -18.49 -8.41
CA GLY B 19 -42.28 -19.12 -8.15
C GLY B 19 -41.77 -18.71 -6.76
N ILE B 20 -42.07 -19.52 -5.74
CA ILE B 20 -42.00 -19.01 -4.37
C ILE B 20 -41.11 -19.87 -3.47
N GLY B 21 -40.77 -21.09 -3.94
CA GLY B 21 -40.13 -22.11 -3.13
C GLY B 21 -38.69 -21.80 -2.77
N GLY B 22 -38.00 -21.06 -3.64
CA GLY B 22 -36.58 -20.82 -3.46
C GLY B 22 -36.33 -19.35 -3.13
N ARG B 23 -35.73 -18.64 -4.09
CA ARG B 23 -35.44 -17.23 -3.90
C ARG B 23 -36.74 -16.46 -3.60
N GLY B 24 -37.85 -16.88 -4.22
CA GLY B 24 -39.11 -16.17 -4.05
C GLY B 24 -39.44 -16.00 -2.57
N SER B 25 -39.04 -16.99 -1.79
CA SER B 25 -39.24 -17.07 -0.36
C SER B 25 -38.73 -15.81 0.35
N SER B 26 -37.47 -15.44 0.03
CA SER B 26 -36.78 -14.31 0.62
C SER B 26 -37.33 -13.00 0.09
N VAL B 27 -37.65 -12.98 -1.19
CA VAL B 27 -38.23 -11.80 -1.80
C VAL B 27 -39.57 -11.51 -1.10
N LEU B 28 -40.43 -12.52 -0.92
CA LEU B 28 -41.72 -12.32 -0.24
C LEU B 28 -41.53 -11.86 1.20
N ARG B 29 -40.51 -12.37 1.92
CA ARG B 29 -40.21 -11.86 3.25
C ARG B 29 -39.92 -10.35 3.19
N GLY B 30 -39.13 -9.92 2.18
CA GLY B 30 -38.87 -8.50 1.97
C GLY B 30 -40.10 -7.64 1.64
N LEU B 31 -41.20 -8.26 1.15
CA LEU B 31 -42.41 -7.56 0.72
C LEU B 31 -43.59 -7.72 1.71
N GLU B 32 -43.34 -8.41 2.84
CA GLU B 32 -44.35 -8.97 3.75
C GLU B 32 -45.31 -7.94 4.37
N SER B 33 -44.82 -6.71 4.53
CA SER B 33 -45.55 -5.57 5.03
C SER B 33 -46.67 -5.23 4.06
N GLN B 34 -46.62 -5.72 2.79
CA GLN B 34 -47.73 -5.50 1.86
C GLN B 34 -48.68 -6.68 1.88
N ASN B 35 -49.50 -6.79 0.85
CA ASN B 35 -50.60 -7.73 0.89
C ASN B 35 -50.37 -8.90 -0.05
N ILE B 36 -50.05 -10.07 0.50
CA ILE B 36 -49.79 -11.21 -0.38
C ILE B 36 -51.11 -11.95 -0.58
N ILE B 37 -51.78 -11.73 -1.72
CA ILE B 37 -53.15 -12.23 -1.82
C ILE B 37 -53.21 -13.54 -2.62
N GLY B 38 -52.18 -13.80 -3.44
CA GLY B 38 -52.19 -15.00 -4.24
C GLY B 38 -50.76 -15.48 -4.50
N LEU B 39 -50.55 -16.79 -4.46
CA LEU B 39 -49.26 -17.41 -4.64
C LEU B 39 -49.44 -18.55 -5.63
N CYS B 40 -48.51 -18.65 -6.58
CA CYS B 40 -48.52 -19.68 -7.59
C CYS B 40 -47.17 -20.39 -7.62
N ASP B 41 -47.17 -21.71 -7.59
CA ASP B 41 -45.97 -22.50 -7.63
C ASP B 41 -46.35 -23.83 -8.28
N VAL B 42 -45.51 -24.31 -9.23
CA VAL B 42 -45.81 -25.57 -9.87
C VAL B 42 -45.58 -26.74 -8.92
N ASP B 43 -44.85 -26.51 -7.82
CA ASP B 43 -44.37 -27.62 -7.01
C ASP B 43 -44.86 -27.45 -5.58
N TRP B 44 -45.95 -28.14 -5.23
CA TRP B 44 -46.59 -27.90 -3.93
C TRP B 44 -45.87 -28.62 -2.80
N LYS B 45 -44.86 -29.46 -3.09
CA LYS B 45 -44.04 -30.03 -2.05
C LYS B 45 -42.91 -29.07 -1.68
N TYR B 46 -42.11 -28.68 -2.68
CA TYR B 46 -40.98 -27.81 -2.43
C TYR B 46 -41.42 -26.47 -1.85
N ALA B 47 -42.58 -25.99 -2.28
CA ALA B 47 -43.01 -24.64 -1.93
C ALA B 47 -43.93 -24.61 -0.70
N ASP B 48 -44.12 -25.76 -0.06
CA ASP B 48 -45.17 -25.88 0.93
C ASP B 48 -44.94 -24.94 2.11
N HIS B 49 -43.71 -24.95 2.64
CA HIS B 49 -43.35 -24.12 3.78
C HIS B 49 -43.63 -22.64 3.47
N VAL B 50 -43.62 -22.23 2.20
CA VAL B 50 -43.85 -20.83 1.89
C VAL B 50 -45.34 -20.53 1.90
N PHE B 51 -46.19 -21.41 1.36
CA PHE B 51 -47.64 -21.24 1.42
C PHE B 51 -48.09 -21.17 2.88
N LYS B 52 -47.38 -21.84 3.78
CA LYS B 52 -47.81 -21.85 5.17
C LYS B 52 -47.20 -20.72 6.00
N ARG B 53 -46.38 -19.87 5.40
CA ARG B 53 -46.02 -18.61 6.05
C ARG B 53 -47.09 -17.58 5.73
N TYR B 54 -47.88 -17.79 4.65
CA TYR B 54 -48.91 -16.84 4.23
C TYR B 54 -50.21 -17.59 4.02
N PRO B 55 -50.86 -18.03 5.15
CA PRO B 55 -52.01 -18.92 5.08
C PRO B 55 -53.21 -18.38 4.31
N ALA B 56 -53.25 -17.04 4.11
CA ALA B 56 -54.46 -16.43 3.59
C ALA B 56 -54.43 -16.34 2.07
N ALA B 57 -53.27 -16.49 1.44
CA ALA B 57 -53.24 -16.26 -0.01
C ALA B 57 -53.82 -17.47 -0.73
N LYS B 58 -54.57 -17.24 -1.83
CA LYS B 58 -55.04 -18.32 -2.68
C LYS B 58 -53.85 -19.02 -3.33
N LYS B 59 -53.93 -20.37 -3.38
CA LYS B 59 -52.88 -21.23 -3.90
C LYS B 59 -53.21 -21.57 -5.33
N TYR B 60 -52.19 -21.47 -6.21
CA TYR B 60 -52.34 -21.98 -7.55
C TYR B 60 -51.07 -22.72 -7.93
N ASN B 61 -51.17 -23.52 -8.98
CA ASN B 61 -50.07 -24.24 -9.52
C ASN B 61 -49.94 -23.95 -11.01
N ASP B 62 -50.75 -23.02 -11.56
CA ASP B 62 -50.54 -22.54 -12.92
C ASP B 62 -50.82 -21.03 -12.93
N TYR B 63 -49.82 -20.23 -13.34
CA TYR B 63 -49.92 -18.79 -13.26
C TYR B 63 -51.10 -18.30 -14.09
N ARG B 64 -51.40 -18.92 -15.24
CA ARG B 64 -52.47 -18.43 -16.10
C ARG B 64 -53.83 -18.53 -15.41
N LYS B 65 -54.05 -19.62 -14.67
CA LYS B 65 -55.22 -19.77 -13.82
C LYS B 65 -55.25 -18.67 -12.78
N MET B 66 -54.11 -18.42 -12.12
CA MET B 66 -54.07 -17.43 -11.06
C MET B 66 -54.35 -16.06 -11.66
N PHE B 67 -53.78 -15.78 -12.84
CA PHE B 67 -54.00 -14.48 -13.49
C PHE B 67 -55.46 -14.28 -13.85
N ASP B 68 -56.13 -15.30 -14.42
CA ASP B 68 -57.52 -15.16 -14.85
C ASP B 68 -58.44 -14.85 -13.68
N GLU B 69 -58.08 -15.40 -12.51
CA GLU B 69 -58.92 -15.29 -11.34
C GLU B 69 -58.54 -14.03 -10.56
N MET B 70 -57.28 -13.58 -10.57
CA MET B 70 -56.91 -12.64 -9.53
C MET B 70 -56.19 -11.39 -10.01
N LEU B 71 -55.93 -11.26 -11.32
CA LEU B 71 -55.26 -10.09 -11.84
C LEU B 71 -56.14 -8.85 -11.64
N LYS B 72 -57.46 -9.01 -11.55
CA LYS B 72 -58.32 -7.89 -11.15
C LYS B 72 -57.90 -7.34 -9.79
N SER B 73 -57.81 -8.21 -8.77
CA SER B 73 -57.54 -7.85 -7.39
C SER B 73 -56.13 -7.30 -7.18
N ALA B 74 -55.19 -7.53 -8.11
CA ALA B 74 -53.78 -7.31 -7.86
C ALA B 74 -53.31 -5.97 -8.41
N ASP B 75 -52.24 -5.43 -7.82
CA ASP B 75 -51.52 -4.27 -8.36
C ASP B 75 -50.17 -4.67 -8.99
N ALA B 76 -49.55 -5.74 -8.44
CA ALA B 76 -48.17 -6.08 -8.70
C ALA B 76 -47.95 -7.59 -8.67
N VAL B 77 -46.89 -8.04 -9.33
CA VAL B 77 -46.56 -9.45 -9.41
C VAL B 77 -45.07 -9.60 -9.18
N MET B 78 -44.71 -10.49 -8.26
CA MET B 78 -43.34 -10.92 -8.05
C MET B 78 -43.06 -12.24 -8.79
N VAL B 79 -42.00 -12.30 -9.61
CA VAL B 79 -41.70 -13.49 -10.38
C VAL B 79 -40.29 -14.03 -10.02
N ALA B 80 -40.22 -15.28 -9.51
CA ALA B 80 -38.97 -15.95 -9.17
C ALA B 80 -39.02 -17.44 -9.58
N THR B 81 -39.48 -17.64 -10.83
CA THR B 81 -39.50 -18.94 -11.48
C THR B 81 -38.16 -19.21 -12.15
N ALA B 82 -38.05 -20.37 -12.80
CA ALA B 82 -36.93 -20.66 -13.69
C ALA B 82 -36.92 -19.61 -14.80
N ASP B 83 -35.72 -19.34 -15.31
CA ASP B 83 -35.43 -18.21 -16.17
C ASP B 83 -36.34 -18.20 -17.42
N HIS B 84 -36.60 -19.37 -18.03
CA HIS B 84 -37.26 -19.43 -19.33
C HIS B 84 -38.70 -18.94 -19.27
N THR B 85 -39.34 -18.99 -18.09
CA THR B 85 -40.71 -18.48 -17.97
C THR B 85 -40.85 -17.04 -17.45
N HIS B 86 -39.74 -16.38 -17.06
CA HIS B 86 -39.88 -15.05 -16.48
C HIS B 86 -40.63 -14.12 -17.44
N ALA B 87 -40.29 -14.21 -18.72
CA ALA B 87 -40.75 -13.27 -19.70
C ALA B 87 -42.26 -13.35 -19.86
N ILE B 88 -42.80 -14.55 -20.02
CA ILE B 88 -44.17 -14.68 -20.46
C ILE B 88 -45.04 -14.22 -19.30
N ILE B 89 -44.59 -14.54 -18.08
CA ILE B 89 -45.31 -14.15 -16.89
C ILE B 89 -45.27 -12.62 -16.74
N ALA B 90 -44.07 -12.04 -16.69
CA ALA B 90 -43.95 -10.61 -16.53
C ALA B 90 -44.71 -9.88 -17.63
N ALA B 91 -44.64 -10.36 -18.87
CA ALA B 91 -45.27 -9.63 -19.97
C ALA B 91 -46.79 -9.60 -19.80
N ASP B 92 -47.39 -10.73 -19.36
CA ASP B 92 -48.84 -10.82 -19.22
C ASP B 92 -49.27 -9.91 -18.08
N ALA B 93 -48.42 -9.80 -17.05
CA ALA B 93 -48.75 -8.96 -15.92
C ALA B 93 -48.71 -7.51 -16.38
N MET B 94 -47.67 -7.13 -17.11
CA MET B 94 -47.51 -5.72 -17.46
C MET B 94 -48.59 -5.29 -18.44
N THR B 95 -48.91 -6.14 -19.45
CA THR B 95 -49.90 -5.77 -20.44
C THR B 95 -51.27 -5.60 -19.76
N ALA B 96 -51.49 -6.22 -18.59
CA ALA B 96 -52.67 -5.99 -17.76
C ALA B 96 -52.53 -4.77 -16.84
N GLY B 97 -51.47 -3.96 -17.00
CA GLY B 97 -51.27 -2.76 -16.18
C GLY B 97 -50.77 -3.04 -14.76
N LYS B 98 -49.91 -4.07 -14.58
CA LYS B 98 -49.41 -4.40 -13.25
C LYS B 98 -47.91 -4.14 -13.17
N HIS B 99 -47.50 -3.73 -11.98
CA HIS B 99 -46.09 -3.57 -11.63
C HIS B 99 -45.45 -4.95 -11.47
N VAL B 100 -44.15 -5.07 -11.73
CA VAL B 100 -43.51 -6.37 -11.71
C VAL B 100 -42.12 -6.29 -11.08
N TYR B 101 -41.89 -7.21 -10.15
CA TYR B 101 -40.56 -7.55 -9.72
C TYR B 101 -40.20 -8.90 -10.30
N VAL B 102 -39.09 -8.97 -11.08
CA VAL B 102 -38.71 -10.17 -11.82
C VAL B 102 -37.27 -10.49 -11.48
N GLU B 103 -37.00 -11.70 -10.98
CA GLU B 103 -35.64 -12.04 -10.61
C GLU B 103 -34.70 -11.95 -11.81
N LYS B 104 -33.43 -11.68 -11.47
CA LYS B 104 -32.32 -11.77 -12.41
C LYS B 104 -32.10 -13.23 -12.75
N PRO B 105 -31.68 -13.62 -13.97
CA PRO B 105 -31.59 -12.73 -15.12
C PRO B 105 -33.01 -12.42 -15.58
N LEU B 106 -33.22 -11.23 -16.12
CA LEU B 106 -34.57 -10.75 -16.33
C LEU B 106 -35.36 -11.73 -17.20
N THR B 107 -34.75 -12.11 -18.33
CA THR B 107 -35.33 -13.05 -19.26
C THR B 107 -34.26 -14.02 -19.76
N HIS B 108 -34.76 -15.04 -20.43
CA HIS B 108 -33.97 -16.10 -20.99
C HIS B 108 -33.31 -15.63 -22.28
N THR B 109 -33.99 -14.77 -23.06
CA THR B 109 -33.48 -14.36 -24.37
C THR B 109 -33.38 -12.85 -24.55
N VAL B 110 -32.56 -12.42 -25.50
CA VAL B 110 -32.44 -11.06 -25.92
C VAL B 110 -33.83 -10.52 -26.30
N TYR B 111 -34.56 -11.19 -27.19
CA TYR B 111 -35.85 -10.70 -27.69
C TYR B 111 -36.77 -10.43 -26.51
N GLU B 112 -36.87 -11.38 -25.57
CA GLU B 112 -37.71 -11.24 -24.41
C GLU B 112 -37.31 -10.00 -23.60
N SER B 113 -36.00 -9.74 -23.45
CA SER B 113 -35.59 -8.57 -22.68
C SER B 113 -36.05 -7.29 -23.40
N ARG B 114 -35.87 -7.26 -24.74
CA ARG B 114 -36.22 -6.07 -25.46
C ARG B 114 -37.73 -5.82 -25.28
N LEU B 115 -38.53 -6.90 -25.32
CA LEU B 115 -39.95 -6.78 -25.20
C LEU B 115 -40.32 -6.28 -23.80
N LEU B 116 -39.76 -6.83 -22.72
CA LEU B 116 -40.12 -6.36 -21.40
C LEU B 116 -39.77 -4.87 -21.23
N THR B 117 -38.64 -4.44 -21.78
CA THR B 117 -38.24 -3.04 -21.72
C THR B 117 -39.31 -2.14 -22.35
N LYS B 118 -39.79 -2.51 -23.54
CA LYS B 118 -40.67 -1.66 -24.29
C LYS B 118 -42.10 -1.66 -23.68
N LEU B 119 -42.52 -2.80 -23.10
CA LEU B 119 -43.76 -2.92 -22.37
C LEU B 119 -43.77 -2.07 -21.11
N ALA B 120 -42.67 -2.01 -20.37
CA ALA B 120 -42.55 -1.20 -19.14
C ALA B 120 -42.82 0.28 -19.42
N ASP B 121 -42.22 0.73 -20.51
CA ASP B 121 -42.43 2.06 -21.07
C ASP B 121 -43.89 2.27 -21.46
N LYS B 122 -44.42 1.33 -22.25
CA LYS B 122 -45.70 1.54 -22.89
C LYS B 122 -46.79 1.58 -21.82
N TYR B 123 -46.82 0.62 -20.90
CA TYR B 123 -47.83 0.54 -19.86
C TYR B 123 -47.48 1.38 -18.64
N LYS B 124 -46.30 2.02 -18.60
CA LYS B 124 -45.95 3.00 -17.57
C LYS B 124 -46.10 2.44 -16.15
N VAL B 125 -45.66 1.19 -15.95
CA VAL B 125 -45.69 0.55 -14.64
C VAL B 125 -44.28 0.59 -14.08
N ALA B 126 -44.20 0.37 -12.75
CA ALA B 126 -42.93 0.31 -12.06
C ALA B 126 -42.38 -1.11 -12.18
N THR B 127 -41.08 -1.20 -12.37
CA THR B 127 -40.44 -2.47 -12.62
C THR B 127 -39.16 -2.51 -11.81
N GLN B 128 -38.74 -3.74 -11.51
CA GLN B 128 -37.53 -3.94 -10.76
C GLN B 128 -37.00 -5.31 -11.13
N MET B 129 -35.79 -5.39 -11.71
CA MET B 129 -35.15 -6.67 -11.80
C MET B 129 -34.50 -6.91 -10.46
N GLY B 130 -34.42 -8.18 -10.04
CA GLY B 130 -34.04 -8.57 -8.69
C GLY B 130 -32.52 -8.66 -8.48
N ASN B 131 -31.73 -7.77 -9.11
CA ASN B 131 -30.31 -7.70 -8.79
C ASN B 131 -30.14 -6.67 -7.67
N GLN B 132 -30.18 -7.16 -6.43
CA GLN B 132 -30.30 -6.33 -5.24
C GLN B 132 -29.09 -5.44 -5.02
N GLY B 133 -27.94 -5.82 -5.60
CA GLY B 133 -26.73 -5.00 -5.51
C GLY B 133 -26.90 -3.60 -6.12
N ALA B 134 -27.85 -3.46 -7.06
CA ALA B 134 -28.12 -2.20 -7.70
C ALA B 134 -28.61 -1.16 -6.69
N SER B 135 -29.06 -1.61 -5.51
CA SER B 135 -29.62 -0.73 -4.49
C SER B 135 -28.63 -0.50 -3.36
N ASP B 136 -27.40 -1.02 -3.45
CA ASP B 136 -26.43 -0.84 -2.37
C ASP B 136 -25.48 0.34 -2.62
N GLU B 137 -24.58 0.56 -1.64
CA GLU B 137 -23.69 1.69 -1.72
C GLU B 137 -22.53 1.48 -2.72
N GLY B 138 -22.00 0.27 -2.79
CA GLY B 138 -20.84 -0.01 -3.67
C GLY B 138 -20.99 0.57 -5.07
N VAL B 139 -22.06 0.22 -5.78
CA VAL B 139 -22.23 0.74 -7.11
C VAL B 139 -22.17 2.25 -7.13
N ARG B 140 -22.76 2.88 -6.13
CA ARG B 140 -22.85 4.33 -6.14
C ARG B 140 -21.45 4.88 -6.15
N LYS B 141 -20.57 4.29 -5.34
CA LYS B 141 -19.19 4.72 -5.34
C LYS B 141 -18.52 4.42 -6.69
N VAL B 142 -18.78 3.24 -7.27
CA VAL B 142 -18.08 2.88 -8.48
C VAL B 142 -18.38 3.94 -9.52
N CYS B 143 -19.65 4.29 -9.60
CA CYS B 143 -20.15 5.20 -10.64
C CYS B 143 -19.62 6.60 -10.41
N GLU B 144 -19.70 7.04 -9.16
CA GLU B 144 -19.28 8.39 -8.82
C GLU B 144 -17.79 8.53 -9.04
N TRP B 145 -17.01 7.50 -8.76
CA TRP B 145 -15.58 7.64 -9.02
C TRP B 145 -15.28 7.74 -10.50
N ILE B 146 -15.88 6.83 -11.29
CA ILE B 146 -15.64 6.84 -12.70
C ILE B 146 -16.06 8.16 -13.33
N TRP B 147 -17.27 8.63 -12.97
CA TRP B 147 -17.86 9.83 -13.56
C TRP B 147 -17.13 11.09 -13.17
N ASN B 148 -16.43 11.06 -12.04
CA ASN B 148 -15.66 12.21 -11.63
C ASN B 148 -14.24 12.19 -12.18
N GLY B 149 -13.88 11.20 -12.99
CA GLY B 149 -12.54 11.21 -13.60
C GLY B 149 -11.47 10.57 -12.71
N GLU B 150 -11.84 9.89 -11.62
CA GLU B 150 -10.89 9.37 -10.68
C GLU B 150 -9.98 8.31 -11.26
N ILE B 151 -10.40 7.54 -12.27
CA ILE B 151 -9.48 6.56 -12.86
C ILE B 151 -9.14 6.84 -14.31
N GLY B 152 -9.60 7.97 -14.83
CA GLY B 152 -9.41 8.25 -16.25
C GLY B 152 -10.39 7.45 -17.07
N GLU B 153 -10.07 7.29 -18.36
CA GLU B 153 -10.91 6.56 -19.30
C GLU B 153 -10.70 5.06 -19.15
N VAL B 154 -11.72 4.28 -19.48
CA VAL B 154 -11.69 2.85 -19.36
C VAL B 154 -11.92 2.20 -20.73
N ARG B 155 -10.85 1.53 -21.22
CA ARG B 155 -10.87 0.78 -22.46
C ARG B 155 -10.91 -0.72 -22.23
N LYS B 156 -10.82 -1.19 -20.98
CA LYS B 156 -10.76 -2.60 -20.74
C LYS B 156 -11.24 -2.83 -19.31
N VAL B 157 -12.16 -3.78 -19.19
CA VAL B 157 -12.64 -4.29 -17.96
C VAL B 157 -12.53 -5.82 -17.99
N GLU B 158 -12.09 -6.38 -16.88
CA GLU B 158 -12.16 -7.81 -16.66
C GLU B 158 -13.05 -8.21 -15.52
N THR B 159 -13.82 -9.28 -15.73
CA THR B 159 -14.80 -9.67 -14.73
C THR B 159 -14.86 -11.17 -14.62
N PHE B 160 -15.30 -11.63 -13.46
CA PHE B 160 -15.41 -13.05 -13.28
C PHE B 160 -16.20 -13.43 -12.07
N THR B 161 -16.71 -14.67 -12.12
CA THR B 161 -17.24 -15.34 -10.94
C THR B 161 -16.57 -16.69 -10.80
N ASP B 162 -16.63 -17.23 -9.58
CA ASP B 162 -16.19 -18.62 -9.33
C ASP B 162 -17.31 -19.58 -9.64
N ARG B 163 -18.55 -19.09 -9.89
CA ARG B 163 -19.57 -20.01 -10.32
C ARG B 163 -19.28 -20.54 -11.72
N PRO B 164 -19.76 -21.69 -12.20
CA PRO B 164 -20.58 -22.62 -11.47
C PRO B 164 -19.86 -23.42 -10.37
N ILE B 165 -20.52 -23.56 -9.21
CA ILE B 165 -20.04 -24.40 -8.11
C ILE B 165 -20.95 -25.63 -7.97
N TRP B 166 -21.87 -25.82 -8.94
CA TRP B 166 -22.66 -27.02 -9.11
C TRP B 166 -22.25 -27.72 -10.37
N PRO B 167 -22.50 -29.03 -10.57
CA PRO B 167 -22.18 -29.74 -11.82
C PRO B 167 -22.97 -29.23 -13.03
N GLN B 168 -22.25 -28.96 -14.12
CA GLN B 168 -22.85 -28.65 -15.40
C GLN B 168 -22.28 -29.64 -16.43
N GLY B 169 -22.46 -29.39 -17.74
CA GLY B 169 -21.98 -30.33 -18.71
C GLY B 169 -22.72 -31.66 -18.61
N LEU B 170 -24.02 -31.65 -18.32
CA LEU B 170 -24.80 -32.87 -18.13
C LEU B 170 -25.42 -33.34 -19.44
N SER B 171 -25.72 -34.63 -19.51
CA SER B 171 -26.42 -35.16 -20.67
C SER B 171 -27.83 -35.45 -20.22
N ARG B 172 -28.77 -35.42 -21.16
CA ARG B 172 -30.16 -35.74 -20.83
C ARG B 172 -30.25 -37.06 -20.07
N PRO B 173 -30.86 -37.13 -18.89
CA PRO B 173 -30.89 -38.40 -18.16
C PRO B 173 -31.82 -39.36 -18.90
N GLU B 174 -31.49 -40.65 -18.79
CA GLU B 174 -31.98 -41.67 -19.70
C GLU B 174 -33.23 -42.31 -19.11
N ASP B 175 -33.22 -42.56 -17.80
CA ASP B 175 -34.38 -43.10 -17.11
C ASP B 175 -35.56 -42.12 -17.23
N ASP B 176 -36.79 -42.68 -17.19
CA ASP B 176 -37.97 -41.86 -17.04
C ASP B 176 -38.31 -41.94 -15.55
N GLN B 177 -38.79 -40.80 -15.06
CA GLN B 177 -39.27 -40.71 -13.70
C GLN B 177 -40.76 -40.37 -13.73
N ARG B 178 -41.51 -40.90 -12.77
CA ARG B 178 -42.90 -40.51 -12.65
C ARG B 178 -42.96 -39.06 -12.16
N ILE B 179 -43.91 -38.28 -12.70
CA ILE B 179 -44.18 -36.90 -12.30
C ILE B 179 -44.86 -36.92 -10.93
N PRO B 180 -44.27 -36.37 -9.84
CA PRO B 180 -44.93 -36.38 -8.55
C PRO B 180 -46.29 -35.71 -8.72
N LYS B 181 -47.31 -36.17 -7.96
CA LYS B 181 -48.65 -35.60 -8.08
C LYS B 181 -48.69 -34.18 -7.51
N THR B 182 -47.63 -33.78 -6.77
CA THR B 182 -47.54 -32.41 -6.29
C THR B 182 -46.90 -31.46 -7.31
N LEU B 183 -46.52 -31.96 -8.49
CA LEU B 183 -45.79 -31.16 -9.45
C LEU B 183 -46.59 -30.99 -10.75
N ASN B 184 -46.73 -29.74 -11.20
CA ASN B 184 -47.31 -29.45 -12.51
C ASN B 184 -46.22 -29.29 -13.56
N TRP B 185 -45.73 -30.43 -14.05
CA TRP B 185 -44.63 -30.45 -15.00
C TRP B 185 -44.97 -29.63 -16.24
N ASP B 186 -46.21 -29.68 -16.73
CA ASP B 186 -46.49 -28.98 -17.98
C ASP B 186 -46.31 -27.46 -17.83
N ALA B 187 -46.65 -26.91 -16.67
CA ALA B 187 -46.55 -25.48 -16.46
C ALA B 187 -45.09 -25.10 -16.18
N PHE B 188 -44.30 -26.04 -15.66
CA PHE B 188 -42.87 -25.78 -15.52
C PHE B 188 -42.22 -25.58 -16.89
N ILE B 189 -42.53 -26.52 -17.80
CA ILE B 189 -42.03 -26.44 -19.17
C ILE B 189 -42.45 -25.11 -19.78
N GLY B 190 -43.74 -24.79 -19.65
CA GLY B 190 -44.16 -23.50 -20.11
C GLY B 190 -43.90 -23.38 -21.60
N PRO B 191 -43.30 -22.28 -22.08
CA PRO B 191 -43.11 -22.15 -23.53
C PRO B 191 -41.95 -22.96 -24.10
N ALA B 192 -41.17 -23.65 -23.25
CA ALA B 192 -40.01 -24.35 -23.77
C ALA B 192 -40.50 -25.63 -24.45
N PRO B 193 -39.61 -26.29 -25.25
CA PRO B 193 -39.94 -27.59 -25.82
C PRO B 193 -40.21 -28.59 -24.70
N TYR B 194 -41.26 -29.39 -24.91
CA TYR B 194 -41.58 -30.45 -23.97
C TYR B 194 -40.42 -31.45 -23.96
N ARG B 195 -40.15 -31.96 -22.75
CA ARG B 195 -39.31 -33.10 -22.58
C ARG B 195 -39.81 -33.88 -21.36
N PRO B 196 -39.46 -35.17 -21.23
CA PRO B 196 -39.84 -35.94 -20.04
C PRO B 196 -39.31 -35.34 -18.75
N TYR B 197 -40.10 -35.50 -17.70
CA TYR B 197 -39.78 -35.04 -16.37
C TYR B 197 -38.60 -35.82 -15.84
N ASN B 198 -37.79 -35.10 -15.04
CA ASN B 198 -36.78 -35.68 -14.21
C ASN B 198 -36.40 -34.66 -13.12
N ALA B 199 -36.03 -35.12 -11.92
CA ALA B 199 -35.70 -34.22 -10.82
C ALA B 199 -34.45 -33.39 -11.11
N ILE B 200 -33.65 -33.77 -12.09
CA ILE B 200 -32.40 -33.08 -12.43
C ILE B 200 -32.73 -31.68 -12.92
N TYR B 201 -33.96 -31.42 -13.34
CA TYR B 201 -34.32 -30.15 -13.93
C TYR B 201 -34.83 -29.14 -12.92
N THR B 202 -35.57 -29.58 -11.92
CA THR B 202 -36.19 -28.67 -10.96
C THR B 202 -36.53 -29.48 -9.73
N PRO B 203 -36.56 -28.88 -8.52
CA PRO B 203 -36.12 -27.50 -8.29
C PRO B 203 -34.63 -27.18 -8.43
N TRP B 204 -34.32 -25.89 -8.62
CA TRP B 204 -33.02 -25.28 -8.41
C TRP B 204 -32.07 -25.57 -9.59
N ASN B 205 -32.05 -26.84 -10.05
CA ASN B 205 -30.99 -27.30 -10.93
C ASN B 205 -31.27 -26.97 -12.38
N PHE B 206 -32.28 -26.15 -12.66
CA PHE B 206 -32.58 -25.78 -14.04
C PHE B 206 -31.45 -24.96 -14.63
N ARG B 207 -30.64 -24.35 -13.75
CA ARG B 207 -29.67 -23.36 -14.15
C ARG B 207 -28.74 -23.93 -15.23
N GLY B 208 -28.43 -25.23 -15.18
CA GLY B 208 -27.42 -25.75 -16.09
C GLY B 208 -27.98 -26.17 -17.45
N TRP B 209 -29.32 -26.10 -17.65
CA TRP B 209 -29.94 -26.57 -18.87
C TRP B 209 -30.30 -25.39 -19.79
N TRP B 210 -29.86 -25.46 -21.04
CA TRP B 210 -29.99 -24.32 -21.93
C TRP B 210 -31.44 -23.88 -22.06
N ASP B 211 -32.37 -24.86 -22.09
CA ASP B 211 -33.77 -24.56 -22.37
C ASP B 211 -34.44 -23.87 -21.19
N PHE B 212 -33.85 -23.95 -19.99
CA PHE B 212 -34.51 -23.47 -18.79
C PHE B 212 -33.71 -22.40 -18.08
N GLY B 213 -32.39 -22.52 -18.04
CA GLY B 213 -31.57 -21.53 -17.37
C GLY B 213 -30.54 -20.92 -18.33
N THR B 214 -29.51 -20.32 -17.75
CA THR B 214 -28.52 -19.57 -18.50
C THR B 214 -27.12 -19.86 -17.92
N GLY B 215 -26.93 -20.98 -17.23
CA GLY B 215 -25.68 -21.27 -16.53
C GLY B 215 -25.19 -20.21 -15.51
N ALA B 216 -23.86 -20.11 -15.39
CA ALA B 216 -23.24 -19.12 -14.50
C ALA B 216 -23.57 -17.69 -14.90
N LEU B 217 -23.84 -17.43 -16.16
CA LEU B 217 -24.17 -16.09 -16.63
C LEU B 217 -25.46 -15.65 -15.95
N GLY B 218 -26.47 -16.50 -15.93
CA GLY B 218 -27.71 -16.16 -15.27
C GLY B 218 -27.56 -16.23 -13.77
N ASP B 219 -26.79 -17.17 -13.28
CA ASP B 219 -26.66 -17.23 -11.84
C ASP B 219 -25.99 -15.96 -11.31
N MET B 220 -25.00 -15.38 -12.00
CA MET B 220 -24.16 -14.42 -11.30
C MET B 220 -23.94 -13.16 -12.08
N ALA B 221 -24.07 -13.20 -13.39
CA ALA B 221 -23.51 -12.06 -14.14
C ALA B 221 -24.26 -10.78 -13.80
N CYS B 222 -25.57 -10.85 -13.60
CA CYS B 222 -26.33 -9.63 -13.32
C CYS B 222 -25.84 -8.97 -12.04
N HIS B 223 -25.35 -9.76 -11.08
CA HIS B 223 -24.73 -9.20 -9.89
C HIS B 223 -23.36 -8.59 -10.18
N ILE B 224 -22.55 -9.30 -10.98
CA ILE B 224 -21.18 -8.89 -11.20
C ILE B 224 -21.04 -7.71 -12.16
N LEU B 225 -21.75 -7.77 -13.26
CA LEU B 225 -21.54 -6.76 -14.29
C LEU B 225 -22.33 -5.48 -14.13
N HIS B 226 -23.24 -5.41 -13.16
CA HIS B 226 -24.08 -4.23 -13.05
C HIS B 226 -23.27 -2.93 -12.94
N PRO B 227 -22.23 -2.85 -12.11
CA PRO B 227 -21.47 -1.59 -12.01
C PRO B 227 -20.71 -1.25 -13.29
N VAL B 228 -20.35 -2.26 -14.08
CA VAL B 228 -19.76 -2.05 -15.40
C VAL B 228 -20.79 -1.41 -16.32
N PHE B 229 -21.94 -2.06 -16.41
CA PHE B 229 -23.00 -1.58 -17.30
C PHE B 229 -23.45 -0.17 -16.93
N LYS B 230 -23.66 0.12 -15.65
CA LYS B 230 -24.13 1.42 -15.25
C LYS B 230 -22.99 2.46 -15.24
N GLY B 231 -21.82 2.08 -14.71
CA GLY B 231 -20.75 3.05 -14.62
C GLY B 231 -20.22 3.51 -15.97
N LEU B 232 -20.19 2.63 -16.98
CA LEU B 232 -19.62 2.98 -18.24
C LEU B 232 -20.73 3.34 -19.23
N LYS B 233 -21.97 3.40 -18.72
CA LYS B 233 -23.15 3.75 -19.52
C LYS B 233 -23.26 2.93 -20.80
N LEU B 234 -23.23 1.63 -20.66
CA LEU B 234 -23.19 0.78 -21.81
C LEU B 234 -24.57 0.64 -22.42
N GLY B 235 -24.60 0.30 -23.71
CA GLY B 235 -25.83 0.01 -24.45
C GLY B 235 -25.79 -1.40 -25.06
N TYR B 236 -25.94 -1.46 -26.37
CA TYR B 236 -25.81 -2.66 -27.16
C TYR B 236 -24.32 -2.85 -27.46
N PRO B 237 -23.75 -4.04 -27.29
CA PRO B 237 -22.40 -4.27 -27.80
C PRO B 237 -22.38 -4.29 -29.33
N THR B 238 -21.23 -4.05 -29.92
CA THR B 238 -21.06 -4.26 -31.35
C THR B 238 -20.49 -5.62 -31.69
N LYS B 239 -19.80 -6.32 -30.76
CA LYS B 239 -19.13 -7.55 -31.10
C LYS B 239 -19.06 -8.43 -29.89
N VAL B 240 -18.99 -9.74 -30.10
CA VAL B 240 -18.91 -10.65 -28.99
C VAL B 240 -18.34 -11.96 -29.49
N GLN B 241 -17.61 -12.63 -28.61
CA GLN B 241 -17.08 -13.93 -28.91
C GLN B 241 -16.86 -14.65 -27.58
N GLY B 242 -17.00 -15.95 -27.61
CA GLY B 242 -16.82 -16.77 -26.42
C GLY B 242 -16.08 -18.08 -26.74
N SER B 243 -15.53 -18.70 -25.70
CA SER B 243 -15.08 -20.06 -25.79
C SER B 243 -15.39 -20.72 -24.44
N SER B 244 -15.33 -22.06 -24.43
CA SER B 244 -15.74 -22.79 -23.25
C SER B 244 -15.06 -24.13 -23.22
N THR B 245 -15.14 -24.80 -22.12
CA THR B 245 -14.99 -26.22 -22.08
C THR B 245 -16.04 -26.88 -22.93
N LEU B 246 -16.01 -28.19 -23.02
CA LEU B 246 -16.89 -29.00 -23.85
C LEU B 246 -18.33 -28.42 -23.85
N LEU B 247 -18.77 -28.01 -25.01
CA LEU B 247 -20.06 -27.46 -25.25
C LEU B 247 -21.02 -28.56 -25.72
N LEU B 248 -21.97 -28.86 -24.84
CA LEU B 248 -22.98 -29.85 -25.14
C LEU B 248 -24.23 -29.16 -25.68
N ASN B 249 -25.12 -30.02 -26.19
CA ASN B 249 -26.29 -29.51 -26.86
C ASN B 249 -27.37 -29.15 -25.83
N GLU B 250 -27.37 -29.70 -24.62
CA GLU B 250 -28.50 -29.37 -23.76
C GLU B 250 -28.07 -28.68 -22.48
N SER B 251 -26.79 -28.78 -22.14
CA SER B 251 -26.28 -28.35 -20.85
C SER B 251 -25.15 -27.35 -21.02
N ALA B 252 -25.08 -26.35 -20.18
CA ALA B 252 -24.02 -25.35 -20.25
C ALA B 252 -22.68 -25.92 -19.73
N PRO B 253 -21.60 -25.21 -20.06
CA PRO B 253 -20.27 -25.75 -19.84
C PRO B 253 -19.72 -25.48 -18.43
N MET B 254 -18.67 -26.20 -18.06
CA MET B 254 -18.11 -26.11 -16.74
C MET B 254 -17.45 -24.75 -16.59
N ALA B 255 -16.94 -24.16 -17.68
CA ALA B 255 -16.21 -22.90 -17.64
C ALA B 255 -16.25 -22.24 -19.02
N GLN B 256 -16.21 -20.91 -19.01
CA GLN B 256 -16.34 -20.16 -20.23
C GLN B 256 -15.67 -18.81 -20.09
N THR B 257 -15.34 -18.23 -21.24
CA THR B 257 -14.81 -16.87 -21.40
C THR B 257 -15.61 -16.16 -22.49
N VAL B 258 -15.90 -14.90 -22.28
CA VAL B 258 -16.62 -14.10 -23.24
C VAL B 258 -15.90 -12.75 -23.31
N LYS B 259 -15.66 -12.29 -24.54
CA LYS B 259 -15.18 -10.95 -24.76
C LYS B 259 -16.24 -10.15 -25.51
N PHE B 260 -16.69 -9.04 -24.93
CA PHE B 260 -17.55 -8.07 -25.61
C PHE B 260 -16.76 -6.82 -26.00
N VAL B 261 -17.24 -6.16 -27.07
CA VAL B 261 -16.82 -4.84 -27.42
C VAL B 261 -18.05 -3.95 -27.49
N PHE B 262 -18.00 -2.82 -26.77
CA PHE B 262 -19.01 -1.82 -26.81
C PHE B 262 -18.46 -0.62 -27.54
N PRO B 263 -19.26 0.10 -28.39
CA PRO B 263 -18.76 1.27 -29.08
C PRO B 263 -18.58 2.43 -28.09
N ALA B 264 -17.93 3.51 -28.56
CA ALA B 264 -17.84 4.75 -27.80
C ALA B 264 -19.24 5.29 -27.50
N ARG B 265 -19.41 5.87 -26.31
CA ARG B 265 -20.60 6.61 -25.97
C ARG B 265 -20.14 8.07 -25.92
N ASP B 266 -21.11 8.96 -25.75
CA ASP B 266 -20.89 10.33 -25.40
C ASP B 266 -19.98 10.45 -24.16
N ASN B 267 -19.03 11.41 -24.26
CA ASN B 267 -18.15 11.68 -23.15
C ASN B 267 -18.92 12.47 -22.13
N MET B 268 -18.52 12.33 -20.88
CA MET B 268 -19.01 13.14 -19.79
C MET B 268 -17.98 14.20 -19.49
N PRO B 269 -18.33 15.32 -18.80
CA PRO B 269 -17.34 16.39 -18.56
C PRO B 269 -15.96 15.93 -18.09
N LYS B 270 -15.91 15.00 -17.14
CA LYS B 270 -14.65 14.65 -16.51
C LYS B 270 -14.10 13.30 -16.96
N VAL B 271 -14.80 12.53 -17.81
CA VAL B 271 -14.27 11.24 -18.23
C VAL B 271 -14.82 10.97 -19.62
N ALA B 272 -13.93 10.58 -20.53
CA ALA B 272 -14.35 10.14 -21.85
C ALA B 272 -14.86 8.70 -21.78
N MET B 273 -15.65 8.30 -22.75
CA MET B 273 -16.29 7.01 -22.78
C MET B 273 -15.91 6.34 -24.09
N PRO B 274 -14.63 5.98 -24.30
CA PRO B 274 -14.28 5.35 -25.56
C PRO B 274 -14.78 3.92 -25.65
N GLU B 275 -14.52 3.33 -26.80
CA GLU B 275 -14.79 1.94 -27.04
C GLU B 275 -14.13 1.12 -25.95
N VAL B 276 -14.83 0.09 -25.47
CA VAL B 276 -14.38 -0.65 -24.32
C VAL B 276 -14.64 -2.14 -24.54
N GLU B 277 -13.60 -2.93 -24.22
CA GLU B 277 -13.67 -4.36 -24.19
C GLU B 277 -14.02 -4.81 -22.78
N VAL B 278 -14.93 -5.74 -22.66
CA VAL B 278 -15.31 -6.32 -21.40
C VAL B 278 -15.12 -7.82 -21.49
N TYR B 279 -14.30 -8.37 -20.58
CA TYR B 279 -14.04 -9.78 -20.55
C TYR B 279 -14.79 -10.41 -19.39
N TRP B 280 -15.27 -11.63 -19.58
CA TRP B 280 -15.96 -12.39 -18.59
C TRP B 280 -15.25 -13.72 -18.48
N TYR B 281 -15.04 -14.19 -17.22
CA TYR B 281 -14.49 -15.50 -16.99
C TYR B 281 -15.31 -16.19 -15.93
N ASP B 282 -15.55 -17.49 -16.08
CA ASP B 282 -16.18 -18.20 -14.97
C ASP B 282 -15.61 -19.61 -14.80
N GLY B 283 -16.14 -20.32 -13.80
CA GLY B 283 -15.84 -21.72 -13.58
C GLY B 283 -14.44 -22.01 -13.05
N GLY B 284 -13.76 -21.00 -12.45
CA GLY B 284 -12.38 -21.18 -11.87
C GLY B 284 -11.38 -20.25 -12.55
N LEU B 285 -11.66 -19.93 -13.81
CA LEU B 285 -10.78 -19.05 -14.57
C LEU B 285 -10.90 -17.64 -14.07
N LYS B 286 -9.75 -17.02 -14.06
CA LYS B 286 -9.59 -15.67 -13.55
C LYS B 286 -8.79 -14.83 -14.53
N PRO B 287 -9.01 -13.51 -14.51
CA PRO B 287 -8.11 -12.58 -15.17
C PRO B 287 -6.76 -12.62 -14.47
N ALA B 288 -5.77 -12.31 -15.27
CA ALA B 288 -4.44 -12.01 -14.81
C ALA B 288 -4.48 -10.92 -13.76
N ARG B 289 -3.54 -10.98 -12.84
CA ARG B 289 -3.53 -10.02 -11.75
C ARG B 289 -3.23 -8.67 -12.30
N PRO B 290 -3.97 -7.63 -11.92
CA PRO B 290 -3.64 -6.30 -12.40
C PRO B 290 -2.32 -5.82 -11.80
N GLU B 291 -1.56 -5.14 -12.64
CA GLU B 291 -0.35 -4.45 -12.23
C GLU B 291 -0.59 -3.54 -11.05
N GLY B 292 0.28 -3.60 -10.06
CA GLY B 292 0.22 -2.78 -8.85
C GLY B 292 -0.56 -3.44 -7.72
N LEU B 293 -1.38 -4.47 -7.97
CA LEU B 293 -2.17 -5.03 -6.86
C LEU B 293 -1.19 -5.81 -5.96
N PRO B 294 -1.24 -5.63 -4.64
CA PRO B 294 -0.34 -6.38 -3.77
C PRO B 294 -0.60 -7.89 -3.94
N ALA B 295 0.50 -8.62 -3.96
CA ALA B 295 0.50 -10.06 -3.90
C ALA B 295 -0.40 -10.46 -2.72
N GLY B 296 -1.21 -11.51 -2.93
CA GLY B 296 -2.00 -12.08 -1.86
C GLY B 296 -3.43 -11.52 -1.80
N LYS B 297 -3.67 -10.32 -2.32
CA LYS B 297 -5.02 -9.78 -2.23
C LYS B 297 -5.92 -10.60 -3.16
N ASP B 298 -6.98 -11.15 -2.60
CA ASP B 298 -7.93 -11.93 -3.32
C ASP B 298 -8.76 -11.03 -4.22
N LEU B 299 -8.85 -11.40 -5.53
CA LEU B 299 -9.72 -10.69 -6.49
C LEU B 299 -11.20 -11.06 -6.33
N ASN B 300 -11.47 -12.20 -5.69
CA ASN B 300 -12.81 -12.66 -5.46
C ASN B 300 -13.27 -12.05 -4.12
N MET B 301 -14.33 -11.24 -4.16
CA MET B 301 -15.01 -10.73 -3.00
C MET B 301 -16.48 -11.00 -3.25
N ALA B 302 -17.05 -11.85 -2.40
CA ALA B 302 -18.45 -12.20 -2.37
C ALA B 302 -18.91 -12.94 -3.63
N GLY B 303 -17.99 -13.61 -4.32
CA GLY B 303 -18.37 -14.52 -5.40
C GLY B 303 -17.80 -14.11 -6.77
N GLY B 304 -16.96 -13.09 -6.77
CA GLY B 304 -16.51 -12.55 -8.04
C GLY B 304 -15.79 -11.23 -7.92
N GLY B 305 -15.43 -10.69 -9.08
CA GLY B 305 -14.69 -9.46 -9.11
C GLY B 305 -14.86 -8.74 -10.45
N VAL B 306 -14.46 -7.49 -10.42
CA VAL B 306 -14.51 -6.58 -11.52
C VAL B 306 -13.27 -5.72 -11.44
N ILE B 307 -12.63 -5.55 -12.60
CA ILE B 307 -11.44 -4.74 -12.66
C ILE B 307 -11.64 -3.73 -13.76
N PHE B 308 -11.55 -2.43 -13.39
CA PHE B 308 -11.62 -1.42 -14.42
C PHE B 308 -10.25 -0.86 -14.65
N TYR B 309 -9.74 -0.97 -15.89
CA TYR B 309 -8.40 -0.52 -16.19
C TYR B 309 -8.48 0.87 -16.76
N GLY B 310 -8.30 1.88 -15.93
CA GLY B 310 -8.42 3.24 -16.41
C GLY B 310 -7.04 3.74 -16.78
N THR B 311 -6.97 4.86 -17.50
CA THR B 311 -5.68 5.45 -17.82
C THR B 311 -4.96 6.04 -16.61
N LYS B 312 -5.62 6.41 -15.51
CA LYS B 312 -4.93 6.98 -14.36
C LYS B 312 -4.89 6.00 -13.19
N ASP B 313 -5.69 4.96 -13.14
CA ASP B 313 -5.69 4.07 -11.98
C ASP B 313 -6.59 2.90 -12.33
N THR B 314 -6.68 1.94 -11.41
CA THR B 314 -7.40 0.71 -11.61
C THR B 314 -8.41 0.56 -10.49
N LEU B 315 -9.65 0.37 -10.82
CA LEU B 315 -10.72 0.29 -9.85
C LEU B 315 -11.17 -1.14 -9.80
N ILE B 316 -11.20 -1.68 -8.60
CA ILE B 316 -11.56 -3.06 -8.45
C ILE B 316 -12.72 -3.12 -7.48
N CYS B 317 -13.73 -3.94 -7.78
CA CYS B 317 -14.72 -4.24 -6.77
C CYS B 317 -15.08 -5.71 -6.82
N GLY B 318 -15.89 -6.09 -5.84
CA GLY B 318 -16.39 -7.43 -5.73
C GLY B 318 -17.71 -7.63 -6.47
N CYS B 319 -18.31 -8.80 -6.23
CA CYS B 319 -19.66 -9.06 -6.64
C CYS B 319 -20.58 -8.08 -5.93
N TYR B 320 -21.72 -7.73 -6.52
CA TYR B 320 -22.68 -6.82 -5.91
C TYR B 320 -22.06 -5.44 -5.75
N GLY B 321 -21.02 -5.18 -6.53
CA GLY B 321 -20.32 -3.90 -6.45
C GLY B 321 -19.60 -3.66 -5.12
N VAL B 322 -19.33 -4.71 -4.29
CA VAL B 322 -18.94 -4.45 -2.92
C VAL B 322 -17.50 -3.97 -2.83
N ASN B 323 -17.28 -3.14 -1.76
CA ASN B 323 -15.96 -2.74 -1.29
C ASN B 323 -15.04 -2.30 -2.45
N PRO B 324 -15.47 -1.35 -3.30
CA PRO B 324 -14.61 -0.82 -4.31
C PRO B 324 -13.37 -0.16 -3.71
N TYR B 325 -12.23 -0.32 -4.38
CA TYR B 325 -11.02 0.38 -4.06
C TYR B 325 -10.24 0.59 -5.34
N LEU B 326 -9.29 1.49 -5.23
CA LEU B 326 -8.35 1.81 -6.25
C LEU B 326 -7.05 1.11 -5.90
N VAL B 327 -6.37 0.58 -6.93
CA VAL B 327 -5.14 -0.14 -6.71
C VAL B 327 -4.05 0.80 -6.19
N SER B 328 -4.03 2.07 -6.57
CA SER B 328 -3.08 2.99 -5.96
C SER B 328 -3.25 3.13 -4.41
N GLY B 329 -4.36 2.68 -3.80
CA GLY B 329 -4.60 2.79 -2.37
C GLY B 329 -5.39 4.04 -2.03
N ARG B 330 -5.47 4.98 -2.97
CA ARG B 330 -6.16 6.24 -2.73
C ARG B 330 -7.65 5.98 -2.56
N VAL B 331 -8.25 6.77 -1.71
CA VAL B 331 -9.69 6.80 -1.46
C VAL B 331 -10.23 8.12 -1.96
N PRO B 332 -10.97 8.15 -3.09
CA PRO B 332 -11.48 9.41 -3.61
C PRO B 332 -12.56 9.94 -2.72
N ASN B 333 -12.78 11.22 -2.91
CA ASN B 333 -13.90 11.93 -2.35
C ASN B 333 -14.64 12.60 -3.51
N ALA B 334 -15.51 11.84 -4.17
CA ALA B 334 -16.12 12.30 -5.39
C ALA B 334 -17.48 12.93 -5.09
N PRO B 335 -17.99 13.87 -5.90
CA PRO B 335 -19.35 14.37 -5.76
C PRO B 335 -20.40 13.27 -5.77
N LYS B 336 -21.46 13.47 -4.97
CA LYS B 336 -22.55 12.49 -4.93
C LYS B 336 -23.49 12.81 -6.09
N VAL B 337 -23.95 11.81 -6.85
CA VAL B 337 -24.91 12.11 -7.90
C VAL B 337 -26.06 11.11 -7.84
N LEU B 338 -25.85 9.88 -7.38
CA LEU B 338 -26.94 8.90 -7.42
C LEU B 338 -27.81 8.90 -6.16
N ARG B 339 -29.11 8.67 -6.34
CA ARG B 339 -30.04 8.60 -5.21
C ARG B 339 -29.58 7.55 -4.23
N GLU B 340 -29.58 7.93 -2.96
CA GLU B 340 -29.08 7.07 -1.91
C GLU B 340 -30.25 6.25 -1.38
N ILE B 341 -30.27 4.93 -1.61
CA ILE B 341 -31.49 4.18 -1.43
C ILE B 341 -31.59 3.66 -0.01
N LYS B 342 -32.67 4.02 0.70
CA LYS B 342 -32.83 3.64 2.10
C LYS B 342 -33.65 2.36 2.31
N GLU B 343 -34.69 2.13 1.50
CA GLU B 343 -35.42 0.87 1.59
C GLU B 343 -34.61 -0.27 0.94
N SER B 344 -34.92 -1.51 1.34
CA SER B 344 -34.50 -2.73 0.65
C SER B 344 -34.77 -2.62 -0.84
N HIS B 345 -34.16 -3.54 -1.57
CA HIS B 345 -34.39 -3.63 -3.00
C HIS B 345 -35.86 -3.92 -3.31
N GLN B 346 -36.49 -4.73 -2.48
CA GLN B 346 -37.90 -5.03 -2.64
C GLN B 346 -38.76 -3.79 -2.36
N MET B 347 -38.48 -3.12 -1.22
CA MET B 347 -39.40 -2.08 -0.76
C MET B 347 -39.20 -0.81 -1.58
N ASP B 348 -37.97 -0.64 -2.16
CA ASP B 348 -37.78 0.56 -2.96
C ASP B 348 -38.66 0.47 -4.21
N TRP B 349 -38.87 -0.77 -4.72
CA TRP B 349 -39.77 -0.97 -5.84
C TRP B 349 -41.23 -0.68 -5.46
N VAL B 350 -41.64 -1.17 -4.30
CA VAL B 350 -42.99 -0.93 -3.80
C VAL B 350 -43.29 0.57 -3.74
N ARG B 351 -42.37 1.36 -3.18
CA ARG B 351 -42.47 2.80 -3.23
C ARG B 351 -42.78 3.31 -4.65
N ALA B 352 -41.98 2.90 -5.64
CA ALA B 352 -42.20 3.35 -7.00
C ALA B 352 -43.60 3.00 -7.51
N CYS B 353 -44.06 1.80 -7.11
CA CYS B 353 -45.32 1.28 -7.61
C CYS B 353 -46.42 2.24 -7.26
N LYS B 354 -46.27 2.94 -6.12
CA LYS B 354 -47.34 3.75 -5.54
C LYS B 354 -47.27 5.21 -5.96
N GLU B 355 -46.13 5.69 -6.44
CA GLU B 355 -46.09 7.04 -6.99
C GLU B 355 -46.79 7.07 -8.35
N ASP B 356 -47.53 8.15 -8.61
CA ASP B 356 -48.17 8.36 -9.89
C ASP B 356 -47.14 8.28 -11.00
N ALA B 357 -47.54 7.76 -12.17
CA ALA B 357 -46.60 7.42 -13.26
C ALA B 357 -45.87 8.65 -13.81
N ASP B 358 -46.56 9.78 -13.92
CA ASP B 358 -46.02 11.06 -14.33
C ASP B 358 -44.86 11.51 -13.44
N ASP B 359 -44.90 11.14 -12.15
CA ASP B 359 -44.06 11.72 -11.11
C ASP B 359 -42.95 10.76 -10.63
N ARG B 360 -43.00 9.52 -11.11
CA ARG B 360 -42.43 8.37 -10.41
C ARG B 360 -40.91 8.48 -10.40
N VAL B 361 -40.26 8.31 -9.24
CA VAL B 361 -38.82 8.07 -9.21
C VAL B 361 -38.58 6.57 -9.43
N PRO B 362 -38.04 6.13 -10.60
CA PRO B 362 -37.86 4.70 -10.85
C PRO B 362 -37.00 4.06 -9.76
N SER B 363 -37.29 2.79 -9.45
CA SER B 363 -36.38 2.05 -8.58
C SER B 363 -35.10 1.73 -9.38
N ALA B 364 -34.08 1.18 -8.70
CA ALA B 364 -32.73 1.12 -9.22
C ALA B 364 -32.57 0.13 -10.36
N SER B 365 -33.43 -0.89 -10.44
CA SER B 365 -33.33 -1.86 -11.51
C SER B 365 -34.55 -1.81 -12.40
N ASP B 366 -35.05 -0.59 -12.62
CA ASP B 366 -36.13 -0.37 -13.56
C ASP B 366 -35.70 -0.98 -14.89
N PHE B 367 -36.67 -1.54 -15.62
CA PHE B 367 -36.37 -2.27 -16.82
C PHE B 367 -35.77 -1.38 -17.89
N SER B 368 -35.88 -0.06 -17.77
CA SER B 368 -35.28 0.84 -18.74
C SER B 368 -33.76 0.73 -18.72
N GLU B 369 -33.17 0.40 -17.57
CA GLU B 369 -31.77 -0.01 -17.46
C GLU B 369 -31.64 -1.54 -17.53
N ALA B 370 -32.43 -2.27 -16.77
CA ALA B 370 -32.19 -3.68 -16.56
C ALA B 370 -32.43 -4.48 -17.85
N GLY B 371 -33.28 -3.99 -18.74
CA GLY B 371 -33.57 -4.67 -19.99
C GLY B 371 -32.32 -4.78 -20.86
N PRO B 372 -31.76 -3.62 -21.28
CA PRO B 372 -30.52 -3.57 -22.05
C PRO B 372 -29.36 -4.27 -21.32
N PHE B 373 -29.29 -4.11 -20.00
CA PHE B 373 -28.30 -4.81 -19.22
C PHE B 373 -28.44 -6.32 -19.36
N ASN B 374 -29.64 -6.85 -19.20
CA ASN B 374 -29.79 -8.28 -19.29
C ASN B 374 -29.48 -8.79 -20.70
N GLU B 375 -29.70 -7.96 -21.72
CA GLU B 375 -29.34 -8.35 -23.05
C GLU B 375 -27.82 -8.56 -23.14
N MET B 376 -27.00 -7.76 -22.47
CA MET B 376 -25.57 -8.11 -22.46
C MET B 376 -25.34 -9.46 -21.80
N VAL B 377 -25.95 -9.73 -20.64
CA VAL B 377 -25.74 -10.99 -19.93
C VAL B 377 -26.03 -12.23 -20.78
N VAL B 378 -27.18 -12.16 -21.42
CA VAL B 378 -27.72 -13.27 -22.18
C VAL B 378 -27.02 -13.42 -23.56
N MET B 379 -26.37 -12.37 -24.03
CA MET B 379 -25.52 -12.39 -25.21
C MET B 379 -24.28 -13.23 -24.97
N GLY B 380 -23.86 -13.33 -23.70
CA GLY B 380 -22.82 -14.27 -23.33
C GLY B 380 -23.15 -15.70 -23.73
N VAL B 381 -24.41 -16.08 -23.52
CA VAL B 381 -24.87 -17.40 -23.86
C VAL B 381 -24.81 -17.60 -25.36
N LEU B 382 -25.22 -16.60 -26.14
CA LEU B 382 -25.12 -16.69 -27.60
C LEU B 382 -23.69 -16.94 -28.06
N ALA B 383 -22.80 -16.06 -27.61
CA ALA B 383 -21.42 -16.17 -27.98
C ALA B 383 -20.89 -17.58 -27.71
N VAL B 384 -21.21 -18.12 -26.54
CA VAL B 384 -20.62 -19.41 -26.19
C VAL B 384 -21.21 -20.49 -27.10
N ARG B 385 -22.51 -20.42 -27.35
CA ARG B 385 -23.17 -21.50 -28.08
C ARG B 385 -22.86 -21.46 -29.57
N LEU B 386 -22.26 -20.34 -30.05
CA LEU B 386 -21.94 -20.16 -31.47
C LEU B 386 -20.44 -20.22 -31.71
N GLN B 387 -19.68 -20.67 -30.71
CA GLN B 387 -18.24 -20.58 -30.82
C GLN B 387 -17.76 -21.38 -32.03
N ASN B 388 -18.40 -22.48 -32.47
CA ASN B 388 -17.82 -23.27 -33.54
C ASN B 388 -17.86 -22.55 -34.89
N LEU B 389 -18.59 -21.45 -35.00
CA LEU B 389 -18.52 -20.62 -36.20
C LEU B 389 -17.15 -19.94 -36.39
N ASN B 390 -16.26 -19.92 -35.40
CA ASN B 390 -14.90 -19.43 -35.61
C ASN B 390 -14.89 -17.99 -36.12
N ARG B 391 -15.63 -17.13 -35.45
CA ARG B 391 -15.67 -15.74 -35.81
C ARG B 391 -16.01 -14.89 -34.62
N GLU B 392 -15.52 -13.64 -34.67
CA GLU B 392 -16.04 -12.60 -33.84
C GLU B 392 -17.45 -12.29 -34.37
N LEU B 393 -18.50 -12.36 -33.57
CA LEU B 393 -19.86 -12.12 -34.00
C LEU B 393 -20.17 -10.63 -33.94
N LEU B 394 -20.80 -10.09 -35.01
CA LEU B 394 -21.04 -8.67 -35.13
C LEU B 394 -22.50 -8.50 -34.89
N TRP B 395 -22.86 -7.71 -33.89
CA TRP B 395 -24.20 -7.62 -33.42
C TRP B 395 -24.85 -6.31 -33.88
N ASP B 396 -26.04 -6.44 -34.42
CA ASP B 396 -26.89 -5.29 -34.71
C ASP B 396 -27.97 -5.28 -33.64
N GLY B 397 -27.75 -4.43 -32.63
CA GLY B 397 -28.57 -4.34 -31.44
C GLY B 397 -29.98 -3.89 -31.77
N PRO B 398 -30.12 -2.77 -32.51
CA PRO B 398 -31.47 -2.29 -32.84
C PRO B 398 -32.32 -3.38 -33.46
N ASN B 399 -31.77 -4.18 -34.40
CA ASN B 399 -32.52 -5.23 -35.09
C ASN B 399 -32.36 -6.62 -34.50
N MET B 400 -31.67 -6.78 -33.36
CA MET B 400 -31.59 -8.06 -32.68
C MET B 400 -31.18 -9.17 -33.63
N ARG B 401 -30.13 -8.91 -34.41
CA ARG B 401 -29.51 -9.96 -35.18
C ARG B 401 -28.01 -9.80 -35.30
N PHE B 402 -27.35 -10.93 -35.50
CA PHE B 402 -25.97 -10.94 -35.96
C PHE B 402 -25.95 -10.64 -37.45
N THR B 403 -24.95 -9.88 -37.90
CA THR B 403 -24.86 -9.53 -39.29
C THR B 403 -23.88 -10.43 -40.02
N ASN B 404 -23.04 -11.28 -39.39
CA ASN B 404 -22.03 -11.93 -40.17
C ASN B 404 -22.03 -13.43 -40.02
N ILE B 405 -23.20 -14.03 -39.92
CA ILE B 405 -23.28 -15.50 -39.97
C ILE B 405 -23.59 -15.88 -41.38
N PRO B 406 -22.73 -16.58 -42.12
CA PRO B 406 -23.01 -16.99 -43.50
C PRO B 406 -24.26 -17.86 -43.63
N ASP B 407 -24.98 -17.62 -44.73
CA ASP B 407 -26.20 -18.32 -45.13
C ASP B 407 -26.11 -19.83 -45.02
N ASP B 408 -24.97 -20.40 -45.38
CA ASP B 408 -24.86 -21.86 -45.50
C ASP B 408 -24.04 -22.50 -44.35
N ALA B 409 -23.65 -21.72 -43.33
CA ALA B 409 -22.92 -22.26 -42.21
C ALA B 409 -23.85 -23.19 -41.44
N THR B 410 -23.28 -24.21 -40.86
CA THR B 410 -24.04 -25.11 -40.01
C THR B 410 -23.37 -25.22 -38.66
N ILE B 411 -24.12 -25.64 -37.66
CA ILE B 411 -23.65 -25.72 -36.29
C ILE B 411 -24.11 -27.05 -35.73
N SER B 412 -23.17 -27.75 -35.10
CA SER B 412 -23.57 -28.89 -34.30
C SER B 412 -22.85 -28.88 -32.94
N ALA B 413 -23.39 -29.67 -32.04
CA ALA B 413 -22.95 -29.67 -30.66
C ALA B 413 -22.76 -31.13 -30.26
N VAL B 414 -21.92 -31.31 -29.25
CA VAL B 414 -21.71 -32.64 -28.72
C VAL B 414 -22.94 -33.03 -27.89
N ILE B 415 -23.40 -34.25 -28.08
CA ILE B 415 -24.45 -34.80 -27.23
C ILE B 415 -23.81 -35.51 -26.04
N LYS B 416 -22.81 -36.32 -26.27
CA LYS B 416 -22.24 -37.08 -25.18
C LYS B 416 -20.82 -37.44 -25.56
N ASP B 417 -19.91 -37.15 -24.62
CA ASP B 417 -18.53 -37.56 -24.70
C ASP B 417 -18.51 -39.08 -24.44
N GLY B 418 -17.81 -39.83 -25.30
CA GLY B 418 -17.89 -41.28 -25.24
C GLY B 418 -16.49 -41.88 -25.01
N PHE B 419 -15.59 -41.12 -24.37
CA PHE B 419 -14.20 -41.51 -24.20
C PHE B 419 -14.20 -42.85 -23.49
N HIS B 420 -13.34 -43.77 -23.90
CA HIS B 420 -13.25 -45.03 -23.21
C HIS B 420 -11.82 -45.57 -23.40
N ILE B 421 -11.31 -46.34 -22.45
CA ILE B 421 -10.05 -47.05 -22.55
C ILE B 421 -10.33 -48.53 -22.45
N LYS B 422 -9.77 -49.32 -23.35
CA LYS B 422 -9.87 -50.75 -23.41
C LYS B 422 -8.48 -51.36 -23.38
N ASP B 423 -8.06 -52.01 -22.27
CA ASP B 423 -6.76 -52.68 -22.21
C ASP B 423 -5.63 -51.66 -22.49
N GLY B 424 -5.77 -50.45 -21.97
CA GLY B 424 -4.82 -49.39 -22.26
C GLY B 424 -5.00 -48.53 -23.52
N HIS B 425 -5.82 -48.94 -24.48
CA HIS B 425 -5.98 -48.22 -25.73
C HIS B 425 -7.13 -47.24 -25.67
N PRO B 426 -6.90 -45.92 -25.77
CA PRO B 426 -7.96 -44.96 -25.71
C PRO B 426 -8.73 -44.88 -27.03
N THR B 427 -10.01 -44.60 -26.93
CA THR B 427 -10.96 -44.33 -28.00
C THR B 427 -11.59 -43.02 -27.70
N PHE B 428 -11.74 -42.18 -28.72
CA PHE B 428 -12.25 -40.84 -28.53
C PHE B 428 -13.61 -40.58 -29.13
N ASP B 429 -14.58 -41.44 -28.91
CA ASP B 429 -15.86 -41.25 -29.55
C ASP B 429 -16.68 -40.18 -28.81
N LYS B 430 -17.56 -39.58 -29.62
CA LYS B 430 -18.52 -38.62 -29.15
C LYS B 430 -19.59 -38.50 -30.21
N THR B 431 -20.83 -38.53 -29.75
CA THR B 431 -21.97 -38.27 -30.58
C THR B 431 -22.08 -36.74 -30.75
N TRP B 432 -22.47 -36.36 -31.97
CA TRP B 432 -22.78 -35.01 -32.35
C TRP B 432 -24.22 -34.92 -32.81
N THR B 433 -24.87 -33.76 -32.61
CA THR B 433 -26.14 -33.52 -33.28
C THR B 433 -25.91 -33.44 -34.78
N ASP B 434 -26.93 -33.75 -35.54
CA ASP B 434 -27.02 -33.45 -36.95
C ASP B 434 -26.85 -31.95 -37.19
N PRO B 435 -25.99 -31.54 -38.12
CA PRO B 435 -25.77 -30.11 -38.37
C PRO B 435 -27.11 -29.40 -38.72
N VAL B 436 -27.37 -28.25 -38.10
CA VAL B 436 -28.50 -27.42 -38.46
C VAL B 436 -27.98 -26.10 -39.02
N ASN B 437 -28.85 -25.37 -39.71
CA ASN B 437 -28.48 -24.09 -40.26
C ASN B 437 -28.14 -23.09 -39.14
N ALA B 438 -26.98 -22.42 -39.25
CA ALA B 438 -26.47 -21.62 -38.14
C ALA B 438 -27.26 -20.35 -37.95
N GLN B 439 -27.68 -19.71 -39.06
CA GLN B 439 -28.48 -18.51 -38.89
C GLN B 439 -29.78 -18.83 -38.20
N GLN B 440 -30.48 -19.87 -38.66
CA GLN B 440 -31.73 -20.22 -37.98
C GLN B 440 -31.49 -20.65 -36.54
N PHE B 441 -30.39 -21.37 -36.24
CA PHE B 441 -30.18 -21.73 -34.83
C PHE B 441 -29.96 -20.49 -33.99
N ALA B 442 -29.20 -19.52 -34.51
CA ALA B 442 -28.94 -18.28 -33.78
C ALA B 442 -30.22 -17.48 -33.57
N GLN B 443 -30.98 -17.31 -34.63
CA GLN B 443 -32.21 -16.53 -34.58
C GLN B 443 -33.17 -17.09 -33.54
N GLU B 444 -33.21 -18.42 -33.46
CA GLU B 444 -34.07 -19.14 -32.52
C GLU B 444 -33.57 -18.99 -31.08
N LEU B 445 -32.24 -18.95 -30.86
CA LEU B 445 -31.76 -18.61 -29.53
C LEU B 445 -32.06 -17.16 -29.13
N ILE B 446 -31.96 -16.21 -30.06
CA ILE B 446 -32.28 -14.80 -29.81
C ILE B 446 -33.78 -14.65 -29.50
N LYS B 447 -34.64 -15.35 -30.26
CA LYS B 447 -36.08 -15.31 -30.07
C LYS B 447 -36.68 -16.71 -30.19
N HIS B 448 -37.10 -17.34 -29.09
CA HIS B 448 -37.55 -18.72 -29.16
C HIS B 448 -38.90 -18.77 -29.85
N THR B 449 -39.14 -19.86 -30.61
CA THR B 449 -40.47 -20.30 -31.02
C THR B 449 -41.16 -20.91 -29.82
N TYR B 450 -42.16 -20.25 -29.28
CA TYR B 450 -42.85 -20.76 -28.12
C TYR B 450 -43.65 -22.01 -28.54
N ARG B 451 -43.68 -23.00 -27.65
CA ARG B 451 -44.52 -24.17 -27.80
C ARG B 451 -45.97 -23.71 -27.89
N ASP B 452 -46.79 -24.41 -28.70
CA ASP B 452 -48.16 -24.00 -28.99
C ASP B 452 -48.93 -23.92 -27.68
N GLY B 453 -49.76 -22.88 -27.52
CA GLY B 453 -50.49 -22.62 -26.29
C GLY B 453 -49.83 -21.55 -25.40
N TRP B 454 -48.65 -21.07 -25.80
CA TRP B 454 -47.89 -20.11 -25.03
C TRP B 454 -47.44 -18.99 -25.96
N LYS B 455 -47.83 -17.77 -25.61
CA LYS B 455 -47.77 -16.65 -26.54
C LYS B 455 -47.26 -15.45 -25.74
N LEU B 456 -46.26 -14.77 -26.31
CA LEU B 456 -45.84 -13.47 -25.83
C LEU B 456 -46.81 -12.42 -26.36
N PRO B 457 -47.05 -11.33 -25.62
CA PRO B 457 -47.62 -10.16 -26.27
C PRO B 457 -46.73 -9.62 -27.40
N ASP B 458 -47.35 -8.91 -28.36
CA ASP B 458 -46.65 -8.37 -29.52
C ASP B 458 -45.72 -7.24 -29.05
N MET B 459 -44.61 -7.07 -29.77
CA MET B 459 -43.80 -5.87 -29.63
C MET B 459 -44.66 -4.64 -29.99
N PRO B 460 -44.80 -3.60 -29.15
CA PRO B 460 -45.56 -2.39 -29.51
C PRO B 460 -45.14 -1.62 -30.76
N ARG B 461 -46.17 -1.09 -31.48
CA ARG B 461 -46.14 -0.11 -32.56
C ARG B 461 -46.43 -0.76 -33.93
N SER C 10 61.78 2.60 17.10
CA SER C 10 60.53 1.80 17.24
C SER C 10 59.84 1.58 15.88
N ASP C 11 58.55 1.28 15.97
CA ASP C 11 57.59 1.50 14.90
C ASP C 11 56.91 2.83 15.26
N LYS C 12 57.36 3.99 14.72
CA LYS C 12 56.54 5.20 14.85
C LYS C 12 55.83 5.51 13.54
N LEU C 13 54.51 5.68 13.60
CA LEU C 13 53.71 5.93 12.42
C LEU C 13 54.05 7.29 11.83
N ASN C 14 54.13 7.35 10.51
CA ASN C 14 54.20 8.60 9.78
C ASN C 14 52.78 9.01 9.39
N ILE C 15 52.34 10.14 9.94
CA ILE C 15 50.97 10.58 9.89
C ILE C 15 50.92 11.89 9.12
N LEU C 16 49.95 11.98 8.22
CA LEU C 16 49.57 13.25 7.61
C LEU C 16 48.29 13.73 8.24
N GLY C 17 48.26 15.02 8.61
CA GLY C 17 47.04 15.62 9.11
C GLY C 17 46.38 16.48 8.04
N VAL C 18 45.07 16.35 7.89
CA VAL C 18 44.30 17.19 7.00
C VAL C 18 43.13 17.77 7.76
N GLY C 19 43.10 19.11 7.88
CA GLY C 19 42.14 19.80 8.72
C GLY C 19 42.61 19.82 10.18
N ILE C 20 43.34 20.87 10.57
CA ILE C 20 44.16 20.80 11.79
C ILE C 20 43.87 21.96 12.75
N GLY C 21 43.14 23.02 12.27
CA GLY C 21 43.02 24.26 13.00
C GLY C 21 42.09 24.21 14.21
N GLY C 22 41.11 23.32 14.20
CA GLY C 22 40.16 23.21 15.30
C GLY C 22 40.35 21.89 16.03
N ARG C 23 39.39 20.97 15.89
CA ARG C 23 39.48 19.69 16.58
C ARG C 23 40.76 18.95 16.19
N GLY C 24 41.19 19.10 14.93
CA GLY C 24 42.39 18.41 14.46
C GLY C 24 43.56 18.67 15.39
N SER C 25 43.58 19.87 15.98
CA SER C 25 44.60 20.32 16.90
C SER C 25 44.78 19.34 18.06
N SER C 26 43.67 18.95 18.68
CA SER C 26 43.65 18.07 19.84
C SER C 26 43.95 16.63 19.43
N VAL C 27 43.43 16.24 18.27
CA VAL C 27 43.64 14.89 17.78
C VAL C 27 45.16 14.73 17.50
N LEU C 28 45.79 15.73 16.86
CA LEU C 28 47.23 15.71 16.65
C LEU C 28 48.00 15.68 17.97
N ARG C 29 47.54 16.39 19.01
CA ARG C 29 48.17 16.31 20.32
C ARG C 29 48.15 14.87 20.83
N GLY C 30 47.03 14.19 20.66
CA GLY C 30 46.92 12.78 21.05
C GLY C 30 47.85 11.82 20.27
N LEU C 31 48.29 12.22 19.05
CA LEU C 31 49.10 11.38 18.15
C LEU C 31 50.56 11.83 18.07
N GLU C 32 50.93 12.83 18.89
CA GLU C 32 52.18 13.57 18.87
C GLU C 32 53.41 12.68 19.09
N SER C 33 53.23 11.57 19.82
CA SER C 33 54.31 10.63 20.06
C SER C 33 54.73 9.95 18.74
N GLN C 34 53.88 10.05 17.70
CA GLN C 34 54.23 9.54 16.38
C GLN C 34 54.88 10.66 15.53
N ASN C 35 54.97 10.43 14.23
CA ASN C 35 55.69 11.33 13.35
C ASN C 35 54.68 12.15 12.56
N ILE C 36 54.64 13.45 12.85
CA ILE C 36 53.71 14.29 12.12
C ILE C 36 54.51 14.86 10.94
N ILE C 37 54.38 14.28 9.75
CA ILE C 37 55.36 14.61 8.72
C ILE C 37 54.78 15.60 7.72
N GLY C 38 53.46 15.69 7.64
CA GLY C 38 52.85 16.60 6.71
C GLY C 38 51.48 17.03 7.20
N LEU C 39 51.18 18.32 7.03
CA LEU C 39 49.94 18.90 7.50
C LEU C 39 49.35 19.68 6.35
N CYS C 40 48.05 19.52 6.16
CA CYS C 40 47.30 20.25 5.15
C CYS C 40 46.17 21.00 5.83
N ASP C 41 46.08 22.31 5.54
CA ASP C 41 44.91 23.05 5.96
C ASP C 41 44.66 24.13 4.93
N VAL C 42 43.40 24.35 4.56
CA VAL C 42 43.10 25.35 3.57
C VAL C 42 43.28 26.74 4.16
N ASP C 43 43.30 26.86 5.50
CA ASP C 43 43.25 28.16 6.13
C ASP C 43 44.51 28.40 6.96
N TRP C 44 45.47 29.16 6.38
CA TRP C 44 46.78 29.29 7.00
C TRP C 44 46.76 30.36 8.09
N LYS C 45 45.65 31.09 8.27
CA LYS C 45 45.51 31.97 9.42
C LYS C 45 44.98 31.20 10.62
N TYR C 46 43.84 30.54 10.46
CA TYR C 46 43.22 29.85 11.58
C TYR C 46 44.11 28.73 12.08
N ALA C 47 44.84 28.11 11.15
CA ALA C 47 45.60 26.91 11.46
C ALA C 47 47.06 27.20 11.78
N ASP C 48 47.41 28.48 11.88
CA ASP C 48 48.78 28.91 12.03
C ASP C 48 49.42 28.23 13.23
N HIS C 49 48.79 28.44 14.40
CA HIS C 49 49.36 27.99 15.66
C HIS C 49 49.65 26.50 15.58
N VAL C 50 48.90 25.73 14.75
CA VAL C 50 49.11 24.29 14.72
C VAL C 50 50.34 23.94 13.87
N PHE C 51 50.52 24.59 12.72
CA PHE C 51 51.72 24.37 11.92
C PHE C 51 52.98 24.71 12.72
N LYS C 52 52.88 25.65 13.65
CA LYS C 52 54.02 26.08 14.41
C LYS C 52 54.30 25.22 15.65
N ARG C 53 53.42 24.26 15.96
CA ARG C 53 53.73 23.27 16.99
C ARG C 53 54.52 22.15 16.35
N TYR C 54 54.45 22.02 15.01
CA TYR C 54 55.14 20.94 14.29
C TYR C 54 56.01 21.53 13.17
N PRO C 55 57.09 22.27 13.50
CA PRO C 55 57.86 22.99 12.48
C PRO C 55 58.51 22.12 11.39
N ALA C 56 58.66 20.83 11.64
CA ALA C 56 59.31 19.91 10.71
C ALA C 56 58.32 19.32 9.68
N ALA C 57 57.00 19.44 9.90
CA ALA C 57 56.09 18.91 8.91
C ALA C 57 56.00 19.83 7.70
N LYS C 58 55.91 19.26 6.49
CA LYS C 58 55.52 19.97 5.27
C LYS C 58 54.14 20.63 5.43
N LYS C 59 53.99 21.90 5.02
CA LYS C 59 52.72 22.59 4.98
C LYS C 59 52.11 22.50 3.59
N TYR C 60 50.83 22.18 3.51
CA TYR C 60 50.08 22.30 2.27
C TYR C 60 48.74 22.95 2.54
N ASN C 61 48.13 23.44 1.46
CA ASN C 61 46.80 24.01 1.55
C ASN C 61 45.86 23.30 0.57
N ASP C 62 46.28 22.17 0.00
CA ASP C 62 45.42 21.32 -0.81
C ASP C 62 45.83 19.89 -0.55
N TYR C 63 44.89 19.06 -0.05
CA TYR C 63 45.27 17.71 0.35
C TYR C 63 45.79 16.91 -0.84
N ARG C 64 45.24 17.12 -2.05
CA ARG C 64 45.65 16.34 -3.22
C ARG C 64 47.11 16.59 -3.57
N LYS C 65 47.54 17.85 -3.45
CA LYS C 65 48.93 18.23 -3.59
C LYS C 65 49.78 17.47 -2.56
N MET C 66 49.32 17.49 -1.30
CA MET C 66 50.12 16.88 -0.25
C MET C 66 50.19 15.38 -0.49
N PHE C 67 49.08 14.77 -0.92
CA PHE C 67 49.08 13.34 -1.14
C PHE C 67 50.05 12.94 -2.25
N ASP C 68 50.09 13.70 -3.36
CA ASP C 68 50.89 13.28 -4.51
C ASP C 68 52.33 13.76 -4.36
N GLU C 69 52.73 14.19 -3.15
CA GLU C 69 54.12 14.38 -2.80
C GLU C 69 54.49 13.52 -1.59
N MET C 70 53.54 13.16 -0.74
CA MET C 70 53.96 12.59 0.53
C MET C 70 53.35 11.24 0.89
N LEU C 71 52.44 10.73 0.05
CA LEU C 71 51.77 9.47 0.37
C LEU C 71 52.78 8.32 0.32
N LYS C 72 53.89 8.47 -0.42
CA LYS C 72 54.99 7.51 -0.32
C LYS C 72 55.47 7.38 1.13
N SER C 73 55.83 8.51 1.76
CA SER C 73 56.43 8.55 3.09
C SER C 73 55.45 8.17 4.20
N ALA C 74 54.14 8.11 3.95
CA ALA C 74 53.15 8.08 5.03
C ALA C 74 52.66 6.67 5.28
N ASP C 75 52.17 6.40 6.50
CA ASP C 75 51.42 5.19 6.85
C ASP C 75 49.92 5.46 7.05
N ALA C 76 49.59 6.70 7.47
CA ALA C 76 48.28 7.01 8.03
C ALA C 76 47.88 8.45 7.74
N VAL C 77 46.58 8.74 7.79
CA VAL C 77 46.09 10.07 7.61
C VAL C 77 45.03 10.34 8.66
N MET C 78 45.12 11.50 9.30
CA MET C 78 44.11 12.03 10.22
C MET C 78 43.26 13.07 9.49
N VAL C 79 41.94 12.90 9.52
CA VAL C 79 41.06 13.82 8.83
C VAL C 79 40.14 14.52 9.84
N ALA C 80 40.24 15.85 9.95
CA ALA C 80 39.35 16.64 10.80
C ALA C 80 38.93 17.93 10.08
N THR C 81 38.51 17.75 8.82
CA THR C 81 37.97 18.81 8.00
C THR C 81 36.48 18.97 8.22
N ALA C 82 35.89 19.93 7.49
CA ALA C 82 34.45 20.00 7.36
C ALA C 82 33.90 18.69 6.81
N ASP C 83 32.65 18.37 7.17
CA ASP C 83 32.09 17.04 7.00
C ASP C 83 32.11 16.57 5.55
N HIS C 84 31.81 17.47 4.60
CA HIS C 84 31.61 17.11 3.20
C HIS C 84 32.88 16.59 2.55
N THR C 85 34.05 16.95 3.07
CA THR C 85 35.31 16.45 2.51
C THR C 85 35.89 15.23 3.22
N HIS C 86 35.32 14.77 4.32
CA HIS C 86 35.91 13.63 5.01
C HIS C 86 36.09 12.45 4.09
N ALA C 87 35.04 12.15 3.32
CA ALA C 87 35.01 10.92 2.55
C ALA C 87 36.06 10.93 1.46
N ILE C 88 36.16 12.03 0.69
CA ILE C 88 36.99 11.96 -0.49
C ILE C 88 38.44 11.86 -0.03
N ILE C 89 38.76 12.55 1.08
CA ILE C 89 40.11 12.46 1.63
C ILE C 89 40.40 11.06 2.14
N ALA C 90 39.55 10.55 3.05
CA ALA C 90 39.80 9.24 3.60
C ALA C 90 39.89 8.21 2.49
N ALA C 91 39.02 8.29 1.47
CA ALA C 91 39.00 7.27 0.42
C ALA C 91 40.31 7.26 -0.38
N ASP C 92 40.87 8.45 -0.65
CA ASP C 92 42.09 8.56 -1.44
C ASP C 92 43.25 8.00 -0.63
N ALA C 93 43.18 8.18 0.69
CA ALA C 93 44.22 7.69 1.57
C ALA C 93 44.14 6.18 1.61
N MET C 94 42.95 5.64 1.77
CA MET C 94 42.81 4.20 1.95
C MET C 94 43.19 3.46 0.67
N THR C 95 42.75 3.98 -0.49
CA THR C 95 43.05 3.34 -1.75
C THR C 95 44.56 3.32 -1.99
N ALA C 96 45.33 4.22 -1.38
CA ALA C 96 46.79 4.16 -1.38
C ALA C 96 47.38 3.26 -0.28
N GLY C 97 46.55 2.47 0.41
CA GLY C 97 47.02 1.55 1.45
C GLY C 97 47.34 2.22 2.80
N LYS C 98 46.61 3.29 3.15
CA LYS C 98 46.91 4.02 4.38
C LYS C 98 45.76 3.88 5.37
N HIS C 99 46.15 3.85 6.65
CA HIS C 99 45.24 3.84 7.78
C HIS C 99 44.62 5.24 7.94
N VAL C 100 43.42 5.33 8.49
CA VAL C 100 42.74 6.63 8.57
C VAL C 100 42.01 6.79 9.90
N TYR C 101 42.22 7.95 10.53
CA TYR C 101 41.38 8.43 11.61
C TYR C 101 40.56 9.58 11.04
N VAL C 102 39.24 9.48 11.11
CA VAL C 102 38.33 10.45 10.52
C VAL C 102 37.36 10.94 11.58
N GLU C 103 37.25 12.26 11.76
CA GLU C 103 36.34 12.79 12.76
C GLU C 103 34.88 12.39 12.47
N LYS C 104 34.11 12.38 13.57
CA LYS C 104 32.68 12.24 13.53
C LYS C 104 32.08 13.53 12.96
N PRO C 105 30.96 13.51 12.20
CA PRO C 105 30.36 12.27 11.68
C PRO C 105 31.24 11.79 10.55
N LEU C 106 31.32 10.47 10.39
CA LEU C 106 32.34 9.86 9.54
C LEU C 106 32.32 10.48 8.15
N THR C 107 31.13 10.54 7.56
CA THR C 107 30.93 11.13 6.24
C THR C 107 29.68 11.98 6.23
N HIS C 108 29.56 12.76 5.17
CA HIS C 108 28.45 13.66 4.95
C HIS C 108 27.24 12.87 4.49
N THR C 109 27.46 11.77 3.73
CA THR C 109 26.35 11.03 3.17
C THR C 109 26.37 9.54 3.52
N VAL C 110 25.17 8.95 3.40
CA VAL C 110 25.00 7.51 3.49
C VAL C 110 25.96 6.75 2.57
N TYR C 111 25.94 7.09 1.28
CA TYR C 111 26.72 6.36 0.29
C TYR C 111 28.19 6.41 0.69
N GLU C 112 28.68 7.61 1.06
CA GLU C 112 30.08 7.76 1.43
C GLU C 112 30.43 6.85 2.63
N SER C 113 29.51 6.68 3.60
CA SER C 113 29.85 5.80 4.70
C SER C 113 30.02 4.36 4.22
N ARG C 114 29.10 3.90 3.34
CA ARG C 114 29.21 2.55 2.83
C ARG C 114 30.56 2.38 2.14
N LEU C 115 30.95 3.40 1.36
CA LEU C 115 32.18 3.31 0.61
C LEU C 115 33.41 3.23 1.54
N LEU C 116 33.46 4.06 2.59
CA LEU C 116 34.62 4.02 3.48
C LEU C 116 34.74 2.67 4.16
N THR C 117 33.59 2.12 4.56
CA THR C 117 33.56 0.79 5.16
C THR C 117 34.17 -0.27 4.25
N LYS C 118 33.79 -0.26 2.98
CA LYS C 118 34.18 -1.33 2.09
C LYS C 118 35.62 -1.17 1.63
N LEU C 119 36.13 0.08 1.60
CA LEU C 119 37.54 0.33 1.33
C LEU C 119 38.43 -0.16 2.47
N ALA C 120 37.97 0.00 3.70
CA ALA C 120 38.70 -0.46 4.90
C ALA C 120 38.90 -1.96 4.88
N ASP C 121 37.84 -2.67 4.51
CA ASP C 121 37.85 -4.10 4.23
C ASP C 121 38.84 -4.45 3.12
N LYS C 122 38.69 -3.77 1.97
CA LYS C 122 39.40 -4.18 0.79
C LYS C 122 40.90 -4.00 1.02
N TYR C 123 41.32 -2.82 1.50
CA TYR C 123 42.74 -2.50 1.68
C TYR C 123 43.23 -2.99 3.04
N LYS C 124 42.36 -3.50 3.92
CA LYS C 124 42.74 -4.13 5.19
C LYS C 124 43.56 -3.19 6.06
N VAL C 125 43.12 -1.94 6.11
CA VAL C 125 43.75 -0.92 6.92
C VAL C 125 42.94 -0.73 8.20
N ALA C 126 43.60 -0.18 9.22
CA ALA C 126 42.96 0.15 10.49
C ALA C 126 42.29 1.52 10.38
N THR C 127 41.12 1.64 10.98
CA THR C 127 40.29 2.81 10.85
C THR C 127 39.73 3.17 12.22
N GLN C 128 39.39 4.46 12.40
CA GLN C 128 38.81 4.90 13.65
C GLN C 128 38.00 6.14 13.38
N MET C 129 36.71 6.11 13.68
CA MET C 129 35.94 7.33 13.66
C MET C 129 36.20 8.01 14.99
N GLY C 130 36.17 9.35 15.01
CA GLY C 130 36.62 10.14 16.14
C GLY C 130 35.54 10.35 17.22
N ASN C 131 34.64 9.39 17.44
CA ASN C 131 33.72 9.48 18.58
C ASN C 131 34.38 8.86 19.83
N GLN C 132 35.13 9.68 20.57
CA GLN C 132 36.08 9.21 21.58
C GLN C 132 35.35 8.54 22.75
N GLY C 133 34.06 8.83 22.95
CA GLY C 133 33.25 8.13 23.97
C GLY C 133 33.27 6.61 23.82
N ALA C 134 33.50 6.13 22.57
CA ALA C 134 33.48 4.70 22.30
C ALA C 134 34.63 3.98 23.02
N SER C 135 35.64 4.76 23.47
CA SER C 135 36.82 4.18 24.11
C SER C 135 36.75 4.39 25.63
N ASP C 136 35.66 4.96 26.16
CA ASP C 136 35.59 5.18 27.60
C ASP C 136 34.80 4.07 28.30
N GLU C 137 34.79 4.18 29.62
CA GLU C 137 34.12 3.22 30.49
C GLU C 137 32.59 3.30 30.43
N GLY C 138 32.02 4.51 30.38
CA GLY C 138 30.56 4.62 30.36
C GLY C 138 29.84 3.63 29.43
N VAL C 139 30.18 3.63 28.17
CA VAL C 139 29.50 2.73 27.25
C VAL C 139 29.65 1.30 27.71
N ARG C 140 30.86 0.92 28.20
CA ARG C 140 31.08 -0.45 28.57
C ARG C 140 30.04 -0.81 29.62
N LYS C 141 29.78 0.09 30.57
CA LYS C 141 28.78 -0.19 31.57
C LYS C 141 27.38 -0.28 30.97
N VAL C 142 27.05 0.64 30.08
CA VAL C 142 25.70 0.63 29.57
C VAL C 142 25.49 -0.71 28.86
N CYS C 143 26.49 -1.18 28.08
CA CYS C 143 26.33 -2.39 27.30
C CYS C 143 26.20 -3.58 28.26
N GLU C 144 27.13 -3.65 29.20
CA GLU C 144 27.15 -4.76 30.13
C GLU C 144 25.90 -4.81 31.01
N TRP C 145 25.34 -3.66 31.37
CA TRP C 145 24.13 -3.74 32.16
C TRP C 145 23.00 -4.28 31.34
N ILE C 146 22.82 -3.73 30.12
CA ILE C 146 21.71 -4.13 29.30
C ILE C 146 21.82 -5.60 28.98
N TRP C 147 23.02 -6.07 28.58
CA TRP C 147 23.22 -7.43 28.14
C TRP C 147 23.02 -8.44 29.27
N ASN C 148 23.25 -8.00 30.52
CA ASN C 148 23.00 -8.88 31.65
C ASN C 148 21.56 -8.83 32.17
N GLY C 149 20.68 -8.07 31.51
CA GLY C 149 19.28 -8.09 31.89
C GLY C 149 18.96 -7.11 33.03
N GLU C 150 19.83 -6.16 33.29
CA GLU C 150 19.66 -5.28 34.45
C GLU C 150 18.45 -4.36 34.30
N ILE C 151 18.05 -4.00 33.08
CA ILE C 151 16.91 -3.12 32.94
C ILE C 151 15.74 -3.78 32.23
N GLY C 152 15.88 -5.07 31.91
CA GLY C 152 14.88 -5.74 31.11
C GLY C 152 15.02 -5.33 29.64
N GLU C 153 13.98 -5.56 28.87
CA GLU C 153 13.93 -5.23 27.44
C GLU C 153 13.62 -3.75 27.22
N VAL C 154 14.08 -3.23 26.10
CA VAL C 154 14.01 -1.81 25.79
C VAL C 154 13.31 -1.64 24.44
N ARG C 155 12.13 -1.02 24.54
CA ARG C 155 11.26 -0.71 23.41
C ARG C 155 11.28 0.77 23.10
N LYS C 156 11.92 1.59 23.91
CA LYS C 156 11.86 3.01 23.74
C LYS C 156 13.12 3.59 24.35
N VAL C 157 13.77 4.44 23.58
CA VAL C 157 14.90 5.24 23.97
C VAL C 157 14.68 6.68 23.55
N GLU C 158 14.96 7.59 24.46
CA GLU C 158 14.89 9.01 24.20
C GLU C 158 16.23 9.67 24.37
N THR C 159 16.59 10.56 23.44
CA THR C 159 17.92 11.10 23.41
C THR C 159 17.86 12.54 22.99
N PHE C 160 18.86 13.30 23.41
CA PHE C 160 18.89 14.68 23.00
C PHE C 160 20.24 15.32 23.21
N THR C 161 20.43 16.43 22.50
CA THR C 161 21.59 17.29 22.72
C THR C 161 21.09 18.72 22.85
N ASP C 162 21.94 19.54 23.50
CA ASP C 162 21.71 20.97 23.62
C ASP C 162 22.22 21.69 22.37
N ARG C 163 22.93 20.99 21.48
CA ARG C 163 23.33 21.62 20.24
C ARG C 163 22.07 21.90 19.39
N PRO C 164 22.09 22.80 18.37
CA PRO C 164 23.26 23.55 17.95
C PRO C 164 23.64 24.73 18.86
N ILE C 165 24.96 25.01 18.90
CA ILE C 165 25.41 26.21 19.59
C ILE C 165 25.81 27.27 18.55
N TRP C 166 26.19 26.79 17.36
CA TRP C 166 26.55 27.67 16.26
C TRP C 166 25.28 28.10 15.55
N PRO C 167 25.24 29.24 14.82
CA PRO C 167 23.98 29.74 14.22
C PRO C 167 23.43 28.84 13.12
N GLN C 168 22.13 28.55 13.24
CA GLN C 168 21.42 27.78 12.23
C GLN C 168 20.20 28.59 11.76
N GLY C 169 19.48 28.01 10.81
CA GLY C 169 18.30 28.66 10.26
C GLY C 169 18.63 29.89 9.45
N LEU C 170 19.79 29.94 8.78
CA LEU C 170 20.28 31.17 8.13
C LEU C 170 19.87 31.21 6.65
N SER C 171 19.92 32.40 6.05
CA SER C 171 19.92 32.48 4.60
C SER C 171 21.35 32.70 4.11
N ARG C 172 21.62 32.31 2.87
CA ARG C 172 22.83 32.74 2.17
C ARG C 172 23.10 34.23 2.38
N PRO C 173 24.29 34.62 2.86
CA PRO C 173 24.61 36.05 2.88
C PRO C 173 24.80 36.55 1.44
N GLU C 174 24.44 37.81 1.27
CA GLU C 174 24.20 38.41 -0.04
C GLU C 174 25.46 39.11 -0.52
N ASP C 175 26.14 39.77 0.42
CA ASP C 175 27.29 40.61 0.15
C ASP C 175 28.41 39.81 -0.52
N ASP C 176 29.25 40.52 -1.27
CA ASP C 176 30.50 40.03 -1.84
C ASP C 176 31.58 40.18 -0.75
N GLN C 177 32.32 39.10 -0.44
CA GLN C 177 33.50 39.21 0.42
C GLN C 177 34.72 38.76 -0.38
N ARG C 178 35.85 39.47 -0.24
CA ARG C 178 37.07 39.01 -0.87
C ARG C 178 37.57 37.79 -0.09
N ILE C 179 38.15 36.84 -0.82
CA ILE C 179 38.77 35.63 -0.27
C ILE C 179 40.10 35.99 0.38
N PRO C 180 40.31 35.84 1.71
CA PRO C 180 41.61 36.17 2.30
C PRO C 180 42.68 35.36 1.58
N LYS C 181 43.88 35.94 1.43
CA LYS C 181 44.93 35.31 0.64
C LYS C 181 45.53 34.12 1.42
N THR C 182 45.21 33.99 2.70
CA THR C 182 45.60 32.81 3.48
C THR C 182 44.58 31.66 3.36
N LEU C 183 43.52 31.82 2.55
CA LEU C 183 42.46 30.83 2.51
C LEU C 183 42.35 30.27 1.10
N ASN C 184 42.39 28.95 0.99
CA ASN C 184 42.16 28.26 -0.26
C ASN C 184 40.69 27.85 -0.38
N TRP C 185 39.86 28.81 -0.75
CA TRP C 185 38.42 28.61 -0.80
C TRP C 185 38.07 27.45 -1.70
N ASP C 186 38.79 27.26 -2.83
CA ASP C 186 38.37 26.24 -3.78
C ASP C 186 38.51 24.84 -3.15
N ALA C 187 39.55 24.61 -2.36
CA ALA C 187 39.75 23.31 -1.76
C ALA C 187 38.81 23.14 -0.55
N PHE C 188 38.35 24.24 0.06
CA PHE C 188 37.34 24.13 1.09
C PHE C 188 36.05 23.59 0.50
N ILE C 189 35.63 24.16 -0.64
CA ILE C 189 34.44 23.73 -1.34
C ILE C 189 34.61 22.26 -1.71
N GLY C 190 35.75 21.92 -2.27
CA GLY C 190 36.04 20.53 -2.55
C GLY C 190 34.97 19.97 -3.46
N PRO C 191 34.37 18.80 -3.13
CA PRO C 191 33.37 18.23 -4.03
C PRO C 191 31.98 18.84 -3.95
N ALA C 192 31.77 19.80 -3.05
CA ALA C 192 30.48 20.45 -2.99
C ALA C 192 30.31 21.40 -4.16
N PRO C 193 29.06 21.85 -4.46
CA PRO C 193 28.81 22.96 -5.37
C PRO C 193 29.58 24.21 -4.96
N TYR C 194 30.14 24.92 -5.94
CA TYR C 194 30.76 26.21 -5.71
C TYR C 194 29.72 27.20 -5.19
N ARG C 195 30.14 28.07 -4.28
CA ARG C 195 29.38 29.24 -3.93
C ARG C 195 30.33 30.35 -3.53
N PRO C 196 29.93 31.64 -3.54
CA PRO C 196 30.82 32.71 -3.13
C PRO C 196 31.28 32.56 -1.70
N TYR C 197 32.55 32.95 -1.47
CA TYR C 197 33.16 32.91 -0.16
C TYR C 197 32.43 33.88 0.77
N ASN C 198 32.37 33.46 2.03
CA ASN C 198 31.96 34.34 3.11
C ASN C 198 32.44 33.73 4.43
N ALA C 199 32.80 34.60 5.40
CA ALA C 199 33.35 34.13 6.67
C ALA C 199 32.36 33.29 7.47
N ILE C 200 31.06 33.41 7.16
CA ILE C 200 30.01 32.73 7.88
C ILE C 200 30.15 31.21 7.71
N TYR C 201 30.90 30.75 6.70
CA TYR C 201 30.95 29.34 6.38
C TYR C 201 32.08 28.60 7.09
N THR C 202 33.22 29.26 7.26
CA THR C 202 34.39 28.59 7.81
C THR C 202 35.27 29.67 8.38
N PRO C 203 36.02 29.40 9.44
CA PRO C 203 35.98 28.13 10.16
C PRO C 203 34.74 27.86 11.03
N TRP C 204 34.59 26.60 11.46
CA TRP C 204 33.70 26.15 12.55
C TRP C 204 32.21 26.13 12.18
N ASN C 205 31.74 27.19 11.55
CA ASN C 205 30.33 27.42 11.31
C ASN C 205 29.73 26.68 10.13
N PHE C 206 30.50 25.83 9.51
CA PHE C 206 30.07 25.08 8.36
C PHE C 206 28.99 24.07 8.77
N ARG C 207 28.94 23.76 10.05
CA ARG C 207 28.06 22.74 10.59
C ARG C 207 26.61 23.02 10.16
N GLY C 208 26.22 24.27 10.14
CA GLY C 208 24.85 24.67 9.87
C GLY C 208 24.42 24.64 8.39
N TRP C 209 25.34 24.37 7.45
CA TRP C 209 25.06 24.49 6.02
C TRP C 209 24.98 23.10 5.42
N TRP C 210 23.89 22.80 4.73
CA TRP C 210 23.63 21.45 4.29
C TRP C 210 24.77 20.94 3.41
N ASP C 211 25.38 21.83 2.61
CA ASP C 211 26.38 21.44 1.63
C ASP C 211 27.70 21.07 2.30
N PHE C 212 27.92 21.49 3.55
CA PHE C 212 29.20 21.30 4.21
C PHE C 212 29.07 20.51 5.49
N GLY C 213 28.00 20.72 6.24
CA GLY C 213 27.85 19.99 7.48
C GLY C 213 26.53 19.24 7.54
N THR C 214 26.08 18.97 8.76
CA THR C 214 25.04 17.99 9.01
C THR C 214 24.19 18.47 10.19
N GLY C 215 24.28 19.75 10.59
CA GLY C 215 23.45 20.24 11.67
C GLY C 215 23.77 19.51 12.97
N ALA C 216 22.92 19.72 13.99
CA ALA C 216 23.20 19.20 15.32
C ALA C 216 23.15 17.67 15.34
N LEU C 217 22.32 17.09 14.46
CA LEU C 217 22.22 15.64 14.42
C LEU C 217 23.56 15.03 14.05
N GLY C 218 24.18 15.56 12.97
CA GLY C 218 25.45 15.02 12.53
C GLY C 218 26.57 15.47 13.43
N ASP C 219 26.49 16.67 14.02
CA ASP C 219 27.53 17.04 14.95
C ASP C 219 27.53 16.13 16.17
N MET C 220 26.39 15.62 16.65
CA MET C 220 26.41 15.12 18.02
C MET C 220 25.92 13.70 18.13
N ALA C 221 25.18 13.22 17.16
CA ALA C 221 24.59 11.93 17.34
C ALA C 221 25.62 10.84 17.53
N CYS C 222 26.77 10.91 16.84
CA CYS C 222 27.76 9.86 16.99
C CYS C 222 28.26 9.75 18.42
N HIS C 223 28.24 10.84 19.17
CA HIS C 223 28.58 10.82 20.57
C HIS C 223 27.41 10.32 21.41
N ILE C 224 26.21 10.84 21.13
CA ILE C 224 25.08 10.61 22.01
C ILE C 224 24.47 9.23 21.80
N LEU C 225 24.32 8.80 20.59
CA LEU C 225 23.64 7.57 20.31
C LEU C 225 24.58 6.37 20.31
N HIS C 226 25.87 6.55 20.43
CA HIS C 226 26.76 5.40 20.38
C HIS C 226 26.37 4.29 21.39
N PRO C 227 26.09 4.60 22.66
CA PRO C 227 25.68 3.57 23.62
C PRO C 227 24.38 2.87 23.28
N VAL C 228 23.47 3.60 22.65
CA VAL C 228 22.24 3.03 22.15
C VAL C 228 22.52 2.06 21.03
N PHE C 229 23.26 2.52 20.01
CA PHE C 229 23.56 1.72 18.85
C PHE C 229 24.30 0.46 19.23
N LYS C 230 25.30 0.55 20.11
CA LYS C 230 26.06 -0.63 20.47
C LYS C 230 25.31 -1.49 21.51
N GLY C 231 24.71 -0.83 22.52
CA GLY C 231 24.08 -1.57 23.62
C GLY C 231 22.85 -2.35 23.18
N LEU C 232 22.11 -1.83 22.21
CA LEU C 232 20.93 -2.55 21.75
C LEU C 232 21.21 -3.30 20.47
N LYS C 233 22.46 -3.26 20.03
CA LYS C 233 22.90 -3.99 18.84
C LYS C 233 22.09 -3.64 17.62
N LEU C 234 21.93 -2.38 17.37
CA LEU C 234 21.10 -1.92 16.27
C LEU C 234 21.84 -2.13 14.95
N GLY C 235 21.03 -2.30 13.89
CA GLY C 235 21.48 -2.34 12.51
C GLY C 235 20.92 -1.15 11.73
N TYR C 236 20.24 -1.48 10.65
CA TYR C 236 19.56 -0.52 9.82
C TYR C 236 18.19 -0.24 10.46
N PRO C 237 17.76 1.03 10.55
CA PRO C 237 16.37 1.28 10.89
C PRO C 237 15.45 0.88 9.75
N THR C 238 14.18 0.67 10.05
CA THR C 238 13.19 0.36 9.05
C THR C 238 12.35 1.59 8.77
N LYS C 239 12.25 2.51 9.75
CA LYS C 239 11.35 3.64 9.60
C LYS C 239 11.94 4.86 10.24
N VAL C 240 11.57 6.02 9.76
CA VAL C 240 12.12 7.25 10.26
C VAL C 240 11.20 8.37 9.84
N GLN C 241 11.12 9.38 10.70
CA GLN C 241 10.29 10.54 10.42
C GLN C 241 10.81 11.65 11.34
N GLY C 242 10.58 12.87 10.92
CA GLY C 242 11.20 14.00 11.52
C GLY C 242 10.31 15.20 11.34
N SER C 243 10.39 16.11 12.30
CA SER C 243 9.90 17.47 12.10
C SER C 243 10.92 18.48 12.63
N SER C 244 10.73 19.74 12.27
CA SER C 244 11.66 20.76 12.70
C SER C 244 11.03 22.12 12.74
N THR C 245 11.77 23.09 13.29
CA THR C 245 11.49 24.50 13.00
C THR C 245 11.72 24.76 11.52
N LEU C 246 11.50 25.99 11.07
CA LEU C 246 11.60 26.34 9.64
C LEU C 246 12.65 25.52 8.85
N LEU C 247 12.23 24.72 7.88
CA LEU C 247 13.18 23.97 7.05
C LEU C 247 13.57 24.73 5.78
N LEU C 248 14.82 25.22 5.76
CA LEU C 248 15.36 26.02 4.70
C LEU C 248 16.17 25.16 3.74
N ASN C 249 16.52 25.76 2.61
CA ASN C 249 17.11 24.97 1.53
C ASN C 249 18.61 24.98 1.71
N GLU C 250 19.20 25.92 2.46
CA GLU C 250 20.66 25.87 2.51
C GLU C 250 21.23 25.56 3.88
N SER C 251 20.44 25.82 4.91
CA SER C 251 20.86 25.86 6.30
C SER C 251 19.96 24.94 7.14
N ALA C 252 20.52 24.31 8.15
CA ALA C 252 19.75 23.39 9.00
C ALA C 252 18.89 24.18 9.99
N PRO C 253 17.82 23.59 10.51
CA PRO C 253 16.91 24.30 11.41
C PRO C 253 17.38 24.44 12.86
N MET C 254 16.79 25.38 13.59
CA MET C 254 17.14 25.73 14.94
C MET C 254 16.95 24.51 15.83
N ALA C 255 15.86 23.73 15.58
CA ALA C 255 15.59 22.59 16.45
C ALA C 255 14.82 21.52 15.65
N GLN C 256 14.97 20.26 16.07
CA GLN C 256 14.35 19.17 15.36
C GLN C 256 14.04 18.01 16.28
N THR C 257 13.13 17.16 15.83
CA THR C 257 12.85 15.83 16.42
C THR C 257 12.89 14.76 15.34
N VAL C 258 13.41 13.63 15.67
CA VAL C 258 13.42 12.51 14.77
C VAL C 258 13.03 11.29 15.60
N LYS C 259 12.21 10.46 14.97
CA LYS C 259 11.85 9.18 15.51
C LYS C 259 12.31 8.10 14.55
N PHE C 260 13.22 7.23 15.02
CA PHE C 260 13.58 6.01 14.30
C PHE C 260 12.87 4.80 14.90
N VAL C 261 12.63 3.81 14.04
CA VAL C 261 12.18 2.50 14.44
C VAL C 261 13.18 1.48 13.89
N PHE C 262 13.71 0.68 14.83
CA PHE C 262 14.61 -0.40 14.46
C PHE C 262 13.92 -1.72 14.64
N PRO C 263 14.07 -2.71 13.70
CA PRO C 263 13.37 -3.98 13.87
C PRO C 263 13.99 -4.77 15.03
N ALA C 264 13.33 -5.83 15.45
CA ALA C 264 13.82 -6.76 16.42
C ALA C 264 15.15 -7.35 15.97
N ARG C 265 16.04 -7.61 16.92
CA ARG C 265 17.28 -8.34 16.69
C ARG C 265 17.09 -9.67 17.39
N ASP C 266 18.04 -10.56 17.19
CA ASP C 266 18.18 -11.76 17.99
C ASP C 266 18.19 -11.43 19.49
N ASN C 267 17.50 -12.24 20.28
CA ASN C 267 17.60 -12.07 21.73
C ASN C 267 18.97 -12.59 22.21
N MET C 268 19.46 -12.05 23.28
CA MET C 268 20.56 -12.57 24.05
C MET C 268 20.03 -13.37 25.23
N PRO C 269 20.78 -14.28 25.85
CA PRO C 269 20.26 -15.07 26.96
C PRO C 269 19.47 -14.31 28.04
N LYS C 270 19.95 -13.16 28.48
CA LYS C 270 19.32 -12.47 29.59
C LYS C 270 18.53 -11.24 29.17
N VAL C 271 18.48 -10.88 27.86
CA VAL C 271 17.68 -9.74 27.49
C VAL C 271 17.18 -9.95 26.06
N ALA C 272 15.88 -9.70 25.87
CA ALA C 272 15.29 -9.74 24.57
C ALA C 272 15.61 -8.45 23.85
N MET C 273 15.55 -8.52 22.50
CA MET C 273 15.92 -7.36 21.71
C MET C 273 14.75 -7.03 20.80
N PRO C 274 13.57 -6.67 21.32
CA PRO C 274 12.44 -6.39 20.45
C PRO C 274 12.62 -5.09 19.64
N GLU C 275 11.59 -4.84 18.83
CA GLU C 275 11.53 -3.64 18.02
C GLU C 275 11.64 -2.45 18.96
N VAL C 276 12.42 -1.44 18.59
CA VAL C 276 12.66 -0.33 19.48
C VAL C 276 12.53 1.00 18.71
N GLU C 277 11.90 1.97 19.36
CA GLU C 277 11.77 3.31 18.89
C GLU C 277 12.84 4.16 19.54
N VAL C 278 13.53 4.96 18.78
CA VAL C 278 14.55 5.87 19.27
C VAL C 278 14.24 7.28 18.87
N TYR C 279 14.07 8.14 19.87
CA TYR C 279 13.71 9.51 19.64
C TYR C 279 14.94 10.39 19.83
N TRP C 280 15.09 11.38 18.98
CA TRP C 280 16.11 12.39 19.05
C TRP C 280 15.47 13.75 19.16
N TYR C 281 15.95 14.59 20.06
CA TYR C 281 15.53 15.96 20.15
C TYR C 281 16.79 16.84 20.22
N ASP C 282 16.74 18.01 19.56
CA ASP C 282 17.84 18.95 19.70
C ASP C 282 17.37 20.40 19.78
N GLY C 283 18.32 21.33 19.92
CA GLY C 283 18.08 22.75 19.88
C GLY C 283 17.35 23.28 21.11
N GLY C 284 17.31 22.54 22.22
CA GLY C 284 16.73 22.96 23.50
C GLY C 284 15.58 22.04 23.93
N LEU C 285 15.02 21.34 22.93
CA LEU C 285 13.91 20.46 23.22
C LEU C 285 14.46 19.24 23.94
N LYS C 286 13.60 18.78 24.84
CA LYS C 286 13.95 17.70 25.73
C LYS C 286 12.83 16.70 25.78
N PRO C 287 13.16 15.42 25.99
CA PRO C 287 12.19 14.41 26.39
C PRO C 287 11.61 14.75 27.75
N ALA C 288 10.35 14.41 27.92
CA ALA C 288 9.66 14.49 29.18
C ALA C 288 10.44 13.66 30.21
N ARG C 289 10.36 14.09 31.44
CA ARG C 289 11.11 13.47 32.51
C ARG C 289 10.63 12.06 32.68
N PRO C 290 11.55 11.10 32.85
CA PRO C 290 11.16 9.74 33.18
C PRO C 290 10.53 9.67 34.57
N GLU C 291 9.53 8.81 34.67
CA GLU C 291 8.94 8.43 35.93
C GLU C 291 10.05 7.90 36.87
N GLY C 292 9.98 8.34 38.14
CA GLY C 292 10.88 7.93 39.21
C GLY C 292 12.11 8.84 39.31
N LEU C 293 12.41 9.69 38.31
CA LEU C 293 13.64 10.46 38.41
C LEU C 293 13.43 11.57 39.45
N PRO C 294 14.33 11.79 40.42
CA PRO C 294 14.15 12.87 41.38
C PRO C 294 14.03 14.22 40.65
N ALA C 295 13.08 15.04 41.14
CA ALA C 295 12.94 16.39 40.67
C ALA C 295 14.28 17.07 40.85
N GLY C 296 14.72 17.89 39.88
CA GLY C 296 15.91 18.70 40.03
C GLY C 296 17.11 18.11 39.30
N LYS C 297 17.10 16.78 39.09
CA LYS C 297 18.23 16.15 38.44
C LYS C 297 18.24 16.55 36.96
N ASP C 298 19.33 17.09 36.51
CA ASP C 298 19.52 17.49 35.16
C ASP C 298 19.72 16.27 34.27
N LEU C 299 18.96 16.23 33.16
CA LEU C 299 19.10 15.18 32.14
C LEU C 299 20.27 15.42 31.22
N ASN C 300 20.76 16.67 31.14
CA ASN C 300 21.91 16.98 30.34
C ASN C 300 23.18 16.70 31.16
N MET C 301 24.04 15.80 30.71
CA MET C 301 25.39 15.66 31.24
C MET C 301 26.34 15.67 30.05
N ALA C 302 27.21 16.70 30.02
CA ALA C 302 28.27 16.86 29.02
C ALA C 302 27.72 17.12 27.61
N GLY C 303 26.50 17.68 27.52
CA GLY C 303 25.99 18.13 26.22
C GLY C 303 24.77 17.33 25.70
N GLY C 304 24.28 16.42 26.54
CA GLY C 304 23.13 15.68 26.15
C GLY C 304 22.78 14.57 27.11
N GLY C 305 21.88 13.69 26.61
CA GLY C 305 21.44 12.62 27.45
C GLY C 305 20.74 11.54 26.67
N VAL C 306 20.59 10.41 27.33
CA VAL C 306 20.03 9.20 26.76
C VAL C 306 19.23 8.55 27.88
N ILE C 307 18.04 8.08 27.54
CA ILE C 307 17.21 7.40 28.51
C ILE C 307 16.75 6.11 27.84
N PHE C 308 17.08 4.98 28.47
CA PHE C 308 16.60 3.71 28.00
C PHE C 308 15.48 3.25 28.93
N TYR C 309 14.29 3.05 28.34
CA TYR C 309 13.13 2.66 29.11
C TYR C 309 13.06 1.14 29.09
N GLY C 310 13.60 0.47 30.13
CA GLY C 310 13.45 -0.96 30.14
C GLY C 310 12.19 -1.39 30.88
N THR C 311 11.85 -2.66 30.75
CA THR C 311 10.74 -3.25 31.49
C THR C 311 10.99 -3.34 32.99
N LYS C 312 12.23 -3.39 33.48
CA LYS C 312 12.47 -3.47 34.92
C LYS C 312 13.04 -2.18 35.48
N ASP C 313 13.64 -1.30 34.69
CA ASP C 313 14.25 -0.10 35.27
C ASP C 313 14.45 0.90 34.13
N THR C 314 15.09 2.03 34.44
CA THR C 314 15.37 3.06 33.47
C THR C 314 16.82 3.45 33.58
N LEU C 315 17.56 3.34 32.48
CA LEU C 315 18.97 3.63 32.48
C LEU C 315 19.22 4.94 31.79
N ILE C 316 19.92 5.81 32.45
CA ILE C 316 20.14 7.12 31.92
C ILE C 316 21.61 7.37 31.85
N CYS C 317 22.09 7.94 30.75
CA CYS C 317 23.46 8.42 30.73
C CYS C 317 23.56 9.76 30.01
N GLY C 318 24.75 10.32 30.09
CA GLY C 318 25.04 11.59 29.45
C GLY C 318 25.58 11.39 28.03
N CYS C 319 26.08 12.48 27.45
CA CYS C 319 26.79 12.44 26.20
C CYS C 319 28.06 11.62 26.43
N TYR C 320 28.61 11.00 25.37
CA TYR C 320 29.83 10.22 25.43
C TYR C 320 29.63 9.04 26.39
N GLY C 321 28.38 8.67 26.61
CA GLY C 321 28.00 7.59 27.51
C GLY C 321 28.34 7.81 28.98
N VAL C 322 28.56 9.05 29.41
CA VAL C 322 29.13 9.27 30.74
C VAL C 322 28.11 9.03 31.84
N ASN C 323 28.65 8.63 33.01
CA ASN C 323 27.97 8.49 34.27
C ASN C 323 26.64 7.78 34.18
N PRO C 324 26.59 6.58 33.61
CA PRO C 324 25.34 5.84 33.56
C PRO C 324 24.81 5.52 34.93
N TYR C 325 23.51 5.55 35.14
CA TYR C 325 22.89 5.21 36.39
C TYR C 325 21.47 4.73 36.11
N LEU C 326 20.94 4.04 37.11
CA LEU C 326 19.60 3.52 37.07
C LEU C 326 18.74 4.43 37.92
N VAL C 327 17.52 4.69 37.49
CA VAL C 327 16.61 5.55 38.21
C VAL C 327 16.22 4.89 39.52
N SER C 328 16.08 3.58 39.59
CA SER C 328 15.86 2.95 40.90
C SER C 328 16.99 3.24 41.93
N GLY C 329 18.18 3.72 41.56
CA GLY C 329 19.27 4.00 42.47
C GLY C 329 20.27 2.84 42.56
N ARG C 330 19.81 1.63 42.18
CA ARG C 330 20.63 0.44 42.26
C ARG C 330 21.85 0.58 41.34
N VAL C 331 22.98 0.02 41.75
CA VAL C 331 24.20 0.02 40.97
C VAL C 331 24.52 -1.43 40.66
N PRO C 332 24.35 -1.90 39.41
CA PRO C 332 24.62 -3.30 39.09
C PRO C 332 26.10 -3.58 39.17
N ASN C 333 26.36 -4.86 39.21
CA ASN C 333 27.65 -5.49 39.22
C ASN C 333 27.57 -6.61 38.19
N ALA C 334 27.68 -6.24 36.92
CA ALA C 334 27.33 -7.13 35.82
C ALA C 334 28.61 -7.73 35.28
N PRO C 335 28.61 -8.91 34.63
CA PRO C 335 29.84 -9.46 34.05
C PRO C 335 30.45 -8.52 33.02
N LYS C 336 31.77 -8.55 32.98
CA LYS C 336 32.54 -7.78 32.04
C LYS C 336 32.57 -8.53 30.73
N VAL C 337 32.39 -7.85 29.60
CA VAL C 337 32.54 -8.53 28.32
C VAL C 337 33.37 -7.68 27.38
N LEU C 338 33.36 -6.35 27.50
CA LEU C 338 34.08 -5.53 26.52
C LEU C 338 35.53 -5.22 26.90
N ARG C 339 36.41 -5.20 25.89
CA ARG C 339 37.81 -4.87 26.05
C ARG C 339 37.90 -3.51 26.74
N GLU C 340 38.72 -3.46 27.77
CA GLU C 340 38.82 -2.25 28.58
C GLU C 340 39.97 -1.41 28.00
N ILE C 341 39.69 -0.29 27.37
CA ILE C 341 40.66 0.37 26.52
C ILE C 341 41.40 1.40 27.34
N LYS C 342 42.73 1.26 27.42
CA LYS C 342 43.54 2.07 28.33
C LYS C 342 44.26 3.22 27.60
N GLU C 343 44.66 3.04 26.35
CA GLU C 343 45.12 4.16 25.50
C GLU C 343 43.92 5.11 25.18
N SER C 344 44.25 6.37 24.90
CA SER C 344 43.38 7.34 24.31
C SER C 344 42.76 6.75 23.06
N HIS C 345 41.73 7.43 22.62
CA HIS C 345 41.05 7.04 21.41
C HIS C 345 41.99 7.18 20.22
N GLN C 346 42.90 8.15 20.25
CA GLN C 346 43.88 8.29 19.20
C GLN C 346 44.89 7.14 19.21
N MET C 347 45.44 6.85 20.40
CA MET C 347 46.54 5.92 20.47
C MET C 347 46.01 4.50 20.30
N ASP C 348 44.74 4.26 20.65
CA ASP C 348 44.24 2.91 20.48
C ASP C 348 44.16 2.57 18.98
N TRP C 349 43.89 3.60 18.15
CA TRP C 349 43.89 3.41 16.70
C TRP C 349 45.31 3.14 16.19
N VAL C 350 46.27 3.94 16.66
CA VAL C 350 47.65 3.76 16.30
C VAL C 350 48.10 2.33 16.58
N ARG C 351 47.78 1.80 17.76
CA ARG C 351 48.05 0.40 18.07
C ARG C 351 47.52 -0.52 16.97
N ALA C 352 46.25 -0.38 16.60
CA ALA C 352 45.69 -1.24 15.57
C ALA C 352 46.45 -1.10 14.25
N CYS C 353 46.92 0.12 13.92
CA CYS C 353 47.58 0.38 12.66
C CYS C 353 48.82 -0.49 12.55
N LYS C 354 49.43 -0.80 13.71
CA LYS C 354 50.70 -1.47 13.78
C LYS C 354 50.59 -2.99 13.89
N GLU C 355 49.44 -3.51 14.28
CA GLU C 355 49.24 -4.94 14.29
C GLU C 355 49.00 -5.41 12.86
N ASP C 356 49.55 -6.59 12.55
CA ASP C 356 49.33 -7.24 11.26
C ASP C 356 47.84 -7.43 11.06
N ALA C 357 47.38 -7.27 9.81
CA ALA C 357 45.97 -7.18 9.47
C ALA C 357 45.20 -8.46 9.81
N ASP C 358 45.84 -9.63 9.63
CA ASP C 358 45.28 -10.93 9.96
C ASP C 358 44.96 -11.05 11.46
N ASP C 359 45.71 -10.32 12.29
CA ASP C 359 45.79 -10.53 13.74
C ASP C 359 45.09 -9.42 14.53
N ARG C 360 44.72 -8.34 13.83
CA ARG C 360 44.50 -7.03 14.41
C ARG C 360 43.31 -7.07 15.35
N VAL C 361 43.45 -6.57 16.59
CA VAL C 361 42.30 -6.23 17.43
C VAL C 361 41.80 -4.84 17.01
N PRO C 362 40.62 -4.73 16.35
CA PRO C 362 40.13 -3.45 15.88
C PRO C 362 40.07 -2.43 17.01
N SER C 363 40.30 -1.15 16.67
CA SER C 363 40.01 -0.10 17.63
C SER C 363 38.49 0.03 17.78
N ALA C 364 38.03 0.80 18.78
CA ALA C 364 36.61 0.78 19.18
C ALA C 364 35.69 1.41 18.16
N SER C 365 36.18 2.33 17.32
CA SER C 365 35.34 2.94 16.31
C SER C 365 35.82 2.56 14.91
N ASP C 366 36.25 1.30 14.77
CA ASP C 366 36.63 0.78 13.46
C ASP C 366 35.46 0.98 12.52
N PHE C 367 35.74 1.26 11.25
CA PHE C 367 34.66 1.62 10.35
C PHE C 367 33.72 0.44 10.11
N SER C 368 34.14 -0.79 10.45
CA SER C 368 33.23 -1.91 10.26
C SER C 368 32.06 -1.82 11.25
N GLU C 369 32.19 -1.16 12.39
CA GLU C 369 31.05 -0.76 13.21
C GLU C 369 30.65 0.70 12.93
N ALA C 370 31.61 1.64 12.84
CA ALA C 370 31.25 3.06 12.81
C ALA C 370 30.54 3.44 11.52
N GLY C 371 30.86 2.72 10.43
CA GLY C 371 30.30 3.00 9.12
C GLY C 371 28.78 2.85 9.11
N PRO C 372 28.23 1.64 9.44
CA PRO C 372 26.79 1.43 9.56
C PRO C 372 26.13 2.38 10.54
N PHE C 373 26.77 2.64 11.68
CA PHE C 373 26.26 3.58 12.65
C PHE C 373 26.14 4.97 12.02
N ASN C 374 27.18 5.42 11.30
CA ASN C 374 27.11 6.78 10.79
C ASN C 374 26.05 6.87 9.70
N GLU C 375 25.88 5.78 8.93
CA GLU C 375 24.87 5.77 7.88
C GLU C 375 23.49 5.99 8.45
N MET C 376 23.21 5.42 9.59
CA MET C 376 21.94 5.67 10.24
C MET C 376 21.83 7.15 10.61
N VAL C 377 22.84 7.73 11.25
CA VAL C 377 22.78 9.12 11.70
C VAL C 377 22.50 10.08 10.55
N VAL C 378 23.27 9.90 9.48
CA VAL C 378 23.28 10.81 8.36
C VAL C 378 22.04 10.62 7.48
N MET C 379 21.41 9.45 7.52
CA MET C 379 20.13 9.28 6.83
C MET C 379 19.02 9.99 7.63
N GLY C 380 19.19 10.06 8.92
CA GLY C 380 18.27 10.82 9.74
C GLY C 380 18.33 12.30 9.45
N VAL C 381 19.50 12.80 9.04
CA VAL C 381 19.59 14.19 8.58
C VAL C 381 18.68 14.39 7.37
N LEU C 382 18.78 13.48 6.38
CA LEU C 382 17.92 13.48 5.20
C LEU C 382 16.46 13.45 5.59
N ALA C 383 16.07 12.57 6.49
CA ALA C 383 14.67 12.43 6.81
C ALA C 383 14.05 13.75 7.20
N VAL C 384 14.73 14.54 7.99
CA VAL C 384 14.20 15.85 8.34
C VAL C 384 13.92 16.72 7.10
N ARG C 385 14.74 16.61 6.08
CA ARG C 385 14.65 17.47 4.90
C ARG C 385 13.52 17.02 3.97
N LEU C 386 12.92 15.86 4.22
CA LEU C 386 11.79 15.30 3.48
C LEU C 386 10.51 15.35 4.29
N GLN C 387 10.47 16.09 5.38
CA GLN C 387 9.27 16.13 6.19
C GLN C 387 8.04 16.56 5.38
N ASN C 388 8.13 17.38 4.34
CA ASN C 388 6.89 17.84 3.69
C ASN C 388 6.21 16.72 2.94
N LEU C 389 6.85 15.56 2.74
CA LEU C 389 6.15 14.40 2.18
C LEU C 389 5.05 13.85 3.09
N ASN C 390 5.02 14.22 4.37
CA ASN C 390 3.92 13.88 5.27
C ASN C 390 3.78 12.38 5.39
N ARG C 391 4.89 11.67 5.65
CA ARG C 391 4.81 10.25 5.75
C ARG C 391 5.95 9.72 6.62
N GLU C 392 5.69 8.58 7.27
CA GLU C 392 6.76 7.86 7.88
C GLU C 392 7.52 7.20 6.75
N LEU C 393 8.81 7.46 6.61
CA LEU C 393 9.59 6.94 5.51
C LEU C 393 10.10 5.56 5.85
N LEU C 394 10.10 4.70 4.84
CA LEU C 394 10.51 3.32 5.02
C LEU C 394 11.87 3.22 4.37
N TRP C 395 12.84 2.74 5.14
CA TRP C 395 14.24 2.74 4.75
C TRP C 395 14.69 1.35 4.41
N ASP C 396 15.34 1.21 3.28
CA ASP C 396 16.02 0.00 2.92
C ASP C 396 17.51 0.28 3.07
N GLY C 397 18.06 -0.15 4.20
CA GLY C 397 19.45 0.11 4.53
C GLY C 397 20.41 -0.65 3.62
N PRO C 398 20.17 -1.95 3.35
CA PRO C 398 21.06 -2.69 2.45
C PRO C 398 21.25 -1.98 1.12
N ASN C 399 20.19 -1.42 0.51
CA ASN C 399 20.27 -0.75 -0.79
C ASN C 399 20.27 0.78 -0.68
N MET C 400 20.42 1.33 0.52
CA MET C 400 20.62 2.77 0.69
C MET C 400 19.56 3.58 -0.03
N ARG C 401 18.28 3.24 0.12
CA ARG C 401 17.21 4.05 -0.46
C ARG C 401 15.95 3.96 0.40
N PHE C 402 15.13 5.00 0.36
CA PHE C 402 13.77 4.94 0.82
C PHE C 402 12.91 4.21 -0.22
N THR C 403 11.95 3.41 0.23
CA THR C 403 11.13 2.59 -0.65
C THR C 403 9.74 3.19 -0.83
N ASN C 404 9.28 4.19 -0.07
CA ASN C 404 7.92 4.66 -0.26
C ASN C 404 7.86 6.16 -0.57
N ILE C 405 8.78 6.66 -1.38
CA ILE C 405 8.62 8.01 -1.90
C ILE C 405 7.90 7.90 -3.24
N PRO C 406 6.67 8.45 -3.41
CA PRO C 406 5.92 8.36 -4.66
C PRO C 406 6.72 8.94 -5.81
N ASP C 407 6.54 8.29 -6.98
CA ASP C 407 7.23 8.63 -8.23
C ASP C 407 7.10 10.11 -8.56
N ASP C 408 5.93 10.69 -8.28
CA ASP C 408 5.61 12.01 -8.79
C ASP C 408 5.63 13.07 -7.67
N ALA C 409 5.98 12.70 -6.44
CA ALA C 409 6.01 13.66 -5.35
C ALA C 409 7.15 14.62 -5.62
N THR C 410 6.94 15.84 -5.16
CA THR C 410 7.96 16.85 -5.34
C THR C 410 8.28 17.47 -3.98
N ILE C 411 9.47 18.03 -3.88
CA ILE C 411 9.85 18.69 -2.66
C ILE C 411 10.46 20.03 -3.05
N SER C 412 9.94 21.04 -2.37
CA SER C 412 10.67 22.26 -2.22
C SER C 412 10.86 22.63 -0.74
N ALA C 413 11.75 23.58 -0.56
CA ALA C 413 12.13 24.08 0.73
C ALA C 413 12.01 25.59 0.68
N VAL C 414 11.88 26.19 1.87
CA VAL C 414 11.92 27.63 1.99
C VAL C 414 13.34 28.13 1.68
N ILE C 415 13.45 29.17 0.84
CA ILE C 415 14.72 29.82 0.57
C ILE C 415 14.98 30.87 1.64
N LYS C 416 13.98 31.74 1.74
CA LYS C 416 14.12 32.85 2.66
C LYS C 416 12.71 33.14 3.15
N ASP C 417 12.67 33.43 4.43
CA ASP C 417 11.45 33.86 5.06
C ASP C 417 11.27 35.33 4.68
N GLY C 418 10.05 35.73 4.30
CA GLY C 418 9.86 37.04 3.69
C GLY C 418 9.09 37.98 4.61
N PHE C 419 8.99 37.54 5.89
CA PHE C 419 8.12 38.18 6.84
C PHE C 419 8.50 39.64 6.99
N HIS C 420 7.51 40.54 6.97
CA HIS C 420 7.76 41.93 7.38
C HIS C 420 6.42 42.55 7.76
N ILE C 421 6.51 43.59 8.61
CA ILE C 421 5.37 44.33 9.11
C ILE C 421 5.47 45.76 8.58
N LYS C 422 4.39 46.20 7.93
CA LYS C 422 4.31 47.49 7.27
C LYS C 422 3.10 48.25 7.82
N ASP C 423 3.34 49.28 8.66
CA ASP C 423 2.26 50.04 9.29
C ASP C 423 1.37 49.09 10.11
N GLY C 424 1.98 48.10 10.79
CA GLY C 424 1.28 47.17 11.67
C GLY C 424 0.64 45.96 10.98
N HIS C 425 0.65 45.94 9.64
CA HIS C 425 -0.04 44.94 8.84
C HIS C 425 0.99 43.85 8.51
N PRO C 426 0.75 42.60 8.96
CA PRO C 426 1.77 41.56 8.79
C PRO C 426 1.67 40.92 7.40
N THR C 427 2.84 40.65 6.81
CA THR C 427 2.89 39.99 5.50
C THR C 427 3.84 38.82 5.63
N PHE C 428 3.40 37.62 5.27
CA PHE C 428 4.11 36.40 5.67
C PHE C 428 4.62 35.66 4.46
N ASP C 429 5.10 36.37 3.43
CA ASP C 429 5.48 35.68 2.21
C ASP C 429 6.85 35.05 2.41
N LYS C 430 7.03 33.98 1.63
CA LYS C 430 8.14 33.07 1.80
C LYS C 430 8.45 32.58 0.40
N THR C 431 9.69 32.75 -0.01
CA THR C 431 10.10 32.21 -1.28
C THR C 431 10.45 30.74 -1.06
N TRP C 432 10.06 29.94 -2.04
CA TRP C 432 10.24 28.51 -2.07
C TRP C 432 11.12 28.15 -3.27
N THR C 433 11.93 27.09 -3.16
CA THR C 433 12.63 26.60 -4.34
C THR C 433 11.62 26.07 -5.35
N ASP C 434 12.04 25.99 -6.61
CA ASP C 434 11.27 25.28 -7.61
C ASP C 434 11.17 23.81 -7.24
N PRO C 435 9.94 23.25 -7.24
CA PRO C 435 9.80 21.85 -6.76
C PRO C 435 10.62 20.92 -7.66
N VAL C 436 11.36 19.98 -7.07
CA VAL C 436 12.07 18.97 -7.82
C VAL C 436 11.50 17.61 -7.43
N ASN C 437 11.82 16.62 -8.24
CA ASN C 437 11.36 15.27 -8.03
C ASN C 437 11.93 14.74 -6.69
N ALA C 438 11.08 14.18 -5.83
CA ALA C 438 11.49 13.80 -4.47
C ALA C 438 12.47 12.63 -4.48
N GLN C 439 12.25 11.63 -5.33
CA GLN C 439 13.19 10.52 -5.41
C GLN C 439 14.58 11.00 -5.80
N GLN C 440 14.67 11.83 -6.86
CA GLN C 440 15.98 12.32 -7.25
C GLN C 440 16.55 13.25 -6.18
N PHE C 441 15.74 14.03 -5.46
CA PHE C 441 16.28 14.85 -4.39
C PHE C 441 16.89 13.98 -3.28
N ALA C 442 16.17 12.91 -2.92
CA ALA C 442 16.60 12.02 -1.87
C ALA C 442 17.89 11.30 -2.29
N GLN C 443 17.87 10.77 -3.50
CA GLN C 443 18.96 10.04 -4.11
C GLN C 443 20.24 10.87 -4.09
N GLU C 444 20.10 12.17 -4.36
CA GLU C 444 21.22 13.09 -4.47
C GLU C 444 21.78 13.39 -3.10
N LEU C 445 20.93 13.48 -2.08
CA LEU C 445 21.43 13.63 -0.73
C LEU C 445 22.09 12.36 -0.20
N ILE C 446 21.61 11.17 -0.56
CA ILE C 446 22.21 9.90 -0.17
C ILE C 446 23.54 9.76 -0.89
N LYS C 447 23.61 10.10 -2.18
CA LYS C 447 24.86 10.03 -2.92
C LYS C 447 25.08 11.30 -3.78
N HIS C 448 25.98 12.20 -3.38
CA HIS C 448 26.08 13.49 -4.05
C HIS C 448 26.74 13.28 -5.40
N THR C 449 26.31 14.06 -6.43
CA THR C 449 27.11 14.19 -7.64
C THR C 449 28.19 15.22 -7.36
N TYR C 450 29.43 14.76 -7.30
CA TYR C 450 30.54 15.63 -6.99
C TYR C 450 30.71 16.69 -8.09
N ARG C 451 31.09 17.90 -7.67
CA ARG C 451 31.52 18.93 -8.59
C ARG C 451 32.68 18.41 -9.45
N ASP C 452 32.71 18.85 -10.74
CA ASP C 452 33.63 18.30 -11.70
C ASP C 452 35.05 18.58 -11.22
N GLY C 453 35.94 17.59 -11.38
CA GLY C 453 37.31 17.66 -10.90
C GLY C 453 37.53 16.93 -9.58
N TRP C 454 36.45 16.39 -8.99
CA TRP C 454 36.53 15.72 -7.71
C TRP C 454 35.86 14.36 -7.84
N LYS C 455 36.64 13.31 -7.54
CA LYS C 455 36.11 11.97 -7.77
C LYS C 455 36.36 11.06 -6.57
N LEU C 456 35.34 10.28 -6.24
CA LEU C 456 35.46 9.16 -5.32
C LEU C 456 36.07 7.97 -6.05
N PRO C 457 36.89 7.13 -5.39
CA PRO C 457 37.12 5.79 -5.89
C PRO C 457 35.82 5.00 -6.06
N ASP C 458 35.88 4.01 -6.96
CA ASP C 458 34.80 3.06 -7.19
C ASP C 458 34.55 2.22 -5.93
N MET C 459 33.27 1.85 -5.73
CA MET C 459 32.92 0.84 -4.78
C MET C 459 33.57 -0.48 -5.22
N PRO C 460 34.32 -1.22 -4.39
CA PRO C 460 34.70 -2.60 -4.74
C PRO C 460 33.53 -3.61 -4.79
N ARG C 461 33.68 -4.69 -5.59
CA ARG C 461 32.89 -5.92 -5.46
C ARG C 461 32.73 -6.59 -6.84
N SER D 10 -34.87 50.75 22.17
CA SER D 10 -34.35 49.49 21.61
C SER D 10 -34.37 48.37 22.66
N ASP D 11 -34.65 47.14 22.20
CA ASP D 11 -34.16 45.92 22.83
C ASP D 11 -32.78 45.57 22.22
N LYS D 12 -32.03 46.60 21.77
CA LYS D 12 -30.76 46.43 21.09
C LYS D 12 -29.63 46.85 21.99
N LEU D 13 -28.56 46.03 22.01
CA LEU D 13 -27.48 46.25 22.96
C LEU D 13 -26.69 47.49 22.60
N ASN D 14 -26.37 48.29 23.63
CA ASN D 14 -25.41 49.37 23.53
C ASN D 14 -24.03 48.85 23.93
N ILE D 15 -23.11 48.85 22.96
CA ILE D 15 -21.83 48.17 23.08
C ILE D 15 -20.73 49.21 22.99
N LEU D 16 -19.73 49.10 23.88
CA LEU D 16 -18.49 49.82 23.75
C LEU D 16 -17.43 48.85 23.28
N GLY D 17 -16.60 49.28 22.33
CA GLY D 17 -15.49 48.47 21.85
C GLY D 17 -14.15 49.03 22.27
N VAL D 18 -13.23 48.15 22.71
CA VAL D 18 -11.92 48.54 23.22
C VAL D 18 -10.90 47.65 22.55
N GLY D 19 -9.99 48.21 21.77
CA GLY D 19 -9.07 47.46 20.91
C GLY D 19 -9.74 47.04 19.62
N ILE D 20 -9.65 47.86 18.55
CA ILE D 20 -10.57 47.73 17.42
C ILE D 20 -9.83 47.58 16.08
N GLY D 21 -8.51 47.85 16.08
CA GLY D 21 -7.78 48.02 14.84
C GLY D 21 -7.49 46.70 14.10
N GLY D 22 -7.38 45.58 14.83
CA GLY D 22 -7.08 44.30 14.20
C GLY D 22 -8.30 43.39 14.24
N ARG D 23 -8.21 42.33 15.04
CA ARG D 23 -9.32 41.40 15.22
C ARG D 23 -10.60 42.14 15.64
N GLY D 24 -10.48 43.18 16.48
CA GLY D 24 -11.65 43.90 16.97
C GLY D 24 -12.54 44.38 15.83
N SER D 25 -11.89 44.63 14.69
CA SER D 25 -12.53 45.04 13.45
C SER D 25 -13.63 44.06 13.05
N SER D 26 -13.30 42.78 13.00
CA SER D 26 -14.19 41.71 12.58
C SER D 26 -15.23 41.41 13.64
N VAL D 27 -14.81 41.50 14.90
CA VAL D 27 -15.74 41.30 15.99
C VAL D 27 -16.83 42.36 15.91
N LEU D 28 -16.46 43.64 15.73
CA LEU D 28 -17.44 44.71 15.59
C LEU D 28 -18.35 44.53 14.36
N ARG D 29 -17.82 44.02 13.24
CA ARG D 29 -18.65 43.69 12.09
C ARG D 29 -19.72 42.69 12.49
N GLY D 30 -19.36 41.67 13.26
CA GLY D 30 -20.35 40.71 13.69
C GLY D 30 -21.34 41.22 14.74
N LEU D 31 -21.07 42.37 15.39
CA LEU D 31 -21.96 42.99 16.38
C LEU D 31 -22.76 44.18 15.82
N GLU D 32 -22.56 44.51 14.54
CA GLU D 32 -23.00 45.72 13.86
C GLU D 32 -24.52 45.93 13.86
N SER D 33 -25.30 44.82 13.92
CA SER D 33 -26.75 44.85 14.02
C SER D 33 -27.16 45.52 15.34
N GLN D 34 -26.25 45.61 16.35
CA GLN D 34 -26.55 46.30 17.60
C GLN D 34 -26.04 47.74 17.54
N ASN D 35 -25.95 48.38 18.70
CA ASN D 35 -25.55 49.77 18.75
C ASN D 35 -24.09 49.89 19.19
N ILE D 36 -23.22 50.27 18.28
CA ILE D 36 -21.84 50.59 18.61
C ILE D 36 -21.78 52.07 19.00
N ILE D 37 -21.75 52.36 20.30
CA ILE D 37 -21.92 53.75 20.72
C ILE D 37 -20.59 54.39 21.08
N GLY D 38 -19.58 53.55 21.40
CA GLY D 38 -18.31 54.12 21.82
C GLY D 38 -17.17 53.18 21.50
N LEU D 39 -16.06 53.72 21.03
CA LEU D 39 -14.91 52.93 20.60
C LEU D 39 -13.67 53.55 21.21
N CYS D 40 -12.79 52.68 21.72
CA CYS D 40 -11.51 53.07 22.27
C CYS D 40 -10.39 52.34 21.55
N ASP D 41 -9.38 53.07 21.13
CA ASP D 41 -8.16 52.44 20.67
C ASP D 41 -7.00 53.37 21.01
N VAL D 42 -5.89 52.81 21.47
CA VAL D 42 -4.73 53.61 21.81
C VAL D 42 -4.05 54.10 20.54
N ASP D 43 -4.35 53.50 19.38
CA ASP D 43 -3.63 53.83 18.15
C ASP D 43 -4.59 54.38 17.09
N TRP D 44 -4.61 55.71 16.94
CA TRP D 44 -5.58 56.33 16.04
C TRP D 44 -5.12 56.29 14.59
N LYS D 45 -3.92 55.82 14.29
CA LYS D 45 -3.52 55.61 12.91
C LYS D 45 -3.96 54.22 12.47
N TYR D 46 -3.53 53.20 13.20
CA TYR D 46 -3.84 51.84 12.83
C TYR D 46 -5.35 51.60 12.82
N ALA D 47 -6.04 52.26 13.73
CA ALA D 47 -7.45 51.96 13.96
C ALA D 47 -8.35 52.95 13.22
N ASP D 48 -7.77 53.82 12.40
CA ASP D 48 -8.53 54.90 11.82
C ASP D 48 -9.67 54.35 10.93
N HIS D 49 -9.33 53.41 10.03
CA HIS D 49 -10.29 52.86 9.10
C HIS D 49 -11.49 52.30 9.86
N VAL D 50 -11.28 51.84 11.10
CA VAL D 50 -12.37 51.23 11.84
C VAL D 50 -13.28 52.31 12.44
N PHE D 51 -12.71 53.40 12.99
CA PHE D 51 -13.51 54.50 13.50
C PHE D 51 -14.41 55.07 12.39
N LYS D 52 -13.93 55.01 11.14
CA LYS D 52 -14.67 55.63 10.06
C LYS D 52 -15.64 54.65 9.39
N ARG D 53 -15.73 53.41 9.88
CA ARG D 53 -16.84 52.54 9.53
C ARG D 53 -18.01 52.83 10.46
N TYR D 54 -17.75 53.45 11.62
CA TYR D 54 -18.79 53.75 12.60
C TYR D 54 -18.76 55.22 12.99
N PRO D 55 -19.14 56.13 12.06
CA PRO D 55 -19.03 57.56 12.29
C PRO D 55 -19.81 58.12 13.48
N ALA D 56 -20.79 57.37 14.00
CA ALA D 56 -21.62 57.84 15.09
C ALA D 56 -21.02 57.49 16.47
N ALA D 57 -20.05 56.57 16.56
CA ALA D 57 -19.58 56.20 17.90
C ALA D 57 -18.58 57.24 18.40
N LYS D 58 -18.61 57.59 19.69
CA LYS D 58 -17.61 58.44 20.32
C LYS D 58 -16.23 57.76 20.30
N LYS D 59 -15.18 58.53 20.01
CA LYS D 59 -13.79 58.04 19.94
C LYS D 59 -13.06 58.32 21.25
N TYR D 60 -12.33 57.33 21.75
CA TYR D 60 -11.43 57.55 22.86
C TYR D 60 -10.12 56.81 22.57
N ASN D 61 -9.10 57.19 23.35
CA ASN D 61 -7.80 56.57 23.25
C ASN D 61 -7.34 56.07 24.63
N ASP D 62 -8.23 56.08 25.62
CA ASP D 62 -7.96 55.49 26.92
C ASP D 62 -9.26 54.88 27.41
N TYR D 63 -9.28 53.57 27.67
CA TYR D 63 -10.51 52.90 28.04
C TYR D 63 -11.08 53.50 29.33
N ARG D 64 -10.22 53.92 30.28
CA ARG D 64 -10.70 54.43 31.57
C ARG D 64 -11.50 55.71 31.37
N LYS D 65 -11.04 56.57 30.45
CA LYS D 65 -11.75 57.78 30.04
C LYS D 65 -13.11 57.39 29.48
N MET D 66 -13.11 56.41 28.56
CA MET D 66 -14.36 56.04 27.91
C MET D 66 -15.29 55.44 28.95
N PHE D 67 -14.77 54.64 29.88
CA PHE D 67 -15.63 54.04 30.90
C PHE D 67 -16.26 55.09 31.81
N ASP D 68 -15.50 56.11 32.24
CA ASP D 68 -16.03 57.11 33.16
C ASP D 68 -17.17 57.89 32.52
N GLU D 69 -17.08 58.06 31.19
CA GLU D 69 -18.03 58.87 30.46
C GLU D 69 -19.19 58.00 30.00
N MET D 70 -19.00 56.71 29.70
CA MET D 70 -20.02 56.05 28.91
C MET D 70 -20.49 54.72 29.50
N LEU D 71 -19.97 54.29 30.65
CA LEU D 71 -20.39 53.01 31.21
C LEU D 71 -21.85 53.11 31.68
N LYS D 72 -22.34 54.31 31.98
CA LYS D 72 -23.78 54.46 32.22
C LYS D 72 -24.58 54.02 30.98
N SER D 73 -24.25 54.58 29.81
CA SER D 73 -24.97 54.35 28.56
C SER D 73 -24.90 52.92 28.04
N ALA D 74 -23.95 52.11 28.54
CA ALA D 74 -23.62 50.84 27.89
C ALA D 74 -24.32 49.70 28.61
N ASP D 75 -24.53 48.60 27.85
CA ASP D 75 -24.90 47.30 28.39
C ASP D 75 -23.70 46.34 28.43
N ALA D 76 -22.74 46.52 27.50
CA ALA D 76 -21.80 45.48 27.12
C ALA D 76 -20.49 46.10 26.63
N VAL D 77 -19.41 45.33 26.71
CA VAL D 77 -18.12 45.78 26.28
C VAL D 77 -17.44 44.66 25.52
N MET D 78 -16.88 45.00 24.37
CA MET D 78 -16.07 44.13 23.55
C MET D 78 -14.59 44.49 23.78
N VAL D 79 -13.77 43.50 24.15
CA VAL D 79 -12.35 43.71 24.39
C VAL D 79 -11.53 42.90 23.38
N ALA D 80 -10.74 43.56 22.54
CA ALA D 80 -9.78 42.92 21.63
C ALA D 80 -8.44 43.66 21.63
N THR D 81 -7.94 43.95 22.83
CA THR D 81 -6.63 44.53 23.08
C THR D 81 -5.56 43.45 23.15
N ALA D 82 -4.32 43.90 23.34
CA ALA D 82 -3.23 43.01 23.71
C ALA D 82 -3.57 42.25 24.99
N ASP D 83 -3.02 41.05 25.12
CA ASP D 83 -3.45 40.06 26.13
C ASP D 83 -3.37 40.60 27.57
N HIS D 84 -2.29 41.34 27.89
CA HIS D 84 -2.03 41.78 29.25
C HIS D 84 -3.08 42.76 29.79
N THR D 85 -3.82 43.46 28.90
CA THR D 85 -4.85 44.37 29.38
C THR D 85 -6.28 43.79 29.39
N HIS D 86 -6.50 42.58 28.85
CA HIS D 86 -7.85 42.07 28.77
C HIS D 86 -8.50 42.05 30.14
N ALA D 87 -7.78 41.60 31.14
CA ALA D 87 -8.34 41.34 32.45
C ALA D 87 -8.85 42.62 33.09
N ILE D 88 -8.04 43.68 33.09
CA ILE D 88 -8.39 44.81 33.91
C ILE D 88 -9.58 45.51 33.26
N ILE D 89 -9.61 45.50 31.93
CA ILE D 89 -10.72 46.07 31.20
C ILE D 89 -12.00 45.26 31.47
N ALA D 90 -11.97 43.96 31.17
CA ALA D 90 -13.14 43.14 31.40
C ALA D 90 -13.62 43.27 32.84
N ALA D 91 -12.70 43.26 33.82
CA ALA D 91 -13.13 43.25 35.22
C ALA D 91 -13.86 44.54 35.57
N ASP D 92 -13.40 45.69 35.04
CA ASP D 92 -13.99 46.97 35.37
C ASP D 92 -15.37 47.05 34.73
N ALA D 93 -15.52 46.42 33.58
CA ALA D 93 -16.80 46.40 32.90
C ALA D 93 -17.76 45.54 33.71
N MET D 94 -17.34 44.35 34.12
CA MET D 94 -18.23 43.42 34.78
C MET D 94 -18.65 43.97 36.15
N THR D 95 -17.70 44.55 36.90
CA THR D 95 -18.03 45.09 38.21
C THR D 95 -19.05 46.22 38.10
N ALA D 96 -19.13 46.88 36.95
CA ALA D 96 -20.15 47.90 36.67
C ALA D 96 -21.44 47.27 36.12
N GLY D 97 -21.56 45.93 36.13
CA GLY D 97 -22.77 45.24 35.71
C GLY D 97 -22.92 45.13 34.19
N LYS D 98 -21.81 44.99 33.46
CA LYS D 98 -21.86 44.93 32.01
C LYS D 98 -21.45 43.56 31.52
N HIS D 99 -22.07 43.14 30.41
CA HIS D 99 -21.73 41.92 29.70
C HIS D 99 -20.41 42.14 28.96
N VAL D 100 -19.62 41.08 28.76
CA VAL D 100 -18.30 41.26 28.14
C VAL D 100 -18.03 40.15 27.13
N TYR D 101 -17.56 40.58 25.95
CA TYR D 101 -16.90 39.69 25.01
C TYR D 101 -15.41 40.04 25.04
N VAL D 102 -14.55 39.06 25.35
CA VAL D 102 -13.13 39.27 25.51
C VAL D 102 -12.40 38.30 24.61
N GLU D 103 -11.50 38.78 23.75
CA GLU D 103 -10.80 37.89 22.85
C GLU D 103 -9.96 36.84 23.61
N LYS D 104 -9.72 35.74 22.91
CA LYS D 104 -8.81 34.70 23.32
C LYS D 104 -7.40 35.26 23.18
N PRO D 105 -6.43 34.88 24.04
CA PRO D 105 -6.69 34.12 25.27
C PRO D 105 -7.32 35.07 26.27
N LEU D 106 -8.14 34.53 27.14
CA LEU D 106 -9.03 35.37 27.92
C LEU D 106 -8.23 36.39 28.71
N THR D 107 -7.18 35.90 29.40
CA THR D 107 -6.33 36.71 30.22
C THR D 107 -4.89 36.25 30.06
N HIS D 108 -4.02 37.13 30.56
CA HIS D 108 -2.58 36.95 30.49
C HIS D 108 -2.14 35.93 31.55
N THR D 109 -2.82 35.90 32.70
CA THR D 109 -2.42 35.06 33.82
C THR D 109 -3.53 34.13 34.31
N VAL D 110 -3.10 33.07 34.99
CA VAL D 110 -4.00 32.16 35.66
C VAL D 110 -4.89 32.93 36.63
N TYR D 111 -4.31 33.72 37.52
CA TYR D 111 -5.06 34.43 38.54
C TYR D 111 -6.15 35.26 37.88
N GLU D 112 -5.80 36.02 36.82
CA GLU D 112 -6.77 36.87 36.15
C GLU D 112 -7.91 36.02 35.58
N SER D 113 -7.64 34.83 35.05
CA SER D 113 -8.74 34.02 34.51
C SER D 113 -9.67 33.58 35.64
N ARG D 114 -9.10 33.17 36.77
CA ARG D 114 -9.91 32.75 37.90
C ARG D 114 -10.78 33.94 38.31
N LEU D 115 -10.22 35.14 38.33
CA LEU D 115 -10.95 36.33 38.76
C LEU D 115 -12.08 36.65 37.77
N LEU D 116 -11.85 36.60 36.45
CA LEU D 116 -12.93 36.89 35.51
C LEU D 116 -14.05 35.86 35.67
N THR D 117 -13.70 34.59 35.89
CA THR D 117 -14.69 33.55 36.09
C THR D 117 -15.61 33.87 37.27
N LYS D 118 -15.01 34.30 38.39
CA LYS D 118 -15.77 34.51 39.61
C LYS D 118 -16.58 35.81 39.56
N LEU D 119 -16.07 36.82 38.87
CA LEU D 119 -16.82 38.06 38.64
C LEU D 119 -18.05 37.82 37.75
N ALA D 120 -17.93 36.95 36.72
CA ALA D 120 -19.02 36.63 35.81
C ALA D 120 -20.20 36.02 36.56
N ASP D 121 -19.87 35.09 37.47
CA ASP D 121 -20.82 34.49 38.37
C ASP D 121 -21.41 35.55 39.31
N LYS D 122 -20.56 36.36 39.95
CA LYS D 122 -21.05 37.25 40.99
C LYS D 122 -22.00 38.27 40.40
N TYR D 123 -21.62 38.94 39.29
CA TYR D 123 -22.45 39.98 38.70
C TYR D 123 -23.50 39.40 37.75
N LYS D 124 -23.46 38.09 37.47
CA LYS D 124 -24.50 37.42 36.69
C LYS D 124 -24.73 38.06 35.33
N VAL D 125 -23.63 38.41 34.68
CA VAL D 125 -23.66 38.96 33.35
C VAL D 125 -23.32 37.83 32.38
N ALA D 126 -23.63 38.05 31.10
CA ALA D 126 -23.27 37.12 30.04
C ALA D 126 -21.84 37.41 29.60
N THR D 127 -21.11 36.34 29.32
CA THR D 127 -19.72 36.44 28.97
C THR D 127 -19.44 35.56 27.78
N GLN D 128 -18.43 35.91 27.01
CA GLN D 128 -18.04 35.12 25.85
C GLN D 128 -16.56 35.36 25.60
N MET D 129 -15.76 34.31 25.66
CA MET D 129 -14.40 34.42 25.18
C MET D 129 -14.47 34.23 23.68
N GLY D 130 -13.55 34.88 22.95
CA GLY D 130 -13.61 35.00 21.51
C GLY D 130 -13.04 33.82 20.74
N ASN D 131 -13.16 32.61 21.28
CA ASN D 131 -12.73 31.43 20.53
C ASN D 131 -13.91 30.92 19.70
N GLN D 132 -14.06 31.45 18.47
CA GLN D 132 -15.28 31.32 17.68
C GLN D 132 -15.52 29.87 17.27
N GLY D 133 -14.47 29.01 17.28
CA GLY D 133 -14.62 27.56 17.05
C GLY D 133 -15.60 26.86 18.00
N ALA D 134 -15.78 27.45 19.18
CA ALA D 134 -16.66 26.91 20.20
C ALA D 134 -18.11 26.97 19.75
N SER D 135 -18.40 27.79 18.72
CA SER D 135 -19.77 27.96 18.25
C SER D 135 -19.96 27.20 16.94
N ASP D 136 -18.97 26.44 16.45
CA ASP D 136 -19.15 25.75 15.17
C ASP D 136 -19.57 24.29 15.34
N GLU D 137 -19.75 23.66 14.16
CA GLU D 137 -20.20 22.28 14.10
C GLU D 137 -19.10 21.29 14.52
N GLY D 138 -17.86 21.50 14.06
CA GLY D 138 -16.77 20.55 14.31
C GLY D 138 -16.67 20.10 15.77
N VAL D 139 -16.57 21.03 16.71
CA VAL D 139 -16.56 20.65 18.10
C VAL D 139 -17.76 19.79 18.44
N ARG D 140 -18.95 20.14 17.94
CA ARG D 140 -20.13 19.43 18.36
C ARG D 140 -19.96 17.96 17.95
N LYS D 141 -19.43 17.73 16.76
CA LYS D 141 -19.19 16.36 16.32
C LYS D 141 -18.11 15.71 17.21
N VAL D 142 -17.03 16.43 17.52
CA VAL D 142 -15.97 15.82 18.30
C VAL D 142 -16.57 15.34 19.61
N CYS D 143 -17.36 16.20 20.26
CA CYS D 143 -17.85 15.91 21.59
C CYS D 143 -18.83 14.75 21.51
N GLU D 144 -19.74 14.80 20.56
CA GLU D 144 -20.77 13.80 20.45
C GLU D 144 -20.15 12.48 20.03
N TRP D 145 -19.11 12.45 19.23
CA TRP D 145 -18.50 11.16 18.94
C TRP D 145 -17.86 10.57 20.19
N ILE D 146 -17.07 11.36 20.90
CA ILE D 146 -16.38 10.86 22.08
C ILE D 146 -17.39 10.40 23.13
N TRP D 147 -18.43 11.22 23.38
CA TRP D 147 -19.40 10.95 24.43
C TRP D 147 -20.25 9.73 24.11
N ASN D 148 -20.37 9.40 22.82
CA ASN D 148 -21.12 8.23 22.47
C ASN D 148 -20.25 6.96 22.42
N GLY D 149 -18.96 7.08 22.71
CA GLY D 149 -18.08 5.92 22.82
C GLY D 149 -17.49 5.51 21.49
N GLU D 150 -17.58 6.38 20.47
CA GLU D 150 -17.11 6.06 19.14
C GLU D 150 -15.63 5.68 19.10
N ILE D 151 -14.79 6.27 19.97
CA ILE D 151 -13.36 5.97 19.89
C ILE D 151 -12.85 5.28 21.13
N GLY D 152 -13.74 4.92 22.05
CA GLY D 152 -13.31 4.37 23.32
C GLY D 152 -12.75 5.47 24.21
N GLU D 153 -11.97 5.06 25.22
CA GLU D 153 -11.33 5.94 26.17
C GLU D 153 -10.07 6.55 25.58
N VAL D 154 -9.73 7.75 26.04
CA VAL D 154 -8.63 8.54 25.53
C VAL D 154 -7.64 8.79 26.68
N ARG D 155 -6.44 8.22 26.55
CA ARG D 155 -5.37 8.41 27.50
C ARG D 155 -4.28 9.34 26.96
N LYS D 156 -4.32 9.67 25.69
CA LYS D 156 -3.25 10.45 25.11
C LYS D 156 -3.86 11.23 23.95
N VAL D 157 -3.53 12.51 23.96
CA VAL D 157 -3.92 13.48 22.93
C VAL D 157 -2.70 14.28 22.51
N GLU D 158 -2.46 14.37 21.22
CA GLU D 158 -1.39 15.17 20.66
C GLU D 158 -1.93 16.31 19.82
N THR D 159 -1.37 17.49 20.05
CA THR D 159 -1.87 18.70 19.46
C THR D 159 -0.71 19.59 19.04
N PHE D 160 -0.96 20.39 18.03
CA PHE D 160 0.09 21.26 17.57
C PHE D 160 -0.47 22.38 16.70
N THR D 161 0.34 23.43 16.58
CA THR D 161 0.12 24.49 15.63
C THR D 161 1.40 24.72 14.86
N ASP D 162 1.25 25.36 13.69
CA ASP D 162 2.38 25.79 12.89
C ASP D 162 2.83 27.19 13.34
N ARG D 163 2.05 27.84 14.21
CA ARG D 163 2.55 29.08 14.75
C ARG D 163 3.73 28.83 15.71
N PRO D 164 4.60 29.78 16.08
CA PRO D 164 4.58 31.16 15.57
C PRO D 164 5.07 31.29 14.12
N ILE D 165 4.40 32.16 13.37
CA ILE D 165 4.82 32.50 12.02
C ILE D 165 5.28 33.97 11.99
N TRP D 166 5.30 34.63 13.16
CA TRP D 166 5.93 35.93 13.34
C TRP D 166 7.30 35.82 14.05
N PRO D 167 8.00 36.97 14.26
CA PRO D 167 9.22 37.05 15.08
C PRO D 167 9.14 36.75 16.57
N GLN D 168 9.87 35.70 16.99
CA GLN D 168 10.01 35.41 18.41
C GLN D 168 11.49 35.21 18.71
N GLY D 169 11.80 34.95 19.98
CA GLY D 169 13.20 34.84 20.38
C GLY D 169 13.94 36.16 20.23
N LEU D 170 13.28 37.30 20.47
CA LEU D 170 13.90 38.61 20.25
C LEU D 170 14.46 39.13 21.56
N SER D 171 15.39 40.07 21.51
CA SER D 171 15.71 40.79 22.72
C SER D 171 15.28 42.22 22.52
N ARG D 172 15.18 42.95 23.63
CA ARG D 172 14.67 44.30 23.61
C ARG D 172 15.47 45.09 22.58
N PRO D 173 14.85 45.82 21.65
CA PRO D 173 15.61 46.71 20.79
C PRO D 173 16.14 47.88 21.62
N GLU D 174 17.32 48.37 21.23
CA GLU D 174 18.12 49.22 22.10
C GLU D 174 17.85 50.68 21.75
N ASP D 175 17.80 50.95 20.44
CA ASP D 175 17.62 52.28 19.90
C ASP D 175 16.32 52.89 20.41
N ASP D 176 16.29 54.24 20.43
CA ASP D 176 15.09 54.99 20.72
C ASP D 176 14.32 55.21 19.43
N GLN D 177 13.02 55.02 19.56
CA GLN D 177 12.06 55.38 18.54
C GLN D 177 11.12 56.42 19.12
N ARG D 178 10.78 57.43 18.32
CA ARG D 178 9.80 58.45 18.66
C ARG D 178 8.44 57.79 18.85
N ILE D 179 7.68 58.18 19.89
CA ILE D 179 6.31 57.73 20.09
C ILE D 179 5.41 58.44 19.08
N PRO D 180 4.75 57.77 18.09
CA PRO D 180 3.90 58.49 17.15
C PRO D 180 2.86 59.26 17.95
N LYS D 181 2.47 60.45 17.44
CA LYS D 181 1.55 61.37 18.10
C LYS D 181 0.15 60.75 18.22
N THR D 182 -0.12 59.77 17.35
CA THR D 182 -1.39 59.09 17.27
C THR D 182 -1.47 57.90 18.23
N LEU D 183 -0.40 57.61 18.99
CA LEU D 183 -0.35 56.44 19.84
C LEU D 183 -0.24 56.82 21.31
N ASN D 184 -1.16 56.30 22.12
CA ASN D 184 -1.11 56.49 23.56
C ASN D 184 -0.34 55.34 24.22
N TRP D 185 1.00 55.46 24.18
CA TRP D 185 1.88 54.42 24.65
C TRP D 185 1.58 54.06 26.11
N ASP D 186 1.26 55.04 26.96
CA ASP D 186 1.12 54.72 28.37
C ASP D 186 -0.08 53.79 28.60
N ALA D 187 -1.17 54.00 27.85
CA ALA D 187 -2.35 53.17 28.02
C ALA D 187 -2.14 51.79 27.39
N PHE D 188 -1.27 51.70 26.37
CA PHE D 188 -0.89 50.40 25.83
C PHE D 188 -0.20 49.55 26.90
N ILE D 189 0.76 50.15 27.59
CA ILE D 189 1.49 49.47 28.66
C ILE D 189 0.49 49.03 29.73
N GLY D 190 -0.38 49.93 30.13
CA GLY D 190 -1.39 49.56 31.07
C GLY D 190 -0.78 49.01 32.35
N PRO D 191 -1.23 47.85 32.88
CA PRO D 191 -0.68 47.37 34.13
C PRO D 191 0.70 46.70 34.02
N ALA D 192 1.23 46.56 32.80
CA ALA D 192 2.54 45.98 32.67
C ALA D 192 3.61 46.96 33.14
N PRO D 193 4.84 46.49 33.43
CA PRO D 193 6.00 47.37 33.64
C PRO D 193 6.19 48.30 32.45
N TYR D 194 6.50 49.57 32.76
CA TYR D 194 6.84 50.55 31.74
C TYR D 194 8.12 50.11 31.03
N ARG D 195 8.18 50.37 29.72
CA ARG D 195 9.39 50.26 28.96
C ARG D 195 9.31 51.25 27.80
N PRO D 196 10.46 51.66 27.20
CA PRO D 196 10.43 52.55 26.05
C PRO D 196 9.66 52.01 24.84
N TYR D 197 8.99 52.91 24.12
CA TYR D 197 8.22 52.57 22.93
C TYR D 197 9.13 52.01 21.84
N ASN D 198 8.59 51.08 21.06
CA ASN D 198 9.20 50.65 19.81
C ASN D 198 8.14 49.92 18.97
N ALA D 199 8.20 50.02 17.64
CA ALA D 199 7.22 49.45 16.74
C ALA D 199 7.17 47.94 16.82
N ILE D 200 8.21 47.31 17.36
CA ILE D 200 8.29 45.87 17.45
C ILE D 200 7.20 45.35 18.37
N TYR D 201 6.68 46.22 19.27
CA TYR D 201 5.74 45.78 20.28
C TYR D 201 4.29 45.92 19.84
N THR D 202 3.94 46.92 19.04
CA THR D 202 2.55 47.15 18.65
C THR D 202 2.55 47.96 17.38
N PRO D 203 1.54 47.81 16.51
CA PRO D 203 0.50 46.81 16.65
C PRO D 203 0.91 45.37 16.38
N TRP D 204 0.07 44.44 16.85
CA TRP D 204 0.04 43.05 16.38
C TRP D 204 1.17 42.21 17.01
N ASN D 205 2.38 42.76 17.04
CA ASN D 205 3.57 41.98 17.26
C ASN D 205 3.86 41.83 18.76
N PHE D 206 2.92 42.23 19.62
CA PHE D 206 3.07 42.08 21.05
C PHE D 206 3.12 40.61 21.46
N ARG D 207 2.64 39.75 20.55
CA ARG D 207 2.43 38.34 20.80
C ARG D 207 3.70 37.70 21.39
N GLY D 208 4.87 38.13 20.91
CA GLY D 208 6.13 37.49 21.27
C GLY D 208 6.70 37.91 22.64
N TRP D 209 6.10 38.89 23.33
CA TRP D 209 6.72 39.54 24.48
C TRP D 209 6.01 39.08 25.75
N TRP D 210 6.76 38.54 26.72
CA TRP D 210 6.16 37.97 27.92
C TRP D 210 5.21 38.96 28.60
N ASP D 211 5.60 40.23 28.65
CA ASP D 211 4.85 41.21 29.43
C ASP D 211 3.54 41.58 28.73
N PHE D 212 3.39 41.29 27.44
CA PHE D 212 2.20 41.72 26.72
C PHE D 212 1.42 40.58 26.10
N GLY D 213 2.11 39.56 25.58
CA GLY D 213 1.42 38.43 24.98
C GLY D 213 1.78 37.12 25.69
N THR D 214 1.55 36.04 24.99
CA THR D 214 1.64 34.70 25.52
C THR D 214 2.12 33.78 24.38
N GLY D 215 2.77 34.32 23.35
CA GLY D 215 3.36 33.52 22.30
C GLY D 215 2.38 32.62 21.58
N ALA D 216 2.86 31.52 20.99
CA ALA D 216 2.00 30.65 20.20
C ALA D 216 0.92 29.98 21.06
N LEU D 217 1.20 29.75 22.35
CA LEU D 217 0.17 29.27 23.24
C LEU D 217 -1.06 30.17 23.29
N GLY D 218 -0.88 31.47 23.49
CA GLY D 218 -2.01 32.39 23.48
C GLY D 218 -2.54 32.63 22.08
N ASP D 219 -1.68 32.67 21.08
CA ASP D 219 -2.19 32.95 19.75
C ASP D 219 -3.10 31.83 19.30
N MET D 220 -2.81 30.56 19.65
CA MET D 220 -3.48 29.51 18.90
C MET D 220 -4.11 28.48 19.83
N ALA D 221 -3.65 28.37 21.05
CA ALA D 221 -4.05 27.17 21.76
C ALA D 221 -5.53 27.18 22.06
N CYS D 222 -6.11 28.35 22.33
CA CYS D 222 -7.53 28.39 22.67
C CYS D 222 -8.38 27.91 21.49
N HIS D 223 -7.86 28.01 20.27
CA HIS D 223 -8.52 27.43 19.11
C HIS D 223 -8.29 25.93 19.05
N ILE D 224 -7.06 25.49 19.25
CA ILE D 224 -6.69 24.11 19.01
C ILE D 224 -7.16 23.18 20.12
N LEU D 225 -7.02 23.59 21.36
CA LEU D 225 -7.33 22.70 22.45
C LEU D 225 -8.79 22.72 22.88
N HIS D 226 -9.62 23.61 22.33
CA HIS D 226 -10.99 23.68 22.82
C HIS D 226 -11.72 22.32 22.74
N PRO D 227 -11.68 21.58 21.61
CA PRO D 227 -12.39 20.31 21.53
C PRO D 227 -11.82 19.25 22.49
N VAL D 228 -10.53 19.34 22.79
CA VAL D 228 -9.93 18.50 23.80
C VAL D 228 -10.50 18.82 25.17
N PHE D 229 -10.45 20.09 25.55
CA PHE D 229 -10.93 20.54 26.85
C PHE D 229 -12.41 20.23 27.04
N LYS D 230 -13.24 20.48 26.05
CA LYS D 230 -14.66 20.23 26.19
C LYS D 230 -15.00 18.75 26.02
N GLY D 231 -14.40 18.09 25.02
CA GLY D 231 -14.73 16.69 24.75
C GLY D 231 -14.34 15.75 25.91
N LEU D 232 -13.21 16.03 26.56
CA LEU D 232 -12.74 15.14 27.60
C LEU D 232 -13.12 15.66 28.98
N LYS D 233 -13.91 16.74 29.00
CA LYS D 233 -14.37 17.39 30.21
C LYS D 233 -13.23 17.62 31.19
N LEU D 234 -12.21 18.30 30.71
CA LEU D 234 -11.07 18.56 31.53
C LEU D 234 -11.37 19.68 32.54
N GLY D 235 -10.61 19.65 33.63
CA GLY D 235 -10.62 20.68 34.64
C GLY D 235 -9.20 21.20 34.83
N TYR D 236 -8.72 21.11 36.08
CA TYR D 236 -7.38 21.54 36.41
C TYR D 236 -6.43 20.39 36.09
N PRO D 237 -5.28 20.62 35.43
CA PRO D 237 -4.29 19.58 35.31
C PRO D 237 -3.63 19.32 36.67
N THR D 238 -3.03 18.16 36.82
CA THR D 238 -2.26 17.87 38.03
C THR D 238 -0.78 18.12 37.79
N LYS D 239 -0.30 18.05 36.54
CA LYS D 239 1.13 18.08 36.30
C LYS D 239 1.41 18.73 34.97
N VAL D 240 2.58 19.34 34.84
CA VAL D 240 2.91 19.97 33.56
C VAL D 240 4.43 20.10 33.49
N GLN D 241 4.94 20.03 32.25
CA GLN D 241 6.34 20.29 32.02
C GLN D 241 6.50 20.69 30.56
N GLY D 242 7.51 21.50 30.28
CA GLY D 242 7.80 21.81 28.90
C GLY D 242 9.28 21.91 28.62
N SER D 243 9.60 22.01 27.35
CA SER D 243 10.92 22.43 26.91
C SER D 243 10.75 23.33 25.68
N SER D 244 11.80 24.03 25.30
CA SER D 244 11.78 24.98 24.21
C SER D 244 13.17 25.18 23.66
N THR D 245 13.22 25.84 22.53
CA THR D 245 14.41 26.51 22.07
C THR D 245 14.77 27.63 23.04
N LEU D 246 15.79 28.41 22.70
CA LEU D 246 16.32 29.44 23.59
C LEU D 246 15.23 30.16 24.39
N LEU D 247 15.26 30.03 25.71
CA LEU D 247 14.32 30.73 26.56
C LEU D 247 14.94 32.02 27.04
N LEU D 248 14.39 33.13 26.52
CA LEU D 248 14.88 34.43 26.85
C LEU D 248 14.07 35.06 27.96
N ASN D 249 14.60 36.17 28.48
CA ASN D 249 13.95 36.79 29.58
C ASN D 249 12.82 37.67 29.12
N GLU D 250 12.75 38.15 27.87
CA GLU D 250 11.62 39.06 27.61
C GLU D 250 10.68 38.56 26.53
N SER D 251 11.14 37.61 25.74
CA SER D 251 10.53 37.16 24.49
C SER D 251 10.32 35.65 24.54
N ALA D 252 9.25 35.19 23.91
CA ALA D 252 8.92 33.78 23.87
C ALA D 252 9.77 33.06 22.83
N PRO D 253 9.87 31.73 22.94
CA PRO D 253 10.80 30.97 22.09
C PRO D 253 10.24 30.59 20.72
N MET D 254 11.11 30.20 19.79
CA MET D 254 10.77 29.87 18.43
C MET D 254 9.85 28.65 18.42
N ALA D 255 10.10 27.70 19.33
CA ALA D 255 9.39 26.44 19.32
C ALA D 255 9.40 25.84 20.74
N GLN D 256 8.32 25.10 21.05
CA GLN D 256 8.20 24.52 22.35
C GLN D 256 7.37 23.24 22.28
N THR D 257 7.50 22.46 23.38
CA THR D 257 6.66 21.32 23.71
C THR D 257 6.14 21.51 25.13
N VAL D 258 4.91 21.05 25.36
CA VAL D 258 4.37 20.99 26.68
C VAL D 258 3.67 19.67 26.79
N LYS D 259 3.90 19.01 27.92
CA LYS D 259 3.05 17.90 28.31
C LYS D 259 2.26 18.23 29.57
N PHE D 260 0.93 18.16 29.47
CA PHE D 260 0.05 18.19 30.63
C PHE D 260 -0.44 16.79 30.97
N VAL D 261 -0.77 16.58 32.27
CA VAL D 261 -1.51 15.42 32.74
C VAL D 261 -2.72 15.92 33.51
N PHE D 262 -3.88 15.38 33.18
CA PHE D 262 -5.13 15.71 33.83
C PHE D 262 -5.62 14.49 34.55
N PRO D 263 -6.19 14.59 35.76
CA PRO D 263 -6.62 13.39 36.50
C PRO D 263 -7.87 12.82 35.87
N ALA D 264 -8.25 11.63 36.30
CA ALA D 264 -9.49 11.00 35.89
C ALA D 264 -10.69 11.90 36.26
N ARG D 265 -11.73 11.89 35.43
CA ARG D 265 -12.99 12.54 35.73
C ARG D 265 -14.00 11.40 35.93
N ASP D 266 -15.20 11.80 36.32
CA ASP D 266 -16.34 10.95 36.31
C ASP D 266 -16.59 10.38 34.89
N ASN D 267 -16.95 9.10 34.85
CA ASN D 267 -17.24 8.47 33.57
C ASN D 267 -18.61 8.93 33.11
N MET D 268 -18.79 8.96 31.79
CA MET D 268 -20.09 9.12 31.19
C MET D 268 -20.65 7.75 30.83
N PRO D 269 -21.96 7.60 30.61
CA PRO D 269 -22.49 6.28 30.26
C PRO D 269 -21.70 5.44 29.22
N LYS D 270 -21.24 6.05 28.14
CA LYS D 270 -20.71 5.32 27.01
C LYS D 270 -19.22 5.53 26.87
N VAL D 271 -18.55 6.29 27.75
CA VAL D 271 -17.10 6.47 27.63
C VAL D 271 -16.56 6.76 29.01
N ALA D 272 -15.50 6.06 29.38
CA ALA D 272 -14.82 6.35 30.64
C ALA D 272 -13.89 7.55 30.43
N MET D 273 -13.53 8.20 31.53
CA MET D 273 -12.73 9.39 31.47
C MET D 273 -11.49 9.19 32.32
N PRO D 274 -10.54 8.33 31.92
CA PRO D 274 -9.36 8.12 32.75
C PRO D 274 -8.39 9.30 32.61
N GLU D 275 -7.33 9.20 33.37
CA GLU D 275 -6.27 10.17 33.39
C GLU D 275 -5.74 10.28 31.99
N VAL D 276 -5.39 11.50 31.55
CA VAL D 276 -5.04 11.72 30.15
C VAL D 276 -3.86 12.68 30.09
N GLU D 277 -2.92 12.36 29.21
CA GLU D 277 -1.76 13.17 28.89
C GLU D 277 -2.09 13.95 27.62
N VAL D 278 -1.82 15.25 27.65
CA VAL D 278 -1.99 16.09 26.48
C VAL D 278 -0.69 16.75 26.10
N TYR D 279 -0.26 16.52 24.87
CA TYR D 279 0.97 17.06 24.33
C TYR D 279 0.68 18.20 23.38
N TRP D 280 1.46 19.27 23.50
CA TRP D 280 1.36 20.44 22.67
C TRP D 280 2.70 20.63 21.99
N TYR D 281 2.71 20.89 20.70
CA TYR D 281 3.91 21.22 19.97
C TYR D 281 3.64 22.46 19.13
N ASP D 282 4.66 23.31 18.99
CA ASP D 282 4.53 24.41 18.06
C ASP D 282 5.83 24.74 17.34
N GLY D 283 5.75 25.74 16.45
CA GLY D 283 6.89 26.33 15.78
C GLY D 283 7.44 25.43 14.68
N GLY D 284 6.66 24.42 14.20
CA GLY D 284 7.11 23.53 13.13
C GLY D 284 7.16 22.08 13.57
N LEU D 285 7.33 21.88 14.89
CA LEU D 285 7.38 20.53 15.42
C LEU D 285 5.98 19.93 15.32
N LYS D 286 6.01 18.65 14.97
CA LYS D 286 4.79 17.89 14.91
C LYS D 286 4.91 16.61 15.71
N PRO D 287 3.75 16.11 16.18
CA PRO D 287 3.64 14.74 16.68
C PRO D 287 3.94 13.77 15.55
N ALA D 288 4.48 12.63 15.94
CA ALA D 288 4.63 11.48 15.06
C ALA D 288 3.30 11.15 14.40
N ARG D 289 3.38 10.61 13.20
CA ARG D 289 2.19 10.20 12.47
C ARG D 289 1.45 9.15 13.27
N PRO D 290 0.14 9.27 13.48
CA PRO D 290 -0.62 8.19 14.10
C PRO D 290 -0.65 7.00 13.17
N GLU D 291 -0.59 5.82 13.77
CA GLU D 291 -0.66 4.58 13.04
C GLU D 291 -1.98 4.54 12.28
N GLY D 292 -1.93 4.09 11.02
CA GLY D 292 -3.13 3.94 10.20
C GLY D 292 -3.42 5.16 9.34
N LEU D 293 -2.79 6.31 9.61
CA LEU D 293 -3.12 7.48 8.82
C LEU D 293 -2.49 7.29 7.45
N PRO D 294 -3.21 7.56 6.35
CA PRO D 294 -2.59 7.40 5.04
C PRO D 294 -1.34 8.28 4.94
N ALA D 295 -0.28 7.70 4.35
CA ALA D 295 0.88 8.44 3.94
C ALA D 295 0.41 9.67 3.16
N GLY D 296 0.97 10.86 3.45
CA GLY D 296 0.65 12.02 2.61
C GLY D 296 -0.48 12.89 3.16
N LYS D 297 -1.32 12.37 4.05
CA LYS D 297 -2.37 13.20 4.59
C LYS D 297 -1.76 14.21 5.54
N ASP D 298 -2.04 15.48 5.28
CA ASP D 298 -1.56 16.56 6.12
C ASP D 298 -2.32 16.55 7.46
N LEU D 299 -1.56 16.62 8.54
CA LEU D 299 -2.08 16.73 9.90
C LEU D 299 -2.54 18.15 10.23
N ASN D 300 -1.97 19.12 9.52
CA ASN D 300 -2.33 20.52 9.72
C ASN D 300 -3.56 20.83 8.86
N MET D 301 -4.65 21.24 9.49
CA MET D 301 -5.80 21.81 8.81
C MET D 301 -6.13 23.09 9.54
N ALA D 302 -6.05 24.21 8.78
CA ALA D 302 -6.41 25.55 9.22
C ALA D 302 -5.53 26.05 10.35
N GLY D 303 -4.28 25.52 10.47
CA GLY D 303 -3.32 26.11 11.38
C GLY D 303 -2.86 25.18 12.50
N GLY D 304 -3.28 23.91 12.44
CA GLY D 304 -2.87 22.95 13.42
C GLY D 304 -3.71 21.70 13.37
N GLY D 305 -3.62 20.95 14.45
CA GLY D 305 -4.30 19.66 14.48
C GLY D 305 -4.32 19.08 15.89
N VAL D 306 -5.17 18.08 16.01
CA VAL D 306 -5.44 17.38 17.25
C VAL D 306 -5.58 15.93 16.86
N ILE D 307 -5.01 15.06 17.67
CA ILE D 307 -5.16 13.64 17.49
C ILE D 307 -5.57 13.06 18.83
N PHE D 308 -6.72 12.41 18.87
CA PHE D 308 -7.17 11.75 20.09
C PHE D 308 -6.99 10.25 19.94
N TYR D 309 -6.13 9.68 20.80
CA TYR D 309 -5.79 8.28 20.63
C TYR D 309 -6.73 7.46 21.51
N GLY D 310 -7.78 6.91 20.97
CA GLY D 310 -8.74 6.19 21.78
C GLY D 310 -8.44 4.71 21.75
N THR D 311 -9.04 3.94 22.64
CA THR D 311 -8.89 2.49 22.64
C THR D 311 -9.52 1.81 21.42
N LYS D 312 -10.50 2.41 20.74
CA LYS D 312 -11.13 1.77 19.59
C LYS D 312 -10.80 2.48 18.29
N ASP D 313 -10.35 3.72 18.28
CA ASP D 313 -10.06 4.40 17.03
C ASP D 313 -9.21 5.62 17.34
N THR D 314 -8.88 6.41 16.33
CA THR D 314 -8.13 7.63 16.50
C THR D 314 -8.93 8.74 15.80
N LEU D 315 -9.19 9.82 16.54
CA LEU D 315 -9.98 10.91 16.03
C LEU D 315 -9.05 12.06 15.77
N ILE D 316 -9.08 12.61 14.59
CA ILE D 316 -8.21 13.70 14.21
C ILE D 316 -9.05 14.89 13.79
N CYS D 317 -8.73 16.09 14.24
CA CYS D 317 -9.35 17.26 13.63
C CYS D 317 -8.29 18.35 13.42
N GLY D 318 -8.74 19.42 12.76
CA GLY D 318 -7.89 20.56 12.52
C GLY D 318 -8.10 21.61 13.61
N CYS D 319 -7.47 22.77 13.42
CA CYS D 319 -7.70 23.92 14.27
C CYS D 319 -9.20 24.29 14.21
N TYR D 320 -9.70 24.94 15.28
CA TYR D 320 -11.08 25.38 15.38
C TYR D 320 -11.99 24.14 15.36
N GLY D 321 -11.44 22.97 15.62
CA GLY D 321 -12.16 21.71 15.59
C GLY D 321 -12.66 21.28 14.21
N VAL D 322 -12.12 21.84 13.13
CA VAL D 322 -12.74 21.61 11.84
C VAL D 322 -12.42 20.23 11.29
N ASN D 323 -13.36 19.74 10.45
CA ASN D 323 -13.30 18.53 9.65
C ASN D 323 -12.85 17.32 10.45
N PRO D 324 -13.48 17.02 11.59
CA PRO D 324 -13.07 15.83 12.34
C PRO D 324 -13.27 14.55 11.54
N TYR D 325 -12.36 13.59 11.64
CA TYR D 325 -12.52 12.29 11.05
C TYR D 325 -11.84 11.22 11.89
N LEU D 326 -12.20 9.99 11.61
CA LEU D 326 -11.64 8.84 12.26
C LEU D 326 -10.65 8.21 11.30
N VAL D 327 -9.52 7.73 11.84
CA VAL D 327 -8.54 7.09 11.01
C VAL D 327 -9.05 5.79 10.40
N SER D 328 -9.94 5.04 11.05
CA SER D 328 -10.55 3.87 10.40
C SER D 328 -11.37 4.25 9.13
N GLY D 329 -11.74 5.51 8.92
CA GLY D 329 -12.55 5.95 7.77
C GLY D 329 -14.05 5.97 8.09
N ARG D 330 -14.44 5.36 9.20
CA ARG D 330 -15.84 5.28 9.57
C ARG D 330 -16.37 6.68 9.87
N VAL D 331 -17.63 6.92 9.55
CA VAL D 331 -18.31 8.18 9.84
C VAL D 331 -19.42 7.87 10.83
N PRO D 332 -19.30 8.21 12.12
CA PRO D 332 -20.35 7.93 13.07
C PRO D 332 -21.61 8.73 12.80
N ASN D 333 -22.70 8.20 13.35
CA ASN D 333 -23.97 8.86 13.43
C ASN D 333 -24.42 8.86 14.89
N ALA D 334 -23.98 9.83 15.67
CA ALA D 334 -24.06 9.76 17.11
C ALA D 334 -25.21 10.64 17.57
N PRO D 335 -25.81 10.41 18.74
CA PRO D 335 -26.85 11.29 19.28
C PRO D 335 -26.42 12.73 19.36
N LYS D 336 -27.36 13.63 19.09
CA LYS D 336 -27.19 15.06 19.29
C LYS D 336 -27.33 15.38 20.77
N VAL D 337 -26.45 16.20 21.33
CA VAL D 337 -26.66 16.59 22.73
C VAL D 337 -26.38 18.07 22.88
N LEU D 338 -25.48 18.65 22.08
CA LEU D 338 -25.16 20.06 22.27
C LEU D 338 -26.07 20.95 21.42
N ARG D 339 -26.46 22.09 22.01
CA ARG D 339 -27.26 23.10 21.35
C ARG D 339 -26.58 23.46 20.04
N GLU D 340 -27.37 23.50 18.99
CA GLU D 340 -26.83 23.73 17.66
C GLU D 340 -26.94 25.24 17.43
N ILE D 341 -25.81 25.92 17.36
CA ILE D 341 -25.78 27.35 17.48
C ILE D 341 -25.85 27.91 16.08
N LYS D 342 -26.88 28.74 15.82
CA LYS D 342 -27.15 29.20 14.46
C LYS D 342 -26.61 30.63 14.26
N GLU D 343 -26.68 31.48 15.29
CA GLU D 343 -26.05 32.78 15.28
C GLU D 343 -24.51 32.63 15.30
N SER D 344 -23.84 33.67 14.80
CA SER D 344 -22.42 33.85 14.90
C SER D 344 -22.01 33.73 16.37
N HIS D 345 -20.70 33.63 16.54
CA HIS D 345 -20.17 33.60 17.90
C HIS D 345 -20.45 34.91 18.61
N GLN D 346 -20.46 36.03 17.85
CA GLN D 346 -20.74 37.33 18.44
C GLN D 346 -22.23 37.42 18.81
N MET D 347 -23.11 37.00 17.91
CA MET D 347 -24.52 37.23 18.09
C MET D 347 -25.09 36.25 19.10
N ASP D 348 -24.47 35.07 19.23
CA ASP D 348 -24.97 34.12 20.22
C ASP D 348 -24.76 34.72 21.63
N TRP D 349 -23.68 35.49 21.80
CA TRP D 349 -23.41 36.16 23.07
C TRP D 349 -24.43 37.27 23.31
N VAL D 350 -24.70 38.06 22.29
CA VAL D 350 -25.72 39.11 22.36
C VAL D 350 -27.05 38.55 22.83
N ARG D 351 -27.49 37.44 22.24
CA ARG D 351 -28.68 36.74 22.69
C ARG D 351 -28.64 36.49 24.20
N ALA D 352 -27.54 35.89 24.70
CA ALA D 352 -27.45 35.63 26.12
C ALA D 352 -27.57 36.90 26.96
N CYS D 353 -27.00 38.01 26.45
CA CYS D 353 -26.97 39.28 27.17
C CYS D 353 -28.38 39.74 27.47
N LYS D 354 -29.32 39.38 26.58
CA LYS D 354 -30.69 39.86 26.63
C LYS D 354 -31.65 38.96 27.38
N GLU D 355 -31.27 37.71 27.64
CA GLU D 355 -32.08 36.86 28.49
C GLU D 355 -31.89 37.27 29.95
N ASP D 356 -32.96 37.25 30.73
CA ASP D 356 -32.93 37.42 32.17
C ASP D 356 -31.92 36.43 32.76
N ALA D 357 -31.21 36.87 33.81
CA ALA D 357 -30.06 36.13 34.35
C ALA D 357 -30.46 34.76 34.92
N ASP D 358 -31.63 34.71 35.57
CA ASP D 358 -32.19 33.48 36.13
C ASP D 358 -32.41 32.42 35.05
N ASP D 359 -32.66 32.86 33.80
CA ASP D 359 -33.21 32.03 32.74
C ASP D 359 -32.19 31.74 31.66
N ARG D 360 -31.03 32.38 31.72
CA ARG D 360 -30.15 32.58 30.58
C ARG D 360 -29.60 31.25 30.10
N VAL D 361 -29.66 30.98 28.79
CA VAL D 361 -28.87 29.91 28.18
C VAL D 361 -27.47 30.48 27.87
N PRO D 362 -26.41 30.05 28.59
CA PRO D 362 -25.08 30.64 28.39
C PRO D 362 -24.63 30.45 26.94
N SER D 363 -23.84 31.41 26.44
CA SER D 363 -23.22 31.22 25.13
C SER D 363 -22.07 30.22 25.30
N ALA D 364 -21.46 29.78 24.19
CA ALA D 364 -20.61 28.61 24.17
C ALA D 364 -19.26 28.82 24.89
N SER D 365 -18.78 30.06 24.95
CA SER D 365 -17.54 30.40 25.60
C SER D 365 -17.81 31.26 26.84
N ASP D 366 -18.91 31.00 27.53
CA ASP D 366 -19.17 31.61 28.82
C ASP D 366 -17.94 31.34 29.70
N PHE D 367 -17.62 32.32 30.54
CA PHE D 367 -16.39 32.26 31.30
C PHE D 367 -16.43 31.08 32.28
N SER D 368 -17.60 30.49 32.58
CA SER D 368 -17.66 29.32 33.44
C SER D 368 -16.91 28.13 32.84
N GLU D 369 -16.86 28.01 31.51
CA GLU D 369 -15.98 27.06 30.84
C GLU D 369 -14.67 27.74 30.44
N ALA D 370 -14.74 28.94 29.85
CA ALA D 370 -13.58 29.49 29.18
C ALA D 370 -12.52 29.89 30.21
N GLY D 371 -12.94 30.25 31.43
CA GLY D 371 -12.03 30.66 32.49
C GLY D 371 -11.03 29.54 32.82
N PRO D 372 -11.52 28.39 33.31
CA PRO D 372 -10.68 27.23 33.57
C PRO D 372 -9.94 26.73 32.35
N PHE D 373 -10.57 26.75 31.16
CA PHE D 373 -9.85 26.40 29.94
C PHE D 373 -8.66 27.32 29.74
N ASN D 374 -8.83 28.65 29.89
CA ASN D 374 -7.73 29.55 29.60
C ASN D 374 -6.61 29.36 30.63
N GLU D 375 -6.96 29.00 31.86
CA GLU D 375 -5.96 28.66 32.85
C GLU D 375 -5.06 27.50 32.40
N MET D 376 -5.61 26.48 31.74
CA MET D 376 -4.74 25.44 31.21
C MET D 376 -3.80 26.06 30.16
N VAL D 377 -4.31 26.86 29.24
CA VAL D 377 -3.50 27.39 28.16
C VAL D 377 -2.31 28.21 28.67
N VAL D 378 -2.60 29.06 29.62
CA VAL D 378 -1.66 30.03 30.13
C VAL D 378 -0.64 29.37 31.08
N MET D 379 -1.01 28.22 31.64
CA MET D 379 -0.10 27.37 32.40
C MET D 379 0.96 26.74 31.50
N GLY D 380 0.65 26.54 30.23
CA GLY D 380 1.67 26.09 29.29
C GLY D 380 2.84 27.08 29.22
N VAL D 381 2.49 28.38 29.23
CA VAL D 381 3.49 29.43 29.24
C VAL D 381 4.38 29.33 30.48
N LEU D 382 3.79 29.11 31.64
CA LEU D 382 4.55 28.91 32.87
C LEU D 382 5.49 27.72 32.80
N ALA D 383 4.99 26.58 32.35
CA ALA D 383 5.82 25.41 32.25
C ALA D 383 7.08 25.71 31.45
N VAL D 384 6.93 26.39 30.34
CA VAL D 384 8.10 26.69 29.50
C VAL D 384 9.05 27.61 30.25
N ARG D 385 8.50 28.61 30.98
CA ARG D 385 9.39 29.61 31.59
C ARG D 385 10.08 29.04 32.83
N LEU D 386 9.61 27.88 33.34
CA LEU D 386 10.15 27.24 34.53
C LEU D 386 10.99 26.00 34.19
N GLN D 387 11.31 25.80 32.93
CA GLN D 387 11.96 24.58 32.53
C GLN D 387 13.30 24.37 33.21
N ASN D 388 14.03 25.41 33.61
CA ASN D 388 15.35 25.23 34.19
C ASN D 388 15.28 24.59 35.56
N LEU D 389 14.11 24.54 36.20
CA LEU D 389 13.97 23.82 37.44
C LEU D 389 14.12 22.30 37.26
N ASN D 390 14.04 21.77 36.02
CA ASN D 390 14.31 20.36 35.78
C ASN D 390 13.38 19.48 36.58
N ARG D 391 12.09 19.75 36.50
CA ARG D 391 11.13 18.94 37.22
C ARG D 391 9.77 18.98 36.53
N GLU D 392 9.02 17.88 36.70
CA GLU D 392 7.61 17.87 36.43
C GLU D 392 6.96 18.74 37.48
N LEU D 393 6.24 19.82 37.11
CA LEU D 393 5.63 20.69 38.10
C LEU D 393 4.26 20.14 38.49
N LEU D 394 3.96 20.20 39.78
CA LEU D 394 2.70 19.69 40.29
C LEU D 394 1.87 20.92 40.60
N TRP D 395 0.69 20.93 40.02
CA TRP D 395 -0.23 22.07 40.10
C TRP D 395 -1.38 21.79 41.06
N ASP D 396 -1.61 22.74 41.94
CA ASP D 396 -2.80 22.76 42.75
C ASP D 396 -3.68 23.88 42.21
N GLY D 397 -4.67 23.48 41.39
CA GLY D 397 -5.56 24.39 40.68
C GLY D 397 -6.41 25.21 41.63
N PRO D 398 -7.09 24.56 42.60
CA PRO D 398 -7.92 25.31 43.55
C PRO D 398 -7.19 26.48 44.18
N ASN D 399 -5.92 26.32 44.58
CA ASN D 399 -5.15 27.37 45.23
C ASN D 399 -4.20 28.11 44.28
N MET D 400 -4.23 27.84 42.98
CA MET D 400 -3.40 28.58 42.03
C MET D 400 -1.93 28.62 42.41
N ARG D 401 -1.36 27.48 42.77
CA ARG D 401 0.07 27.42 43.03
C ARG D 401 0.63 26.06 42.67
N PHE D 402 1.90 26.09 42.30
CA PHE D 402 2.70 24.88 42.20
C PHE D 402 3.11 24.45 43.60
N THR D 403 3.16 23.14 43.83
CA THR D 403 3.39 22.61 45.17
C THR D 403 4.80 22.10 45.31
N ASN D 404 5.60 21.97 44.25
CA ASN D 404 6.89 21.32 44.40
C ASN D 404 8.01 22.22 43.88
N ILE D 405 7.90 23.54 44.03
CA ILE D 405 9.05 24.38 43.76
C ILE D 405 9.75 24.61 45.06
N PRO D 406 11.01 24.16 45.26
CA PRO D 406 11.69 24.30 46.56
C PRO D 406 11.88 25.77 46.92
N ASP D 407 11.75 26.06 48.22
CA ASP D 407 11.88 27.38 48.82
C ASP D 407 13.08 28.17 48.34
N ASP D 408 14.20 27.49 48.13
CA ASP D 408 15.49 28.14 47.93
C ASP D 408 15.96 28.06 46.47
N ALA D 409 15.20 27.41 45.57
CA ALA D 409 15.59 27.35 44.17
C ALA D 409 15.60 28.76 43.59
N THR D 410 16.48 28.97 42.62
CA THR D 410 16.51 30.23 41.92
C THR D 410 16.33 29.99 40.44
N ILE D 411 15.85 31.01 39.73
CA ILE D 411 15.75 30.90 38.30
C ILE D 411 16.36 32.16 37.69
N SER D 412 17.12 31.95 36.62
CA SER D 412 17.40 33.01 35.69
C SER D 412 17.19 32.58 34.26
N ALA D 413 17.17 33.58 33.39
CA ALA D 413 16.87 33.40 31.98
C ALA D 413 17.97 34.06 31.17
N VAL D 414 18.16 33.60 29.93
CA VAL D 414 19.13 34.20 29.04
C VAL D 414 18.65 35.57 28.59
N ILE D 415 19.55 36.56 28.63
CA ILE D 415 19.35 37.86 28.01
C ILE D 415 19.88 37.85 26.57
N LYS D 416 21.10 37.39 26.31
CA LYS D 416 21.57 37.23 24.94
C LYS D 416 22.68 36.19 24.88
N ASP D 417 22.86 35.59 23.70
CA ASP D 417 23.66 34.39 23.57
C ASP D 417 25.14 34.74 23.43
N GLY D 418 26.03 34.01 24.15
CA GLY D 418 27.48 34.05 23.92
C GLY D 418 28.20 32.69 24.11
N PHE D 419 29.41 32.46 23.51
CA PHE D 419 30.24 31.26 23.69
C PHE D 419 31.58 31.42 22.94
N HIS D 420 32.55 30.52 23.21
CA HIS D 420 33.86 30.57 22.59
C HIS D 420 34.41 29.14 22.43
N ILE D 421 35.38 28.99 21.50
CA ILE D 421 35.78 27.71 20.93
C ILE D 421 37.27 27.49 21.18
N LYS D 422 37.67 26.34 21.76
CA LYS D 422 39.07 25.93 21.89
C LYS D 422 39.16 24.49 21.37
N ASP D 423 39.92 24.28 20.28
CA ASP D 423 40.17 22.96 19.68
C ASP D 423 38.83 22.34 19.29
N GLY D 424 37.97 23.19 18.66
CA GLY D 424 36.66 22.82 18.12
C GLY D 424 35.52 22.66 19.16
N HIS D 425 35.86 22.72 20.46
CA HIS D 425 34.96 22.42 21.55
C HIS D 425 34.35 23.74 22.01
N PRO D 426 33.02 23.88 21.96
CA PRO D 426 32.39 25.10 22.46
C PRO D 426 32.26 25.05 23.97
N THR D 427 32.49 26.22 24.60
CA THR D 427 32.27 26.50 26.00
C THR D 427 31.28 27.64 26.07
N PHE D 428 30.16 27.44 26.79
CA PHE D 428 29.08 28.43 26.86
C PHE D 428 29.36 29.67 27.74
N ASP D 429 28.76 30.81 27.39
CA ASP D 429 29.15 32.08 27.96
C ASP D 429 28.14 33.18 27.60
N LYS D 430 26.89 32.99 28.05
CA LYS D 430 25.76 33.80 27.58
C LYS D 430 25.53 34.88 28.63
N THR D 431 24.80 35.97 28.37
CA THR D 431 24.44 36.80 29.51
C THR D 431 23.13 36.27 30.08
N TRP D 432 23.04 36.20 31.40
CA TRP D 432 21.90 35.71 32.17
C TRP D 432 21.34 36.82 33.05
N THR D 433 20.06 36.77 33.41
CA THR D 433 19.55 37.66 34.44
C THR D 433 20.17 37.27 35.79
N ASP D 434 20.18 38.21 36.73
CA ASP D 434 20.52 37.93 38.11
C ASP D 434 19.50 36.95 38.66
N PRO D 435 19.91 35.84 39.29
CA PRO D 435 18.96 34.84 39.77
C PRO D 435 17.96 35.48 40.74
N VAL D 436 16.67 35.15 40.59
CA VAL D 436 15.66 35.54 41.54
C VAL D 436 15.07 34.25 42.11
N ASN D 437 14.35 34.41 43.21
CA ASN D 437 13.77 33.29 43.93
C ASN D 437 12.72 32.66 43.02
N ALA D 438 12.74 31.33 42.85
CA ALA D 438 11.90 30.68 41.85
C ALA D 438 10.46 30.66 42.29
N GLN D 439 10.18 30.45 43.58
CA GLN D 439 8.81 30.50 44.03
C GLN D 439 8.23 31.87 43.77
N GLN D 440 8.93 32.94 44.14
CA GLN D 440 8.40 34.26 43.90
C GLN D 440 8.28 34.52 42.40
N PHE D 441 9.21 34.04 41.57
CA PHE D 441 9.05 34.25 40.14
C PHE D 441 7.81 33.54 39.61
N ALA D 442 7.55 32.33 40.10
CA ALA D 442 6.38 31.56 39.66
C ALA D 442 5.08 32.25 40.10
N GLN D 443 5.05 32.65 41.36
CA GLN D 443 3.89 33.32 41.96
C GLN D 443 3.56 34.56 41.17
N GLU D 444 4.59 35.28 40.72
CA GLU D 444 4.45 36.56 40.04
C GLU D 444 3.94 36.33 38.62
N LEU D 445 4.33 35.23 37.97
CA LEU D 445 3.74 34.91 36.68
C LEU D 445 2.30 34.44 36.81
N ILE D 446 1.93 33.72 37.87
CA ILE D 446 0.56 33.32 38.13
C ILE D 446 -0.27 34.56 38.44
N LYS D 447 0.24 35.48 39.26
CA LYS D 447 -0.48 36.70 39.62
C LYS D 447 0.46 37.92 39.58
N HIS D 448 0.34 38.77 38.54
CA HIS D 448 1.28 39.86 38.37
C HIS D 448 1.05 40.91 39.44
N THR D 449 2.12 41.56 39.89
CA THR D 449 1.94 42.80 40.63
C THR D 449 1.83 43.93 39.62
N TYR D 450 0.66 44.54 39.56
CA TYR D 450 0.40 45.56 38.57
C TYR D 450 1.26 46.79 38.84
N ARG D 451 1.65 47.47 37.76
CA ARG D 451 2.28 48.77 37.82
C ARG D 451 1.34 49.73 38.59
N ASP D 452 1.94 50.63 39.38
CA ASP D 452 1.18 51.42 40.34
C ASP D 452 0.26 52.32 39.53
N GLY D 453 -1.00 52.48 39.96
CA GLY D 453 -2.00 53.24 39.21
C GLY D 453 -2.98 52.34 38.45
N TRP D 454 -2.74 51.02 38.49
CA TRP D 454 -3.58 50.06 37.80
C TRP D 454 -3.90 48.93 38.78
N LYS D 455 -5.19 48.69 39.06
CA LYS D 455 -5.54 47.71 40.07
C LYS D 455 -6.76 46.92 39.63
N LEU D 456 -6.75 45.62 39.97
CA LEU D 456 -7.87 44.72 39.71
C LEU D 456 -8.92 44.87 40.80
N PRO D 457 -10.21 44.68 40.51
CA PRO D 457 -11.19 44.39 41.56
C PRO D 457 -10.80 43.18 42.40
N ASP D 458 -11.28 43.16 43.64
CA ASP D 458 -11.05 42.08 44.59
C ASP D 458 -11.73 40.79 44.13
N MET D 459 -11.12 39.67 44.46
CA MET D 459 -11.74 38.37 44.28
C MET D 459 -12.97 38.31 45.18
N PRO D 460 -14.19 37.98 44.69
CA PRO D 460 -15.31 37.70 45.60
C PRO D 460 -15.15 36.41 46.45
N ARG D 461 -15.87 36.30 47.57
CA ARG D 461 -16.13 35.01 48.24
C ARG D 461 -17.60 34.96 48.67
#